data_7ACY
#
_entry.id   7ACY
#
_cell.length_a   72.670
_cell.length_b   78.250
_cell.length_c   81.580
_cell.angle_alpha   81.89
_cell.angle_beta   66.98
_cell.angle_gamma   65.26
#
_symmetry.space_group_name_H-M   'P 1'
#
loop_
_entity.id
_entity.type
_entity.pdbx_description
1 polymer 'S-layer protein'
2 polymer 'S-layer protein'
3 non-polymer 'SULFATE ION'
4 water water
#
loop_
_entity_poly.entity_id
_entity_poly.type
_entity_poly.pdbx_seq_one_letter_code
_entity_poly.pdbx_strand_id
1 'polypeptide(L)'
;ATTGTQGYTVVKNDWKKAVKQLQDGLKDNSIGKITVSFNDGVVGEVAPKSANKKADRDAAAEKLYNLVNTQLDKLGDGDY
VDFSVDYNLENKIITNQADAEAIVTKLNSLNEKTLIDIATKDTFGMVSKTQDSEGKNVAATKALKVKDVATFGLKSGGSE
DTGYVVEMKAGAVEDKYGKVGDSTAGIAINLPSTGLEYAGKGTTIDFNKTLKVDVTGGSTPSAVAVSGFVTKDDTDLAKS
GTINVRVINAKEESIDIDASSYTSAENLAKRYVFDPDEISEAYKAIVALQNDGIESNLVQLVNGKYQVIFYPEGKRLE
;
A,C
2 'polypeptide(L)'
;NDTIASQDTPAKVVIKANKLKDLKDYVDDLKTYNNTYSNVVTVAGEDRIETAIELSSKYYNSDDKNAITDKAVNDIVLVG
STSIVDGLVASPLASEKTAPLLLTSKDKLDSSVKSEIKRVMNLKSDTGINTSKKVYLAGGVNSISKDVENELKNMGLKVT
RLSGEDRYETSLAIADEIGLDNDKAFVVGGTGLADAMSIAPVASQLKDGDATPIVVVDGKAKEISDDAKSFLGTSDVDII
GGKNSVSKEIEESIDSATGKTPDRISGDDRQATNAEVLKEDDYFTDGEVVNYFVAKDGSTKEDQLVDALAAAPIAGRFKE
SPAPIILATDTLSSDQNVAVSKAVPKDGGTNLVQVGKGIASSVINKMKDLLDM
;
B,D
#
loop_
_chem_comp.id
_chem_comp.type
_chem_comp.name
_chem_comp.formula
SO4 non-polymer 'SULFATE ION' 'O4 S -2'
#
# COMPACT_ATOMS: atom_id res chain seq x y z
N ALA A 1 -32.02 4.31 -6.78
CA ALA A 1 -31.35 3.01 -7.12
C ALA A 1 -29.83 3.11 -7.02
N THR A 2 -29.26 4.16 -7.62
CA THR A 2 -27.81 4.38 -7.65
C THR A 2 -27.46 5.77 -7.09
N THR A 3 -26.29 5.86 -6.46
CA THR A 3 -25.93 6.97 -5.58
C THR A 3 -25.89 8.36 -6.22
N GLY A 4 -25.41 8.49 -7.47
CA GLY A 4 -25.30 9.77 -8.13
C GLY A 4 -26.55 10.27 -8.85
N THR A 5 -27.60 9.46 -8.86
CA THR A 5 -28.75 9.63 -9.75
C THR A 5 -29.62 10.79 -9.29
N GLN A 6 -30.53 11.24 -10.17
CA GLN A 6 -31.62 12.13 -9.80
C GLN A 6 -32.69 11.33 -9.08
N GLY A 7 -33.11 11.82 -7.92
CA GLY A 7 -34.11 11.16 -7.10
C GLY A 7 -34.11 11.66 -5.68
N TYR A 8 -35.01 11.12 -4.86
CA TYR A 8 -35.26 11.61 -3.51
C TYR A 8 -34.55 10.78 -2.46
N THR A 9 -34.05 11.45 -1.42
CA THR A 9 -33.38 10.83 -0.29
C THR A 9 -34.16 11.17 0.97
N VAL A 10 -34.90 10.18 1.48
CA VAL A 10 -35.67 10.29 2.70
C VAL A 10 -34.83 9.74 3.85
N VAL A 11 -34.75 10.50 4.95
CA VAL A 11 -34.12 10.04 6.18
C VAL A 11 -35.06 9.06 6.89
N LYS A 12 -34.50 8.24 7.78
CA LYS A 12 -35.24 7.17 8.45
C LYS A 12 -36.50 7.69 9.14
N ASN A 13 -36.33 8.74 9.96
CA ASN A 13 -37.42 9.32 10.74
C ASN A 13 -38.68 9.64 9.95
N ASP A 14 -38.52 9.94 8.66
CA ASP A 14 -39.63 10.29 7.77
C ASP A 14 -40.09 9.17 6.83
N TRP A 15 -39.75 7.91 7.17
CA TRP A 15 -40.08 6.77 6.31
C TRP A 15 -41.59 6.57 6.19
N LYS A 16 -42.31 6.83 7.29
CA LYS A 16 -43.75 6.61 7.37
C LYS A 16 -44.53 7.49 6.37
N LYS A 17 -44.21 8.79 6.34
CA LYS A 17 -44.86 9.73 5.41
C LYS A 17 -44.55 9.39 3.95
N ALA A 18 -43.30 8.98 3.70
CA ALA A 18 -42.83 8.61 2.36
C ALA A 18 -43.59 7.42 1.80
N VAL A 19 -43.72 6.36 2.61
CA VAL A 19 -44.46 5.16 2.22
C VAL A 19 -45.94 5.48 2.01
N LYS A 20 -46.49 6.37 2.86
CA LYS A 20 -47.88 6.82 2.76
C LYS A 20 -48.17 7.50 1.42
N GLN A 21 -47.21 8.29 0.95
CA GLN A 21 -47.32 8.98 -0.34
C GLN A 21 -47.34 7.99 -1.50
N LEU A 22 -46.51 6.95 -1.41
CA LEU A 22 -46.49 5.87 -2.38
C LEU A 22 -47.81 5.09 -2.35
N GLN A 23 -48.32 4.84 -1.13
CA GLN A 23 -49.62 4.19 -0.94
C GLN A 23 -50.75 5.01 -1.56
N ASP A 24 -50.77 6.31 -1.24
CA ASP A 24 -51.73 7.25 -1.83
C ASP A 24 -51.63 7.26 -3.35
N GLY A 25 -50.38 7.28 -3.85
CA GLY A 25 -50.09 7.20 -5.28
C GLY A 25 -50.61 5.93 -5.94
N LEU A 26 -50.49 4.80 -5.23
CA LEU A 26 -51.04 3.53 -5.67
C LEU A 26 -52.57 3.58 -5.68
N LYS A 27 -53.15 4.20 -4.65
CA LYS A 27 -54.60 4.31 -4.50
C LYS A 27 -55.24 5.21 -5.55
N ASP A 28 -54.64 6.39 -5.78
CA ASP A 28 -55.15 7.36 -6.76
C ASP A 28 -54.72 7.07 -8.20
N ASN A 29 -53.99 5.97 -8.40
CA ASN A 29 -53.62 5.45 -9.72
C ASN A 29 -52.52 6.25 -10.43
N SER A 30 -51.78 7.05 -9.66
CA SER A 30 -50.58 7.74 -10.16
C SER A 30 -49.50 6.71 -10.48
N ILE A 31 -49.35 5.74 -9.58
CA ILE A 31 -48.27 4.76 -9.59
C ILE A 31 -48.77 3.41 -10.10
N GLY A 32 -48.19 2.96 -11.22
CA GLY A 32 -48.52 1.69 -11.84
C GLY A 32 -47.75 0.52 -11.24
N LYS A 33 -46.51 0.76 -10.84
CA LYS A 33 -45.64 -0.26 -10.25
C LYS A 33 -44.53 0.33 -9.38
N ILE A 34 -44.20 -0.37 -8.29
CA ILE A 34 -43.08 -0.05 -7.42
C ILE A 34 -42.23 -1.30 -7.20
N THR A 35 -40.97 -1.24 -7.64
CA THR A 35 -39.99 -2.29 -7.39
C THR A 35 -39.18 -1.91 -6.16
N VAL A 36 -39.21 -2.78 -5.14
CA VAL A 36 -38.57 -2.55 -3.85
C VAL A 36 -37.26 -3.33 -3.73
N SER A 37 -36.25 -2.68 -3.16
CA SER A 37 -34.94 -3.26 -2.92
C SER A 37 -34.49 -2.99 -1.48
N PHE A 38 -34.02 -4.03 -0.79
CA PHE A 38 -33.35 -3.89 0.50
C PHE A 38 -31.85 -3.94 0.22
N ASN A 39 -31.16 -2.84 0.56
CA ASN A 39 -29.81 -2.56 0.08
C ASN A 39 -29.74 -2.76 -1.45
N ASP A 40 -28.71 -3.44 -1.93
CA ASP A 40 -28.49 -3.63 -3.37
C ASP A 40 -29.42 -4.66 -4.03
N GLY A 41 -30.07 -5.51 -3.22
CA GLY A 41 -30.90 -6.61 -3.70
C GLY A 41 -32.39 -6.30 -3.80
N VAL A 42 -32.97 -6.62 -4.97
CA VAL A 42 -34.41 -6.50 -5.21
C VAL A 42 -35.13 -7.64 -4.50
N VAL A 43 -36.10 -7.28 -3.64
CA VAL A 43 -36.81 -8.24 -2.79
C VAL A 43 -38.30 -8.40 -3.10
N GLY A 44 -38.88 -7.42 -3.79
CA GLY A 44 -40.31 -7.41 -4.06
C GLY A 44 -40.73 -6.43 -5.14
N GLU A 45 -41.98 -6.62 -5.62
CA GLU A 45 -42.57 -5.86 -6.69
C GLU A 45 -44.06 -5.67 -6.37
N VAL A 46 -44.48 -4.41 -6.22
CA VAL A 46 -45.86 -4.06 -5.91
C VAL A 46 -46.54 -3.47 -7.15
N ALA A 47 -47.73 -3.99 -7.47
CA ALA A 47 -48.52 -3.55 -8.62
C ALA A 47 -49.94 -4.07 -8.52
N PRO A 48 -50.98 -3.21 -8.72
CA PRO A 48 -52.36 -3.69 -8.74
C PRO A 48 -52.64 -4.58 -9.94
N LYS A 49 -53.39 -5.66 -9.72
CA LYS A 49 -53.72 -6.64 -10.76
C LYS A 49 -54.49 -6.00 -11.91
N SER A 50 -55.35 -5.02 -11.57
CA SER A 50 -56.07 -4.22 -12.55
C SER A 50 -56.32 -2.82 -11.97
N ALA A 51 -55.78 -1.79 -12.63
CA ALA A 51 -55.80 -0.41 -12.15
C ALA A 51 -57.21 0.17 -12.00
N ASN A 52 -58.14 -0.29 -12.85
CA ASN A 52 -59.54 0.17 -12.84
C ASN A 52 -60.35 -0.32 -11.63
N LYS A 53 -59.85 -1.33 -10.91
CA LYS A 53 -60.46 -1.84 -9.69
C LYS A 53 -59.83 -1.19 -8.44
N LYS A 54 -60.68 -0.64 -7.57
CA LYS A 54 -60.27 0.01 -6.33
C LYS A 54 -59.61 -0.98 -5.37
N ALA A 55 -60.26 -2.13 -5.18
CA ALA A 55 -59.79 -3.17 -4.27
C ALA A 55 -58.34 -3.60 -4.55
N ASP A 56 -58.02 -3.74 -5.84
CA ASP A 56 -56.68 -4.13 -6.29
C ASP A 56 -55.62 -3.09 -5.94
N ARG A 57 -55.99 -1.80 -6.05
CA ARG A 57 -55.11 -0.70 -5.71
C ARG A 57 -54.83 -0.63 -4.20
N ASP A 58 -55.88 -0.85 -3.39
CA ASP A 58 -55.76 -0.92 -1.94
C ASP A 58 -54.90 -2.11 -1.48
N ALA A 59 -55.08 -3.24 -2.16
CA ALA A 59 -54.32 -4.46 -1.92
C ALA A 59 -52.83 -4.24 -2.15
N ALA A 60 -52.51 -3.53 -3.24
CA ALA A 60 -51.14 -3.15 -3.57
C ALA A 60 -50.52 -2.30 -2.47
N ALA A 61 -51.29 -1.31 -1.99
CA ALA A 61 -50.86 -0.40 -0.94
C ALA A 61 -50.58 -1.12 0.39
N GLU A 62 -51.48 -2.04 0.76
CA GLU A 62 -51.32 -2.85 1.97
C GLU A 62 -50.09 -3.76 1.90
N LYS A 63 -49.91 -4.42 0.75
CA LYS A 63 -48.75 -5.27 0.49
C LYS A 63 -47.43 -4.48 0.59
N LEU A 64 -47.43 -3.28 0.01
CA LEU A 64 -46.26 -2.40 0.05
C LEU A 64 -45.82 -2.11 1.48
N TYR A 65 -46.79 -1.74 2.33
CA TYR A 65 -46.54 -1.44 3.73
C TYR A 65 -46.06 -2.68 4.48
N ASN A 66 -46.83 -3.77 4.36
CA ASN A 66 -46.53 -5.04 5.00
C ASN A 66 -45.09 -5.51 4.74
N LEU A 67 -44.64 -5.36 3.48
CA LEU A 67 -43.31 -5.74 3.04
C LEU A 67 -42.19 -4.95 3.72
N VAL A 68 -42.32 -3.63 3.72
CA VAL A 68 -41.21 -2.72 4.04
C VAL A 68 -41.21 -2.12 5.46
N ASN A 69 -42.36 -2.18 6.14
CA ASN A 69 -42.54 -1.45 7.41
C ASN A 69 -41.55 -1.86 8.50
N THR A 70 -41.22 -3.16 8.57
CA THR A 70 -40.28 -3.65 9.58
C THR A 70 -38.84 -3.30 9.19
N GLN A 71 -38.50 -3.47 7.90
CA GLN A 71 -37.19 -3.16 7.36
C GLN A 71 -36.82 -1.69 7.56
N LEU A 72 -37.77 -0.80 7.26
CA LEU A 72 -37.58 0.65 7.40
C LEU A 72 -37.52 1.06 8.86
N ASP A 73 -38.45 0.54 9.67
CA ASP A 73 -38.59 0.90 11.07
C ASP A 73 -37.36 0.51 11.89
N LYS A 74 -36.72 -0.62 11.54
CA LYS A 74 -35.56 -1.16 12.26
C LYS A 74 -34.26 -1.03 11.47
N LEU A 75 -34.26 -0.15 10.47
CA LEU A 75 -33.13 0.06 9.58
C LEU A 75 -31.85 0.38 10.37
N GLY A 76 -30.79 -0.40 10.15
CA GLY A 76 -29.50 -0.22 10.79
C GLY A 76 -28.62 0.73 10.01
N ASP A 77 -27.42 1.00 10.54
CA ASP A 77 -26.45 1.87 9.89
C ASP A 77 -25.85 1.21 8.66
N GLY A 78 -25.81 1.96 7.54
CA GLY A 78 -25.33 1.47 6.27
C GLY A 78 -26.40 0.83 5.40
N ASP A 79 -27.54 0.49 6.02
CA ASP A 79 -28.67 -0.11 5.33
C ASP A 79 -29.58 0.94 4.71
N TYR A 80 -30.29 0.54 3.65
CA TYR A 80 -31.13 1.44 2.89
C TYR A 80 -32.16 0.66 2.09
N VAL A 81 -33.25 1.34 1.73
CA VAL A 81 -34.34 0.78 0.95
C VAL A 81 -34.59 1.67 -0.25
N ASP A 82 -34.54 1.08 -1.46
CA ASP A 82 -34.75 1.79 -2.71
C ASP A 82 -36.10 1.41 -3.33
N PHE A 83 -36.84 2.42 -3.76
CA PHE A 83 -38.11 2.26 -4.46
C PHE A 83 -37.97 2.81 -5.88
N SER A 84 -38.14 1.94 -6.89
CA SER A 84 -38.22 2.36 -8.28
C SER A 84 -39.70 2.44 -8.67
N VAL A 85 -40.17 3.67 -8.92
CA VAL A 85 -41.59 3.99 -9.02
C VAL A 85 -42.03 4.32 -10.45
N ASP A 86 -42.64 3.34 -11.13
CA ASP A 86 -43.26 3.54 -12.43
C ASP A 86 -44.58 4.30 -12.20
N TYR A 87 -44.63 5.55 -12.67
CA TYR A 87 -45.78 6.43 -12.49
C TYR A 87 -46.28 6.93 -13.84
N ASN A 88 -47.49 7.50 -13.84
CA ASN A 88 -48.10 8.13 -15.01
C ASN A 88 -49.25 9.06 -14.60
N LEU A 89 -48.93 10.35 -14.46
CA LEU A 89 -49.85 11.37 -13.93
C LEU A 89 -51.19 11.49 -14.66
N GLU A 90 -51.21 11.13 -15.94
CA GLU A 90 -52.43 11.18 -16.75
C GLU A 90 -53.48 10.16 -16.30
N ASN A 91 -53.02 9.06 -15.68
CA ASN A 91 -53.91 8.05 -15.10
C ASN A 91 -54.47 8.41 -13.73
N LYS A 92 -53.90 9.44 -13.10
CA LYS A 92 -54.29 9.87 -11.75
C LYS A 92 -55.74 10.31 -11.72
N ILE A 93 -56.46 9.92 -10.67
CA ILE A 93 -57.87 10.24 -10.47
C ILE A 93 -58.10 10.77 -9.05
N ILE A 94 -59.33 11.23 -8.79
CA ILE A 94 -59.78 11.56 -7.44
C ILE A 94 -60.65 10.40 -6.98
N THR A 95 -60.04 9.47 -6.24
CA THR A 95 -60.65 8.18 -5.91
C THR A 95 -61.55 8.24 -4.68
N ASN A 96 -61.35 9.25 -3.84
CA ASN A 96 -62.17 9.54 -2.68
C ASN A 96 -63.28 10.53 -3.02
N GLN A 97 -64.52 10.22 -2.59
CA GLN A 97 -65.66 11.11 -2.73
C GLN A 97 -65.55 12.30 -1.78
N ALA A 98 -64.85 12.10 -0.66
CA ALA A 98 -64.57 13.14 0.33
C ALA A 98 -63.63 14.21 -0.23
N ASP A 99 -62.67 13.77 -1.06
CA ASP A 99 -61.71 14.66 -1.73
C ASP A 99 -62.40 15.53 -2.79
N ALA A 100 -63.33 14.92 -3.55
CA ALA A 100 -64.12 15.64 -4.55
C ALA A 100 -65.02 16.69 -3.92
N GLU A 101 -65.65 16.32 -2.79
CA GLU A 101 -66.49 17.24 -2.02
C GLU A 101 -65.66 18.33 -1.33
N ALA A 102 -64.39 18.04 -1.04
CA ALA A 102 -63.45 19.01 -0.48
C ALA A 102 -63.08 20.10 -1.49
N ILE A 103 -63.08 19.75 -2.78
CA ILE A 103 -62.87 20.69 -3.87
C ILE A 103 -64.12 21.55 -4.11
N VAL A 104 -65.29 20.90 -4.06
CA VAL A 104 -66.59 21.58 -4.23
C VAL A 104 -66.77 22.68 -3.17
N THR A 105 -66.43 22.37 -1.91
CA THR A 105 -66.49 23.31 -0.81
C THR A 105 -65.42 24.41 -0.95
N LYS A 106 -64.27 24.05 -1.55
CA LYS A 106 -63.22 25.00 -1.88
C LYS A 106 -63.70 26.00 -2.94
N LEU A 107 -64.44 25.51 -3.93
CA LEU A 107 -65.06 26.35 -4.96
C LEU A 107 -66.20 27.18 -4.36
N ASN A 108 -67.00 26.55 -3.48
CA ASN A 108 -68.12 27.23 -2.83
C ASN A 108 -67.71 28.36 -1.88
N SER A 109 -66.48 28.31 -1.38
CA SER A 109 -65.91 29.36 -0.52
C SER A 109 -65.61 30.66 -1.30
N LEU A 110 -65.72 30.60 -2.63
CA LEU A 110 -65.55 31.76 -3.51
C LEU A 110 -66.87 32.39 -3.95
N ASN A 111 -68.00 31.72 -3.65
CA ASN A 111 -69.34 32.12 -4.11
C ASN A 111 -69.66 33.61 -3.94
N GLU A 112 -69.19 34.20 -2.82
CA GLU A 112 -69.45 35.60 -2.48
C GLU A 112 -68.43 36.60 -3.05
N LYS A 113 -67.36 36.09 -3.65
CA LYS A 113 -66.32 36.91 -4.26
C LYS A 113 -66.89 37.65 -5.47
N THR A 114 -66.79 38.98 -5.45
CA THR A 114 -67.25 39.84 -6.55
C THR A 114 -66.23 39.81 -7.69
N LEU A 115 -66.72 39.48 -8.89
CA LEU A 115 -65.91 39.42 -10.11
C LEU A 115 -65.91 40.75 -10.83
N ILE A 116 -67.11 41.33 -11.00
CA ILE A 116 -67.30 42.65 -11.59
C ILE A 116 -68.16 43.51 -10.66
N ASP A 117 -67.66 44.71 -10.35
CA ASP A 117 -68.37 45.67 -9.51
C ASP A 117 -69.47 46.37 -10.29
N ILE A 118 -70.37 47.03 -9.56
CA ILE A 118 -71.44 47.82 -10.15
C ILE A 118 -70.81 49.01 -10.86
N ALA A 119 -71.35 49.36 -12.03
CA ALA A 119 -70.79 50.40 -12.89
C ALA A 119 -70.97 51.80 -12.30
N THR A 120 -70.05 52.70 -12.68
CA THR A 120 -70.12 54.12 -12.35
C THR A 120 -69.97 54.92 -13.64
N LYS A 121 -70.06 56.26 -13.52
CA LYS A 121 -69.87 57.17 -14.64
C LYS A 121 -68.41 57.18 -15.12
N ASP A 122 -67.48 56.93 -14.18
CA ASP A 122 -66.05 56.88 -14.45
C ASP A 122 -65.60 55.49 -14.94
N THR A 123 -65.95 54.45 -14.19
CA THR A 123 -65.46 53.08 -14.40
C THR A 123 -66.54 52.13 -14.95
N PHE A 124 -66.12 51.29 -15.90
CA PHE A 124 -66.95 50.21 -16.45
C PHE A 124 -67.31 49.22 -15.35
N GLY A 125 -68.49 48.62 -15.47
CA GLY A 125 -68.98 47.63 -14.52
C GLY A 125 -70.30 47.03 -14.94
N MET A 126 -71.06 46.53 -13.97
CA MET A 126 -72.37 45.92 -14.21
C MET A 126 -73.44 46.99 -14.35
N VAL A 127 -74.18 46.95 -15.46
CA VAL A 127 -75.33 47.81 -15.72
C VAL A 127 -76.57 46.95 -15.98
N SER A 128 -77.73 47.61 -16.02
CA SER A 128 -79.01 46.94 -16.27
C SER A 128 -79.15 46.57 -17.74
N LYS A 129 -79.99 45.56 -18.01
CA LYS A 129 -80.21 45.04 -19.36
C LYS A 129 -80.93 46.03 -20.28
N THR A 130 -81.81 46.86 -19.69
CA THR A 130 -82.56 47.88 -20.41
C THR A 130 -82.11 49.27 -19.95
N GLN A 131 -82.02 50.19 -20.92
CA GLN A 131 -81.59 51.57 -20.68
C GLN A 131 -82.75 52.41 -20.16
N ASP A 132 -82.41 53.56 -19.57
CA ASP A 132 -83.40 54.52 -19.06
C ASP A 132 -84.16 55.20 -20.22
N SER A 133 -85.09 56.10 -19.87
CA SER A 133 -85.93 56.81 -20.84
C SER A 133 -85.13 57.56 -21.92
N GLU A 134 -83.97 58.11 -21.53
CA GLU A 134 -83.13 58.90 -22.43
C GLU A 134 -82.24 58.05 -23.36
N GLY A 135 -82.16 56.74 -23.09
CA GLY A 135 -81.38 55.80 -23.88
C GLY A 135 -79.94 55.72 -23.45
N LYS A 136 -79.71 55.74 -22.12
CA LYS A 136 -78.40 55.62 -21.51
C LYS A 136 -78.42 54.50 -20.45
N ASN A 137 -77.26 53.85 -20.26
CA ASN A 137 -77.13 52.74 -19.32
C ASN A 137 -77.24 53.21 -17.87
N VAL A 138 -77.92 52.40 -17.05
CA VAL A 138 -78.08 52.65 -15.61
C VAL A 138 -77.47 51.48 -14.84
N ALA A 139 -76.90 51.78 -13.68
CA ALA A 139 -76.23 50.80 -12.81
C ALA A 139 -77.14 49.62 -12.49
N ALA A 140 -76.53 48.44 -12.34
CA ALA A 140 -77.22 47.22 -11.95
C ALA A 140 -77.54 47.25 -10.47
N THR A 141 -78.51 46.43 -10.05
CA THR A 141 -78.90 46.28 -8.65
C THR A 141 -77.75 45.75 -7.79
N LYS A 142 -77.16 44.63 -8.23
CA LYS A 142 -76.11 43.91 -7.51
C LYS A 142 -74.87 43.73 -8.36
N ALA A 143 -73.74 43.50 -7.70
CA ALA A 143 -72.48 43.18 -8.37
C ALA A 143 -72.53 41.75 -8.90
N LEU A 144 -71.60 41.43 -9.81
CA LEU A 144 -71.44 40.09 -10.34
C LEU A 144 -70.49 39.31 -9.44
N LYS A 145 -71.03 38.31 -8.74
CA LYS A 145 -70.26 37.40 -7.88
C LYS A 145 -70.17 36.02 -8.53
N VAL A 146 -69.36 35.15 -7.94
CA VAL A 146 -69.14 33.80 -8.45
C VAL A 146 -70.42 32.96 -8.44
N LYS A 147 -71.25 33.16 -7.40
CA LYS A 147 -72.54 32.47 -7.27
C LYS A 147 -73.48 32.75 -8.44
N ASP A 148 -73.35 33.94 -9.04
CA ASP A 148 -74.13 34.35 -10.21
C ASP A 148 -73.68 33.64 -11.50
N VAL A 149 -72.40 33.24 -11.55
CA VAL A 149 -71.77 32.68 -12.74
C VAL A 149 -71.97 31.17 -12.88
N ALA A 150 -71.79 30.44 -11.77
CA ALA A 150 -71.93 28.99 -11.77
C ALA A 150 -72.15 28.37 -10.38
N THR A 151 -72.74 27.18 -10.38
CA THR A 151 -72.88 26.34 -9.20
C THR A 151 -71.93 25.16 -9.32
N PHE A 152 -71.54 24.59 -8.18
CA PHE A 152 -70.55 23.52 -8.11
C PHE A 152 -71.13 22.27 -7.47
N GLY A 153 -70.42 21.14 -7.64
CA GLY A 153 -70.84 19.85 -7.13
C GLY A 153 -70.26 18.73 -7.99
N LEU A 154 -70.12 17.55 -7.41
CA LEU A 154 -69.58 16.39 -8.12
C LEU A 154 -70.62 15.83 -9.09
N LYS A 155 -70.14 15.34 -10.24
CA LYS A 155 -70.99 14.78 -11.28
C LYS A 155 -71.51 13.40 -10.89
N SER A 156 -72.70 13.06 -11.38
CA SER A 156 -73.27 11.71 -11.22
C SER A 156 -72.47 10.71 -12.04
N GLY A 157 -72.51 9.45 -11.60
CA GLY A 157 -71.87 8.33 -12.29
C GLY A 157 -70.42 8.08 -11.91
N GLY A 158 -69.89 8.87 -10.96
CA GLY A 158 -68.56 8.68 -10.43
C GLY A 158 -68.50 7.47 -9.50
N SER A 159 -67.29 6.94 -9.31
CA SER A 159 -67.05 5.80 -8.41
C SER A 159 -65.59 5.75 -7.97
N GLU A 160 -65.33 4.93 -6.94
CA GLU A 160 -63.98 4.74 -6.41
C GLU A 160 -63.08 4.01 -7.40
N ASP A 161 -63.68 3.12 -8.20
CA ASP A 161 -62.99 2.41 -9.27
C ASP A 161 -62.42 3.35 -10.33
N THR A 162 -63.33 4.09 -11.00
CA THR A 162 -63.01 4.93 -12.15
C THR A 162 -62.57 6.35 -11.77
N GLY A 163 -63.10 6.85 -10.65
CA GLY A 163 -62.77 8.17 -10.13
C GLY A 163 -63.97 9.09 -10.17
N TYR A 164 -63.98 10.10 -9.28
CA TYR A 164 -65.01 11.12 -9.22
C TYR A 164 -64.58 12.34 -10.03
N VAL A 165 -65.56 13.18 -10.38
CA VAL A 165 -65.33 14.38 -11.20
C VAL A 165 -66.18 15.55 -10.69
N VAL A 166 -65.50 16.59 -10.20
CA VAL A 166 -66.15 17.83 -9.79
C VAL A 166 -66.64 18.57 -11.04
N GLU A 167 -67.89 19.04 -10.99
CA GLU A 167 -68.58 19.63 -12.13
C GLU A 167 -69.05 21.04 -11.85
N MET A 168 -69.01 21.87 -12.91
CA MET A 168 -69.42 23.26 -12.87
C MET A 168 -70.57 23.45 -13.86
N LYS A 169 -71.66 24.05 -13.39
CA LYS A 169 -72.84 24.33 -14.22
C LYS A 169 -73.04 25.83 -14.33
N ALA A 170 -73.00 26.34 -15.57
CA ALA A 170 -73.15 27.77 -15.85
C ALA A 170 -74.54 28.25 -15.41
N GLY A 171 -74.59 29.44 -14.81
CA GLY A 171 -75.82 30.09 -14.41
C GLY A 171 -76.40 30.91 -15.54
N ALA A 172 -77.12 31.99 -15.18
CA ALA A 172 -77.69 32.93 -16.13
C ALA A 172 -77.64 34.34 -15.54
N VAL A 173 -77.29 35.32 -16.37
CA VAL A 173 -77.23 36.73 -15.97
C VAL A 173 -77.93 37.62 -16.99
N GLU A 174 -78.82 38.48 -16.50
CA GLU A 174 -79.56 39.43 -17.33
C GLU A 174 -78.78 40.74 -17.47
N ASP A 175 -78.17 41.17 -16.36
CA ASP A 175 -77.32 42.36 -16.33
C ASP A 175 -76.16 42.22 -17.31
N LYS A 176 -75.68 43.37 -17.80
CA LYS A 176 -74.65 43.43 -18.85
C LYS A 176 -73.47 44.27 -18.38
N TYR A 177 -72.53 44.56 -19.30
CA TYR A 177 -71.31 45.29 -19.00
C TYR A 177 -71.29 46.65 -19.71
N GLY A 178 -71.07 47.72 -18.93
CA GLY A 178 -70.98 49.07 -19.46
C GLY A 178 -70.71 50.15 -18.42
N LYS A 179 -70.82 51.42 -18.85
CA LYS A 179 -70.71 52.58 -17.97
C LYS A 179 -72.10 53.20 -17.80
N VAL A 180 -72.36 53.77 -16.62
CA VAL A 180 -73.61 54.48 -16.35
C VAL A 180 -73.59 55.80 -17.12
N GLY A 181 -74.72 56.10 -17.77
CA GLY A 181 -74.86 57.30 -18.58
C GLY A 181 -74.35 57.19 -20.01
N ASP A 182 -73.87 55.99 -20.37
CA ASP A 182 -73.37 55.71 -21.72
C ASP A 182 -74.53 55.28 -22.61
N SER A 183 -74.50 55.70 -23.88
CA SER A 183 -75.56 55.41 -24.85
C SER A 183 -75.45 54.01 -25.45
N THR A 184 -74.22 53.52 -25.61
CA THR A 184 -73.95 52.19 -26.15
C THR A 184 -74.52 51.11 -25.23
N ALA A 185 -75.15 50.10 -25.83
CA ALA A 185 -75.83 49.03 -25.11
C ALA A 185 -74.83 48.16 -24.36
N GLY A 186 -75.21 47.76 -23.14
CA GLY A 186 -74.41 46.91 -22.29
C GLY A 186 -74.03 45.63 -23.01
N ILE A 187 -72.77 45.20 -22.82
CA ILE A 187 -72.23 44.02 -23.48
C ILE A 187 -72.64 42.77 -22.70
N ALA A 188 -73.08 41.75 -23.43
CA ALA A 188 -73.51 40.47 -22.84
C ALA A 188 -72.32 39.79 -22.18
N ILE A 189 -72.56 39.22 -20.99
CA ILE A 189 -71.55 38.51 -20.22
C ILE A 189 -71.54 37.04 -20.64
N ASN A 190 -70.46 36.63 -21.32
CA ASN A 190 -70.26 35.26 -21.77
C ASN A 190 -69.88 34.37 -20.58
N LEU A 191 -70.80 33.47 -20.21
CA LEU A 191 -70.59 32.56 -19.09
C LEU A 191 -69.79 31.34 -19.54
N PRO A 192 -69.14 30.60 -18.61
CA PRO A 192 -68.34 29.44 -19.00
C PRO A 192 -69.16 28.36 -19.71
N SER A 193 -68.81 28.06 -20.97
CA SER A 193 -69.40 26.96 -21.74
C SER A 193 -68.42 25.78 -21.87
N THR A 194 -67.14 26.04 -21.58
CA THR A 194 -66.06 25.05 -21.63
C THR A 194 -65.32 25.00 -20.30
N GLY A 195 -64.50 23.94 -20.12
CA GLY A 195 -63.76 23.71 -18.89
C GLY A 195 -64.69 23.56 -17.70
N LEU A 196 -65.80 22.86 -17.92
CA LEU A 196 -66.84 22.66 -16.90
C LEU A 196 -66.53 21.47 -15.97
N GLU A 197 -65.54 20.65 -16.34
CA GLU A 197 -65.17 19.43 -15.61
C GLU A 197 -63.72 19.50 -15.11
N TYR A 198 -63.45 18.76 -14.02
CA TYR A 198 -62.10 18.59 -13.50
C TYR A 198 -61.95 17.19 -12.84
N ALA A 199 -61.18 16.32 -13.50
CA ALA A 199 -60.92 14.96 -13.03
C ALA A 199 -59.66 14.86 -12.16
N GLY A 200 -58.79 15.87 -12.26
CA GLY A 200 -57.53 15.93 -11.54
C GLY A 200 -56.49 14.96 -12.06
N LYS A 201 -56.28 14.98 -13.38
CA LYS A 201 -55.34 14.07 -14.03
C LYS A 201 -53.89 14.53 -13.86
N GLY A 202 -53.41 14.44 -12.61
CA GLY A 202 -52.08 14.90 -12.23
C GLY A 202 -51.92 16.41 -12.35
N THR A 203 -53.05 17.12 -12.24
CA THR A 203 -53.09 18.57 -12.33
C THR A 203 -54.03 19.12 -11.27
N THR A 204 -53.85 20.41 -10.96
CA THR A 204 -54.62 21.11 -9.92
C THR A 204 -55.22 22.39 -10.50
N ILE A 205 -56.37 22.79 -9.93
CA ILE A 205 -57.12 23.95 -10.40
C ILE A 205 -56.32 25.23 -10.13
N ASP A 206 -55.97 25.95 -11.20
CA ASP A 206 -55.30 27.25 -11.10
C ASP A 206 -56.38 28.30 -10.82
N PHE A 207 -56.43 28.77 -9.57
CA PHE A 207 -57.44 29.73 -9.12
C PHE A 207 -57.17 31.17 -9.57
N ASN A 208 -55.93 31.44 -10.00
CA ASN A 208 -55.57 32.71 -10.64
C ASN A 208 -56.22 32.87 -12.02
N LYS A 209 -56.46 31.74 -12.69
CA LYS A 209 -57.05 31.70 -14.04
C LYS A 209 -58.50 31.18 -14.09
N THR A 210 -58.91 30.43 -13.07
CA THR A 210 -60.24 29.84 -12.98
C THR A 210 -61.25 30.86 -12.45
N LEU A 211 -62.42 30.93 -13.13
CA LEU A 211 -63.49 31.87 -12.80
C LEU A 211 -62.98 33.31 -12.72
N LYS A 212 -62.23 33.72 -13.75
CA LYS A 212 -61.69 35.07 -13.88
C LYS A 212 -62.33 35.76 -15.08
N VAL A 213 -62.54 37.06 -14.95
CA VAL A 213 -63.13 37.88 -16.00
C VAL A 213 -62.06 38.23 -17.04
N ASP A 214 -62.46 38.15 -18.32
CA ASP A 214 -61.61 38.51 -19.46
C ASP A 214 -62.34 39.54 -20.32
N VAL A 215 -62.01 40.83 -20.08
CA VAL A 215 -62.57 41.94 -20.85
C VAL A 215 -61.73 42.12 -22.12
N THR A 216 -62.39 42.19 -23.28
CA THR A 216 -61.75 42.35 -24.58
C THR A 216 -62.13 43.69 -25.20
N GLY A 217 -61.11 44.45 -25.64
CA GLY A 217 -61.30 45.72 -26.31
C GLY A 217 -60.46 46.87 -25.78
N GLY A 218 -60.10 46.80 -24.49
CA GLY A 218 -59.34 47.84 -23.82
C GLY A 218 -60.19 49.04 -23.47
N SER A 219 -59.86 50.21 -24.03
CA SER A 219 -60.55 51.47 -23.78
C SER A 219 -62.02 51.42 -24.21
N THR A 220 -62.27 50.77 -25.36
CA THR A 220 -63.61 50.52 -25.86
C THR A 220 -63.89 49.02 -25.80
N PRO A 221 -64.45 48.50 -24.69
CA PRO A 221 -64.72 47.07 -24.56
C PRO A 221 -65.77 46.56 -25.56
N SER A 222 -65.54 45.36 -26.08
CA SER A 222 -66.43 44.71 -27.04
C SER A 222 -66.96 43.34 -26.59
N ALA A 223 -66.26 42.71 -25.65
CA ALA A 223 -66.62 41.38 -25.17
C ALA A 223 -66.13 41.14 -23.74
N VAL A 224 -66.94 40.42 -22.96
CA VAL A 224 -66.61 40.02 -21.58
C VAL A 224 -66.91 38.54 -21.41
N ALA A 225 -65.93 37.80 -20.88
CA ALA A 225 -66.01 36.36 -20.71
C ALA A 225 -65.52 35.96 -19.32
N VAL A 226 -66.13 34.90 -18.76
CA VAL A 226 -65.70 34.31 -17.50
C VAL A 226 -65.27 32.87 -17.77
N SER A 227 -64.01 32.56 -17.42
CA SER A 227 -63.44 31.24 -17.63
C SER A 227 -64.07 30.18 -16.72
N GLY A 228 -64.00 28.92 -17.16
CA GLY A 228 -64.40 27.77 -16.35
C GLY A 228 -63.21 27.32 -15.53
N PHE A 229 -63.02 26.00 -15.42
CA PHE A 229 -61.84 25.43 -14.79
C PHE A 229 -60.63 25.59 -15.71
N VAL A 230 -59.59 26.28 -15.22
CA VAL A 230 -58.29 26.33 -15.88
C VAL A 230 -57.27 25.71 -14.93
N THR A 231 -56.67 24.60 -15.37
CA THR A 231 -55.76 23.81 -14.54
C THR A 231 -54.30 24.21 -14.72
N LYS A 232 -53.43 23.66 -13.87
CA LYS A 232 -51.98 23.83 -13.95
C LYS A 232 -51.32 22.51 -13.55
N ASP A 233 -50.16 22.21 -14.15
CA ASP A 233 -49.34 21.07 -13.74
C ASP A 233 -48.83 21.28 -12.31
N ASP A 234 -49.24 20.38 -11.40
CA ASP A 234 -48.91 20.48 -9.98
C ASP A 234 -47.40 20.33 -9.68
N THR A 235 -46.67 19.75 -10.64
CA THR A 235 -45.20 19.67 -10.57
C THR A 235 -44.59 20.04 -11.92
N ASP A 236 -43.34 20.47 -11.89
CA ASP A 236 -42.52 20.69 -13.09
C ASP A 236 -42.09 19.37 -13.73
N LEU A 237 -42.15 18.29 -12.93
CA LEU A 237 -41.71 16.95 -13.31
C LEU A 237 -42.56 16.37 -14.45
N ALA A 238 -41.95 15.49 -15.26
CA ALA A 238 -42.58 14.89 -16.44
C ALA A 238 -43.86 14.13 -16.10
N LYS A 239 -44.77 14.04 -17.09
CA LYS A 239 -46.06 13.37 -16.94
C LYS A 239 -45.91 11.88 -16.67
N SER A 240 -45.04 11.24 -17.45
CA SER A 240 -44.78 9.81 -17.38
C SER A 240 -43.29 9.56 -17.17
N GLY A 241 -42.96 8.40 -16.59
CA GLY A 241 -41.59 7.99 -16.37
C GLY A 241 -41.39 7.10 -15.15
N THR A 242 -40.20 7.19 -14.55
CA THR A 242 -39.79 6.37 -13.42
C THR A 242 -38.95 7.21 -12.45
N ILE A 243 -39.24 7.07 -11.15
CA ILE A 243 -38.64 7.87 -10.09
C ILE A 243 -37.97 6.96 -9.06
N ASN A 244 -36.78 7.35 -8.60
CA ASN A 244 -36.02 6.61 -7.60
C ASN A 244 -36.07 7.31 -6.24
N VAL A 245 -36.54 6.58 -5.22
CA VAL A 245 -36.58 7.05 -3.84
C VAL A 245 -35.72 6.14 -3.00
N ARG A 246 -34.94 6.73 -2.10
CA ARG A 246 -34.05 5.99 -1.20
C ARG A 246 -34.20 6.47 0.23
N VAL A 247 -34.45 5.53 1.14
CA VAL A 247 -34.42 5.79 2.57
C VAL A 247 -33.05 5.37 3.09
N ILE A 248 -32.48 6.19 3.98
CA ILE A 248 -31.15 5.95 4.57
C ILE A 248 -31.25 6.11 6.07
N ASN A 249 -30.29 5.50 6.79
CA ASN A 249 -30.20 5.62 8.23
C ASN A 249 -29.26 6.77 8.60
N ALA A 250 -29.72 7.98 8.29
CA ALA A 250 -29.04 9.22 8.64
C ALA A 250 -30.04 10.16 9.29
N LYS A 251 -29.55 10.96 10.25
CA LYS A 251 -30.36 11.99 10.90
C LYS A 251 -30.36 13.24 10.02
N GLU A 252 -31.51 13.92 9.96
CA GLU A 252 -31.63 15.19 9.24
C GLU A 252 -31.19 16.32 10.16
N GLU A 253 -30.31 17.19 9.66
CA GLU A 253 -29.84 18.36 10.37
C GLU A 253 -30.39 19.62 9.75
N SER A 254 -31.34 20.25 10.45
CA SER A 254 -31.97 21.50 10.06
C SER A 254 -31.08 22.65 10.56
N ILE A 255 -30.52 23.40 9.61
CA ILE A 255 -29.73 24.60 9.91
C ILE A 255 -30.48 25.82 9.37
N ASP A 256 -31.25 26.47 10.25
CA ASP A 256 -31.95 27.71 9.93
C ASP A 256 -31.12 28.86 10.47
N ILE A 257 -30.57 29.66 9.54
CA ILE A 257 -29.70 30.79 9.89
C ILE A 257 -30.49 31.92 10.55
N ASP A 258 -31.78 32.00 10.23
CA ASP A 258 -32.69 33.00 10.77
C ASP A 258 -33.16 32.69 12.21
N ALA A 259 -32.98 31.44 12.64
CA ALA A 259 -33.33 31.00 14.00
C ALA A 259 -32.47 31.72 15.05
N SER A 260 -32.95 31.66 16.31
CA SER A 260 -32.25 32.28 17.44
C SER A 260 -30.97 31.53 17.78
N SER A 261 -31.04 30.20 17.70
CA SER A 261 -29.91 29.31 17.91
C SER A 261 -29.81 28.36 16.73
N TYR A 262 -28.61 28.26 16.15
CA TYR A 262 -28.30 27.31 15.08
C TYR A 262 -26.84 26.88 15.16
N THR A 263 -26.51 25.82 14.42
CA THR A 263 -25.14 25.35 14.31
C THR A 263 -24.36 26.33 13.44
N SER A 264 -23.30 26.92 14.01
CA SER A 264 -22.40 27.78 13.27
C SER A 264 -21.71 26.97 12.18
N ALA A 265 -21.30 27.64 11.10
CA ALA A 265 -20.58 27.02 10.00
C ALA A 265 -19.30 26.33 10.49
N GLU A 266 -18.68 26.91 11.53
CA GLU A 266 -17.47 26.36 12.14
C GLU A 266 -17.73 25.00 12.78
N ASN A 267 -18.70 24.96 13.70
CA ASN A 267 -19.07 23.73 14.39
C ASN A 267 -19.59 22.64 13.45
N LEU A 268 -20.19 23.06 12.32
CA LEU A 268 -20.66 22.14 11.29
C LEU A 268 -19.48 21.49 10.58
N ALA A 269 -18.46 22.29 10.25
CA ALA A 269 -17.21 21.81 9.66
C ALA A 269 -16.47 20.89 10.64
N LYS A 270 -16.48 21.26 11.92
CA LYS A 270 -15.88 20.47 13.01
C LYS A 270 -16.52 19.08 13.15
N ARG A 271 -17.81 18.98 12.85
CA ARG A 271 -18.57 17.75 13.05
C ARG A 271 -18.58 16.80 11.84
N TYR A 272 -18.55 17.37 10.63
CA TYR A 272 -18.55 16.59 9.38
C TYR A 272 -17.45 17.03 8.42
N VAL A 273 -17.02 16.10 7.57
CA VAL A 273 -16.16 16.39 6.43
C VAL A 273 -17.05 16.45 5.20
N PHE A 274 -16.99 17.56 4.48
CA PHE A 274 -17.73 17.77 3.25
C PHE A 274 -16.78 17.63 2.06
N ASP A 275 -17.32 17.15 0.93
CA ASP A 275 -16.60 17.08 -0.33
C ASP A 275 -16.34 18.50 -0.81
N PRO A 276 -15.06 18.91 -1.00
CA PRO A 276 -14.76 20.29 -1.42
C PRO A 276 -15.50 20.74 -2.69
N ASP A 277 -15.59 19.84 -3.68
CA ASP A 277 -16.25 20.14 -4.95
C ASP A 277 -17.76 20.30 -4.79
N GLU A 278 -18.34 19.57 -3.83
CA GLU A 278 -19.76 19.69 -3.50
C GLU A 278 -20.07 21.08 -2.95
N ILE A 279 -19.18 21.60 -2.10
CA ILE A 279 -19.33 22.93 -1.49
C ILE A 279 -19.11 24.02 -2.52
N SER A 280 -17.94 23.97 -3.17
CA SER A 280 -17.52 25.00 -4.13
C SER A 280 -18.54 25.19 -5.24
N GLU A 281 -19.12 24.09 -5.74
CA GLU A 281 -20.17 24.15 -6.76
C GLU A 281 -21.46 24.76 -6.21
N ALA A 282 -21.79 24.46 -4.96
CA ALA A 282 -22.94 25.07 -4.26
C ALA A 282 -22.72 26.56 -4.05
N TYR A 283 -21.50 26.92 -3.60
CA TYR A 283 -21.13 28.31 -3.35
C TYR A 283 -21.17 29.13 -4.64
N LYS A 284 -20.61 28.57 -5.71
CA LYS A 284 -20.62 29.18 -7.05
C LYS A 284 -22.04 29.39 -7.59
N ALA A 285 -22.93 28.44 -7.29
CA ALA A 285 -24.34 28.52 -7.67
C ALA A 285 -25.08 29.64 -6.92
N ILE A 286 -24.68 29.88 -5.67
CA ILE A 286 -25.21 30.96 -4.85
C ILE A 286 -24.73 32.33 -5.33
N VAL A 287 -23.41 32.45 -5.54
CA VAL A 287 -22.77 33.67 -6.03
C VAL A 287 -23.33 34.05 -7.41
N ALA A 288 -23.43 33.07 -8.30
CA ALA A 288 -24.00 33.25 -9.64
C ALA A 288 -25.45 33.74 -9.60
N LEU A 289 -26.24 33.16 -8.67
CA LEU A 289 -27.63 33.55 -8.47
C LEU A 289 -27.75 34.93 -7.84
N GLN A 290 -26.81 35.26 -6.94
CA GLN A 290 -26.75 36.55 -6.27
C GLN A 290 -26.38 37.69 -7.22
N ASN A 291 -25.27 37.50 -7.95
CA ASN A 291 -24.70 38.54 -8.81
C ASN A 291 -25.35 38.66 -10.18
N ASP A 292 -25.64 37.51 -10.81
CA ASP A 292 -26.31 37.44 -12.10
C ASP A 292 -27.69 36.85 -11.81
N GLY A 293 -28.49 36.63 -12.86
CA GLY A 293 -29.80 36.03 -12.71
C GLY A 293 -29.82 34.51 -12.68
N ILE A 294 -28.63 33.88 -12.66
CA ILE A 294 -28.47 32.46 -13.02
C ILE A 294 -29.03 31.53 -11.93
N GLU A 295 -30.11 30.81 -12.26
CA GLU A 295 -30.72 29.83 -11.37
C GLU A 295 -30.04 28.47 -11.54
N SER A 296 -30.11 27.63 -10.51
CA SER A 296 -29.44 26.33 -10.49
C SER A 296 -30.22 25.28 -9.68
N ASN A 297 -29.96 24.00 -9.96
CA ASN A 297 -30.49 22.87 -9.20
C ASN A 297 -29.89 22.82 -7.78
N LEU A 298 -28.64 23.28 -7.66
CA LEU A 298 -27.88 23.25 -6.42
C LEU A 298 -28.43 24.17 -5.33
N VAL A 299 -28.99 25.31 -5.75
CA VAL A 299 -29.61 26.29 -4.84
C VAL A 299 -31.08 26.48 -5.25
N GLN A 300 -31.98 26.37 -4.27
CA GLN A 300 -33.41 26.43 -4.55
C GLN A 300 -34.23 27.12 -3.46
N LEU A 301 -35.30 27.80 -3.91
CA LEU A 301 -36.26 28.45 -3.04
C LEU A 301 -37.33 27.43 -2.65
N VAL A 302 -37.37 27.07 -1.36
CA VAL A 302 -38.33 26.12 -0.82
C VAL A 302 -38.87 26.66 0.50
N ASN A 303 -40.19 26.89 0.56
CA ASN A 303 -40.89 27.41 1.73
C ASN A 303 -40.35 28.75 2.19
N GLY A 304 -40.25 29.69 1.24
CA GLY A 304 -39.80 31.06 1.49
C GLY A 304 -38.37 31.17 2.02
N LYS A 305 -37.54 30.16 1.74
CA LYS A 305 -36.16 30.10 2.20
C LYS A 305 -35.27 29.43 1.15
N TYR A 306 -34.15 30.09 0.84
CA TYR A 306 -33.12 29.54 -0.03
C TYR A 306 -32.37 28.45 0.74
N GLN A 307 -32.15 27.31 0.07
CA GLN A 307 -31.49 26.17 0.70
C GLN A 307 -30.52 25.44 -0.23
N VAL A 308 -29.50 24.84 0.39
CA VAL A 308 -28.61 23.88 -0.25
C VAL A 308 -28.68 22.58 0.54
N ILE A 309 -28.39 21.47 -0.14
CA ILE A 309 -28.35 20.14 0.47
C ILE A 309 -26.93 19.57 0.41
N PHE A 310 -26.44 19.09 1.56
CA PHE A 310 -25.16 18.40 1.63
C PHE A 310 -25.31 17.03 2.31
N TYR A 311 -24.75 16.01 1.66
CA TYR A 311 -24.60 14.68 2.21
C TYR A 311 -23.10 14.47 2.44
N PRO A 312 -22.58 14.82 3.64
CA PRO A 312 -21.13 14.75 3.87
C PRO A 312 -20.58 13.31 3.82
N GLU A 313 -19.29 13.19 3.50
CA GLU A 313 -18.62 11.90 3.40
C GLU A 313 -18.78 11.11 4.70
N GLY A 314 -18.40 11.76 5.81
CA GLY A 314 -18.52 11.20 7.14
C GLY A 314 -18.26 12.25 8.20
N LYS A 315 -18.22 11.83 9.46
CA LYS A 315 -17.88 12.72 10.57
C LYS A 315 -16.38 13.02 10.55
N ARG A 316 -16.00 14.14 11.14
CA ARG A 316 -14.61 14.56 11.24
C ARG A 316 -13.99 14.02 12.51
N LEU A 317 -12.68 13.70 12.45
CA LEU A 317 -11.92 13.19 13.57
C LEU A 317 -11.81 14.24 14.69
N GLU A 318 -11.59 13.76 15.93
CA GLU A 318 -11.48 14.60 17.13
C GLU A 318 -12.81 15.24 17.49
N ASN B 1 -35.15 18.09 -7.80
CA ASN B 1 -34.56 19.04 -6.79
C ASN B 1 -33.83 18.34 -5.63
N ASP B 2 -33.30 17.14 -5.89
CA ASP B 2 -32.59 16.35 -4.90
C ASP B 2 -31.81 15.23 -5.60
N THR B 3 -30.78 14.72 -4.90
CA THR B 3 -29.98 13.59 -5.37
C THR B 3 -30.09 12.43 -4.38
N ILE B 4 -29.83 11.20 -4.88
CA ILE B 4 -29.85 9.99 -4.08
C ILE B 4 -28.55 9.88 -3.31
N ALA B 5 -28.61 10.08 -1.99
CA ALA B 5 -27.42 10.09 -1.14
C ALA B 5 -26.84 8.70 -0.95
N SER B 6 -25.53 8.66 -0.67
CA SER B 6 -24.84 7.45 -0.26
C SER B 6 -25.47 6.89 1.00
N GLN B 7 -25.49 5.55 1.11
CA GLN B 7 -26.03 4.85 2.27
C GLN B 7 -25.19 5.08 3.54
N ASP B 8 -23.92 5.44 3.35
CA ASP B 8 -22.97 5.61 4.45
C ASP B 8 -22.86 7.04 5.00
N THR B 9 -23.68 7.96 4.47
CA THR B 9 -23.66 9.36 4.90
C THR B 9 -24.26 9.51 6.31
N PRO B 10 -23.58 10.23 7.23
CA PRO B 10 -24.03 10.33 8.62
C PRO B 10 -25.22 11.25 8.82
N ALA B 11 -25.40 12.23 7.92
CA ALA B 11 -26.48 13.20 8.02
C ALA B 11 -26.94 13.74 6.67
N LYS B 12 -28.16 14.26 6.64
CA LYS B 12 -28.68 15.06 5.55
C LYS B 12 -28.71 16.52 6.02
N VAL B 13 -27.79 17.32 5.48
CA VAL B 13 -27.60 18.71 5.90
C VAL B 13 -28.38 19.66 4.99
N VAL B 14 -29.42 20.27 5.56
CA VAL B 14 -30.22 21.28 4.87
C VAL B 14 -30.02 22.62 5.55
N ILE B 15 -29.38 23.55 4.83
CA ILE B 15 -29.06 24.88 5.34
C ILE B 15 -30.01 25.88 4.70
N LYS B 16 -30.87 26.50 5.53
CA LYS B 16 -31.94 27.39 5.09
C LYS B 16 -31.71 28.83 5.53
N ALA B 17 -32.21 29.78 4.72
CA ALA B 17 -32.14 31.20 5.01
C ALA B 17 -33.17 31.99 4.21
N ASN B 18 -33.81 32.96 4.88
CA ASN B 18 -34.73 33.90 4.23
C ASN B 18 -34.02 34.72 3.15
N LYS B 19 -32.80 35.17 3.47
CA LYS B 19 -32.00 36.02 2.60
C LYS B 19 -30.85 35.23 1.98
N LEU B 20 -30.81 35.19 0.66
CA LEU B 20 -29.75 34.50 -0.09
C LEU B 20 -28.34 34.94 0.33
N LYS B 21 -28.21 36.20 0.78
CA LYS B 21 -26.93 36.75 1.24
C LYS B 21 -26.45 36.12 2.55
N ASP B 22 -27.38 35.88 3.48
CA ASP B 22 -27.07 35.22 4.76
C ASP B 22 -26.64 33.76 4.54
N LEU B 23 -27.25 33.12 3.53
CA LEU B 23 -26.89 31.77 3.10
C LEU B 23 -25.51 31.78 2.50
N LYS B 24 -25.29 32.71 1.56
CA LYS B 24 -24.01 32.90 0.90
C LYS B 24 -22.88 32.95 1.93
N ASP B 25 -23.05 33.80 2.94
CA ASP B 25 -22.04 34.01 3.99
C ASP B 25 -21.76 32.74 4.78
N TYR B 26 -22.82 32.01 5.11
CA TYR B 26 -22.72 30.77 5.86
C TYR B 26 -21.95 29.71 5.08
N VAL B 27 -22.32 29.51 3.80
CA VAL B 27 -21.71 28.53 2.92
C VAL B 27 -20.26 28.88 2.61
N ASP B 28 -19.94 30.17 2.61
CA ASP B 28 -18.57 30.65 2.44
C ASP B 28 -17.70 30.24 3.62
N ASP B 29 -18.19 30.53 4.84
CA ASP B 29 -17.53 30.14 6.08
C ASP B 29 -17.34 28.62 6.15
N LEU B 30 -18.39 27.89 5.80
CA LEU B 30 -18.35 26.43 5.77
C LEU B 30 -17.20 25.93 4.92
N LYS B 31 -17.11 26.47 3.69
CA LYS B 31 -16.03 26.15 2.75
C LYS B 31 -14.65 26.38 3.38
N THR B 32 -14.46 27.57 3.95
CA THR B 32 -13.21 27.97 4.60
C THR B 32 -12.84 27.02 5.73
N TYR B 33 -13.76 26.80 6.67
CA TYR B 33 -13.52 25.91 7.80
C TYR B 33 -13.31 24.46 7.35
N ASN B 34 -14.03 24.05 6.32
CA ASN B 34 -13.89 22.70 5.75
C ASN B 34 -12.50 22.47 5.17
N ASN B 35 -12.05 23.41 4.33
CA ASN B 35 -10.71 23.39 3.73
C ASN B 35 -9.61 23.55 4.78
N THR B 36 -9.87 24.39 5.79
CA THR B 36 -8.89 24.72 6.83
C THR B 36 -8.62 23.55 7.77
N TYR B 37 -9.68 22.86 8.19
CA TYR B 37 -9.52 21.63 8.99
C TYR B 37 -9.00 20.45 8.16
N SER B 38 -8.86 20.66 6.84
CA SER B 38 -8.35 19.66 5.90
C SER B 38 -6.93 19.96 5.37
N ASN B 39 -6.64 21.25 5.11
CA ASN B 39 -5.41 21.68 4.43
C ASN B 39 -4.47 22.56 5.25
N VAL B 40 -4.82 22.82 6.52
CA VAL B 40 -3.95 23.58 7.43
C VAL B 40 -3.43 22.60 8.47
N VAL B 41 -2.34 21.94 8.11
CA VAL B 41 -1.72 20.90 8.92
C VAL B 41 -0.53 21.45 9.70
N THR B 42 -0.39 20.98 10.94
CA THR B 42 0.83 21.15 11.73
C THR B 42 1.56 19.81 11.73
N VAL B 43 2.87 19.85 11.47
CA VAL B 43 3.71 18.67 11.50
C VAL B 43 4.84 18.94 12.48
N ALA B 44 4.67 18.45 13.71
CA ALA B 44 5.61 18.70 14.80
C ALA B 44 5.60 17.59 15.82
N GLY B 45 6.76 17.38 16.45
CA GLY B 45 6.92 16.50 17.60
C GLY B 45 7.45 17.32 18.76
N GLU B 46 7.73 16.64 19.87
CA GLU B 46 8.21 17.26 21.09
C GLU B 46 9.66 17.75 20.95
N ASP B 47 10.46 17.01 20.18
CA ASP B 47 11.84 17.35 19.85
C ASP B 47 11.95 17.85 18.41
N ARG B 48 13.12 18.42 18.08
CA ARG B 48 13.51 18.69 16.70
C ARG B 48 13.66 17.37 15.92
N ILE B 49 14.17 16.35 16.61
CA ILE B 49 14.36 15.01 16.05
C ILE B 49 13.02 14.38 15.68
N GLU B 50 12.01 14.58 16.54
CA GLU B 50 10.67 14.05 16.34
C GLU B 50 9.93 14.75 15.20
N THR B 51 10.13 16.08 15.09
CA THR B 51 9.58 16.87 14.00
C THR B 51 10.01 16.33 12.63
N ALA B 52 11.32 16.07 12.49
CA ALA B 52 11.90 15.50 11.28
C ALA B 52 11.31 14.12 10.95
N ILE B 53 11.14 13.30 11.99
CA ILE B 53 10.51 11.98 11.86
C ILE B 53 9.06 12.13 11.41
N GLU B 54 8.33 13.06 12.03
CA GLU B 54 6.93 13.34 11.67
C GLU B 54 6.82 13.72 10.18
N LEU B 55 7.76 14.56 9.72
CA LEU B 55 7.84 14.97 8.32
C LEU B 55 8.06 13.76 7.41
N SER B 56 9.00 12.89 7.79
CA SER B 56 9.33 11.70 7.02
C SER B 56 8.15 10.75 6.93
N SER B 57 7.48 10.53 8.07
CA SER B 57 6.34 9.60 8.16
C SER B 57 5.11 10.09 7.40
N LYS B 58 4.97 11.41 7.29
CA LYS B 58 3.84 12.03 6.59
C LYS B 58 4.03 12.06 5.07
N TYR B 59 5.27 12.33 4.63
CA TYR B 59 5.56 12.65 3.23
C TYR B 59 6.34 11.58 2.43
N TYR B 60 7.10 10.74 3.14
CA TYR B 60 7.86 9.67 2.50
C TYR B 60 7.37 8.30 2.96
N ASN B 61 7.17 7.39 1.99
CA ASN B 61 6.60 6.06 2.21
C ASN B 61 5.27 6.17 2.99
N SER B 62 4.34 6.94 2.41
CA SER B 62 3.10 7.33 3.06
C SER B 62 1.94 7.31 2.07
N ASP B 63 0.75 6.95 2.56
CA ASP B 63 -0.48 6.98 1.76
C ASP B 63 -1.15 8.37 1.77
N ASP B 64 -0.50 9.34 2.45
CA ASP B 64 -0.98 10.72 2.56
C ASP B 64 -1.19 11.36 1.19
N LYS B 65 -2.21 12.22 1.11
CA LYS B 65 -2.64 12.88 -0.13
C LYS B 65 -1.55 13.70 -0.80
N ASN B 66 -0.68 14.34 0.01
CA ASN B 66 0.41 15.18 -0.49
C ASN B 66 1.81 14.57 -0.31
N ALA B 67 1.86 13.24 -0.16
CA ALA B 67 3.12 12.54 0.06
C ALA B 67 4.01 12.68 -1.16
N ILE B 68 5.32 12.78 -0.92
CA ILE B 68 6.31 12.86 -1.99
C ILE B 68 6.46 11.49 -2.66
N THR B 69 6.33 10.43 -1.87
CA THR B 69 6.32 9.07 -2.38
C THR B 69 5.49 8.14 -1.49
N ASP B 70 4.78 7.20 -2.13
CA ASP B 70 3.92 6.23 -1.44
C ASP B 70 4.59 4.87 -1.22
N LYS B 71 5.69 4.62 -1.95
CA LYS B 71 6.50 3.41 -1.79
C LYS B 71 7.68 3.70 -0.85
N ALA B 72 8.41 2.65 -0.49
CA ALA B 72 9.61 2.76 0.34
C ALA B 72 10.71 3.46 -0.44
N VAL B 73 11.53 4.26 0.27
CA VAL B 73 12.64 4.98 -0.32
C VAL B 73 13.94 4.17 -0.22
N ASN B 74 14.93 4.55 -1.04
CA ASN B 74 16.23 3.91 -1.10
C ASN B 74 17.34 4.76 -0.47
N ASP B 75 17.05 6.05 -0.21
CA ASP B 75 18.04 6.98 0.30
C ASP B 75 17.54 7.72 1.53
N ILE B 76 18.43 7.88 2.52
CA ILE B 76 18.27 8.76 3.67
C ILE B 76 19.36 9.83 3.59
N VAL B 77 19.04 11.06 4.02
CA VAL B 77 20.02 12.10 4.30
C VAL B 77 19.94 12.39 5.78
N LEU B 78 21.06 12.17 6.49
CA LEU B 78 21.12 12.33 7.94
C LEU B 78 21.94 13.56 8.29
N VAL B 79 21.45 14.34 9.27
CA VAL B 79 22.10 15.57 9.72
C VAL B 79 22.16 15.59 11.25
N GLY B 80 23.27 16.09 11.78
CA GLY B 80 23.42 16.29 13.21
C GLY B 80 22.39 17.29 13.71
N SER B 81 21.62 16.89 14.72
CA SER B 81 20.48 17.66 15.22
C SER B 81 20.85 19.07 15.71
N THR B 82 22.03 19.21 16.31
CA THR B 82 22.55 20.49 16.78
C THR B 82 23.21 21.28 15.63
N SER B 83 23.93 20.56 14.76
CA SER B 83 24.77 21.18 13.73
C SER B 83 23.95 21.54 12.49
N ILE B 84 23.37 22.74 12.53
CA ILE B 84 22.70 23.35 11.38
C ILE B 84 23.74 23.75 10.31
N VAL B 85 24.95 24.11 10.78
CA VAL B 85 26.04 24.58 9.93
C VAL B 85 26.57 23.53 8.95
N ASP B 86 26.74 22.30 9.43
CA ASP B 86 27.29 21.18 8.64
C ASP B 86 26.34 20.71 7.55
N GLY B 87 25.07 20.49 7.93
CA GLY B 87 24.04 20.01 7.03
C GLY B 87 23.28 21.10 6.31
N LEU B 88 23.75 22.35 6.46
CA LEU B 88 23.08 23.56 5.97
C LEU B 88 22.55 23.45 4.53
N VAL B 89 23.37 22.89 3.63
CA VAL B 89 23.06 22.80 2.20
C VAL B 89 22.57 21.41 1.75
N ALA B 90 22.15 20.59 2.71
CA ALA B 90 21.73 19.21 2.46
C ALA B 90 20.32 19.03 1.86
N SER B 91 19.48 20.06 1.97
CA SER B 91 18.08 19.99 1.50
C SER B 91 17.96 19.62 0.03
N PRO B 92 18.70 20.28 -0.90
CA PRO B 92 18.65 19.93 -2.31
C PRO B 92 19.13 18.52 -2.64
N LEU B 93 20.03 17.99 -1.80
CA LEU B 93 20.50 16.61 -1.89
C LEU B 93 19.34 15.67 -1.59
N ALA B 94 18.71 15.88 -0.42
CA ALA B 94 17.55 15.12 0.01
C ALA B 94 16.46 15.11 -1.07
N SER B 95 16.25 16.27 -1.71
CA SER B 95 15.26 16.42 -2.77
C SER B 95 15.59 15.54 -3.97
N GLU B 96 16.80 15.70 -4.49
CA GLU B 96 17.27 14.98 -5.69
C GLU B 96 17.28 13.47 -5.52
N LYS B 97 17.61 13.00 -4.30
CA LYS B 97 17.74 11.58 -3.98
C LYS B 97 16.43 10.90 -3.59
N THR B 98 15.33 11.67 -3.52
CA THR B 98 14.03 11.20 -3.04
C THR B 98 14.21 10.57 -1.66
N ALA B 99 14.69 11.40 -0.72
CA ALA B 99 15.07 10.98 0.61
C ALA B 99 14.48 11.92 1.65
N PRO B 100 14.04 11.42 2.82
CA PRO B 100 13.78 12.29 3.97
C PRO B 100 15.10 12.79 4.53
N LEU B 101 15.09 14.00 5.08
CA LEU B 101 16.23 14.56 5.80
C LEU B 101 15.93 14.36 7.28
N LEU B 102 16.64 13.41 7.91
CA LEU B 102 16.45 13.07 9.30
C LEU B 102 17.54 13.69 10.15
N LEU B 103 17.21 13.92 11.43
CA LEU B 103 18.12 14.48 12.42
C LEU B 103 18.48 13.41 13.42
N THR B 104 19.78 13.36 13.78
CA THR B 104 20.29 12.42 14.79
C THR B 104 21.18 13.15 15.78
N SER B 105 21.20 12.66 17.02
CA SER B 105 22.17 13.08 18.02
C SER B 105 23.55 12.64 17.54
N LYS B 106 24.58 13.41 17.90
CA LYS B 106 25.93 13.24 17.37
C LYS B 106 26.59 11.92 17.77
N ASP B 107 26.40 11.52 19.05
CA ASP B 107 27.09 10.38 19.63
C ASP B 107 26.37 9.04 19.40
N LYS B 108 25.06 9.01 19.70
CA LYS B 108 24.25 7.81 19.60
C LYS B 108 23.10 8.03 18.63
N LEU B 109 22.92 7.10 17.68
CA LEU B 109 21.78 7.08 16.80
C LEU B 109 20.53 6.88 17.64
N ASP B 110 19.59 7.84 17.53
CA ASP B 110 18.36 7.83 18.32
C ASP B 110 17.47 6.67 17.86
N SER B 111 16.94 5.92 18.84
CA SER B 111 16.08 4.77 18.55
C SER B 111 14.85 5.18 17.72
N SER B 112 14.30 6.36 18.01
CA SER B 112 13.23 6.97 17.22
C SER B 112 13.59 7.04 15.74
N VAL B 113 14.80 7.54 15.48
CA VAL B 113 15.32 7.73 14.13
C VAL B 113 15.58 6.38 13.46
N LYS B 114 16.12 5.43 14.23
CA LYS B 114 16.38 4.08 13.74
C LYS B 114 15.08 3.42 13.27
N SER B 115 14.01 3.58 14.06
CA SER B 115 12.70 3.03 13.74
C SER B 115 12.13 3.63 12.44
N GLU B 116 12.23 4.95 12.29
CA GLU B 116 11.74 5.65 11.10
C GLU B 116 12.50 5.23 9.84
N ILE B 117 13.81 5.03 9.98
CA ILE B 117 14.68 4.54 8.92
C ILE B 117 14.18 3.18 8.41
N LYS B 118 13.94 2.24 9.33
CA LYS B 118 13.36 0.93 9.00
C LYS B 118 12.03 1.07 8.28
N ARG B 119 11.15 1.92 8.80
CA ARG B 119 9.82 2.14 8.24
C ARG B 119 9.90 2.70 6.82
N VAL B 120 10.62 3.83 6.67
CA VAL B 120 10.62 4.58 5.41
C VAL B 120 11.33 3.83 4.29
N MET B 121 12.33 3.02 4.63
CA MET B 121 13.07 2.20 3.67
C MET B 121 12.52 0.78 3.54
N ASN B 122 11.58 0.44 4.43
CA ASN B 122 11.00 -0.90 4.50
C ASN B 122 12.08 -1.97 4.74
N LEU B 123 12.88 -1.77 5.78
CA LEU B 123 13.88 -2.73 6.23
C LEU B 123 13.23 -3.72 7.18
N LYS B 124 13.46 -5.02 6.94
CA LYS B 124 12.89 -6.11 7.72
C LYS B 124 13.92 -7.22 7.94
N SER B 125 13.73 -8.00 9.00
CA SER B 125 14.61 -9.12 9.38
C SER B 125 14.65 -10.20 8.30
N ASP B 126 13.49 -10.54 7.75
CA ASP B 126 13.34 -11.64 6.79
C ASP B 126 13.75 -11.28 5.35
N THR B 127 13.97 -9.99 5.09
CA THR B 127 14.30 -9.48 3.76
C THR B 127 15.71 -8.90 3.74
N GLY B 128 16.44 -9.17 2.66
CA GLY B 128 17.80 -8.71 2.50
C GLY B 128 17.87 -7.22 2.22
N ILE B 129 18.86 -6.55 2.83
CA ILE B 129 19.15 -5.14 2.57
C ILE B 129 20.23 -5.07 1.49
N ASN B 130 19.78 -5.05 0.23
CA ASN B 130 20.66 -4.91 -0.92
C ASN B 130 21.37 -3.55 -0.96
N THR B 131 22.40 -3.47 -1.81
CA THR B 131 23.31 -2.31 -1.85
C THR B 131 22.71 -0.99 -2.34
N SER B 132 21.43 -1.01 -2.75
CA SER B 132 20.71 0.20 -3.15
C SER B 132 20.23 1.07 -1.99
N LYS B 133 20.20 0.51 -0.78
CA LYS B 133 19.83 1.23 0.44
C LYS B 133 21.04 2.03 0.94
N LYS B 134 20.93 3.36 0.84
CA LYS B 134 22.05 4.29 1.04
C LYS B 134 21.69 5.34 2.08
N VAL B 135 22.66 5.72 2.91
CA VAL B 135 22.50 6.79 3.88
C VAL B 135 23.64 7.78 3.77
N TYR B 136 23.32 9.03 3.41
CA TYR B 136 24.28 10.11 3.31
C TYR B 136 24.38 10.85 4.63
N LEU B 137 25.60 10.94 5.18
CA LEU B 137 25.88 11.73 6.37
C LEU B 137 26.43 13.09 5.94
N ALA B 138 25.60 14.13 6.10
CA ALA B 138 25.97 15.51 5.78
C ALA B 138 26.63 16.16 6.99
N GLY B 139 27.97 16.12 7.02
CA GLY B 139 28.77 16.71 8.06
C GLY B 139 29.93 15.82 8.48
N GLY B 140 30.94 16.43 9.11
CA GLY B 140 32.10 15.73 9.63
C GLY B 140 31.79 14.98 10.92
N VAL B 141 32.85 14.60 11.63
CA VAL B 141 32.75 13.81 12.85
C VAL B 141 32.19 14.61 14.04
N ASN B 142 32.33 15.94 13.98
CA ASN B 142 31.87 16.84 15.04
C ASN B 142 30.35 17.07 15.02
N SER B 143 29.70 16.74 13.90
CA SER B 143 28.25 16.83 13.73
C SER B 143 27.60 15.46 13.85
N ILE B 144 28.16 14.47 13.15
CA ILE B 144 27.73 13.07 13.19
C ILE B 144 28.97 12.19 13.41
N SER B 145 29.16 11.72 14.64
CA SER B 145 30.34 10.97 15.04
C SER B 145 30.48 9.64 14.30
N LYS B 146 31.68 9.06 14.39
CA LYS B 146 31.99 7.76 13.82
C LYS B 146 31.10 6.67 14.42
N ASP B 147 30.83 6.80 15.72
CA ASP B 147 29.96 5.88 16.46
C ASP B 147 28.61 5.67 15.76
N VAL B 148 27.99 6.77 15.33
CA VAL B 148 26.70 6.73 14.64
C VAL B 148 26.84 6.15 13.22
N GLU B 149 27.93 6.50 12.54
CA GLU B 149 28.21 6.00 11.18
C GLU B 149 28.40 4.49 11.17
N ASN B 150 29.12 3.97 12.17
CA ASN B 150 29.33 2.53 12.34
C ASN B 150 28.05 1.78 12.70
N GLU B 151 27.20 2.42 13.51
CA GLU B 151 25.92 1.86 13.92
C GLU B 151 24.98 1.68 12.73
N LEU B 152 25.02 2.64 11.79
CA LEU B 152 24.26 2.57 10.55
C LEU B 152 24.79 1.48 9.62
N LYS B 153 26.11 1.34 9.56
CA LYS B 153 26.78 0.28 8.80
C LYS B 153 26.43 -1.10 9.36
N ASN B 154 26.43 -1.21 10.70
CA ASN B 154 26.11 -2.45 11.40
C ASN B 154 24.71 -3.00 11.11
N MET B 155 23.75 -2.11 10.86
CA MET B 155 22.38 -2.54 10.54
C MET B 155 22.25 -3.04 9.10
N GLY B 156 23.25 -2.78 8.26
CA GLY B 156 23.37 -3.35 6.94
C GLY B 156 23.19 -2.39 5.80
N LEU B 157 23.39 -1.09 6.08
CA LEU B 157 23.18 -0.02 5.12
C LEU B 157 24.52 0.51 4.62
N LYS B 158 24.55 0.92 3.34
CA LYS B 158 25.68 1.65 2.79
C LYS B 158 25.65 3.07 3.33
N VAL B 159 26.79 3.53 3.85
CA VAL B 159 26.91 4.85 4.45
C VAL B 159 28.05 5.64 3.81
N THR B 160 27.66 6.69 3.07
CA THR B 160 28.57 7.63 2.43
C THR B 160 28.53 8.93 3.23
N ARG B 161 29.70 9.45 3.59
CA ARG B 161 29.83 10.69 4.35
C ARG B 161 30.29 11.82 3.43
N LEU B 162 29.52 12.91 3.45
CA LEU B 162 29.83 14.12 2.69
C LEU B 162 30.29 15.19 3.68
N SER B 163 31.61 15.39 3.73
CA SER B 163 32.25 16.25 4.73
C SER B 163 33.59 16.82 4.25
N GLY B 164 34.08 17.80 5.01
CA GLY B 164 35.37 18.44 4.78
C GLY B 164 35.92 18.98 6.08
N GLU B 165 37.09 19.64 5.99
CA GLU B 165 37.78 20.21 7.16
C GLU B 165 37.01 21.33 7.86
N ASP B 166 36.09 21.97 7.12
CA ASP B 166 35.24 23.04 7.64
C ASP B 166 33.88 23.07 6.94
N ARG B 167 33.01 24.00 7.35
CA ARG B 167 31.69 24.18 6.74
C ARG B 167 31.72 24.40 5.23
N TYR B 168 32.73 25.14 4.77
CA TYR B 168 32.87 25.50 3.35
C TYR B 168 33.18 24.28 2.49
N GLU B 169 34.16 23.47 2.93
CA GLU B 169 34.56 22.24 2.26
C GLU B 169 33.46 21.19 2.32
N THR B 170 32.76 21.14 3.46
CA THR B 170 31.61 20.26 3.66
C THR B 170 30.46 20.59 2.70
N SER B 171 30.19 21.88 2.51
CA SER B 171 29.14 22.32 1.60
C SER B 171 29.45 21.88 0.17
N LEU B 172 30.71 22.03 -0.23
CA LEU B 172 31.19 21.59 -1.55
C LEU B 172 31.10 20.08 -1.74
N ALA B 173 31.38 19.31 -0.68
CA ALA B 173 31.20 17.85 -0.69
C ALA B 173 29.74 17.52 -1.02
N ILE B 174 28.81 18.19 -0.32
CA ILE B 174 27.37 18.01 -0.52
C ILE B 174 26.95 18.51 -1.90
N ALA B 175 27.39 19.73 -2.25
CA ALA B 175 27.09 20.36 -3.53
C ALA B 175 27.64 19.54 -4.72
N ASP B 176 28.79 18.90 -4.51
CA ASP B 176 29.44 18.06 -5.52
C ASP B 176 28.60 16.82 -5.82
N GLU B 177 28.04 16.22 -4.76
CA GLU B 177 27.15 15.07 -4.88
C GLU B 177 25.86 15.42 -5.63
N ILE B 178 25.31 16.61 -5.36
CA ILE B 178 24.12 17.12 -6.05
C ILE B 178 24.40 17.36 -7.53
N GLY B 179 25.54 17.98 -7.82
CA GLY B 179 25.98 18.26 -9.18
C GLY B 179 25.48 19.58 -9.72
N LEU B 180 26.35 20.31 -10.41
CA LEU B 180 26.04 21.59 -11.04
C LEU B 180 25.75 21.34 -12.52
N ASP B 181 24.58 20.74 -12.79
CA ASP B 181 24.20 20.26 -14.12
C ASP B 181 23.39 21.24 -14.96
N ASN B 182 22.63 22.12 -14.30
CA ASN B 182 21.77 23.08 -14.97
C ASN B 182 22.35 24.50 -15.07
N ASP B 183 23.69 24.60 -14.98
CA ASP B 183 24.44 25.83 -15.18
C ASP B 183 24.04 26.93 -14.18
N LYS B 184 23.66 26.53 -12.97
CA LYS B 184 23.12 27.41 -11.95
C LYS B 184 23.51 26.92 -10.55
N ALA B 185 23.87 27.86 -9.67
CA ALA B 185 24.24 27.56 -8.29
C ALA B 185 23.86 28.70 -7.35
N PHE B 186 23.59 28.37 -6.09
CA PHE B 186 23.32 29.34 -5.04
C PHE B 186 24.52 29.44 -4.13
N VAL B 187 24.79 30.65 -3.64
CA VAL B 187 25.91 30.91 -2.74
C VAL B 187 25.40 31.65 -1.51
N VAL B 188 25.87 31.21 -0.34
CA VAL B 188 25.48 31.75 0.95
C VAL B 188 26.73 31.95 1.79
N GLY B 189 26.71 32.94 2.69
CA GLY B 189 27.78 33.20 3.61
C GLY B 189 27.83 32.16 4.71
N GLY B 190 28.99 32.04 5.37
CA GLY B 190 29.21 31.09 6.44
C GLY B 190 28.23 31.22 7.60
N THR B 191 27.91 32.47 7.96
CA THR B 191 27.00 32.79 9.05
C THR B 191 25.55 32.96 8.60
N GLY B 192 25.32 32.97 7.27
CA GLY B 192 24.02 33.17 6.68
C GLY B 192 23.14 31.94 6.72
N LEU B 193 22.80 31.49 7.94
CA LEU B 193 22.06 30.25 8.14
C LEU B 193 20.62 30.40 7.69
N ALA B 194 19.95 31.47 8.16
CA ALA B 194 18.57 31.76 7.79
C ALA B 194 18.41 31.98 6.28
N ASP B 195 19.44 32.56 5.66
CA ASP B 195 19.46 32.81 4.22
C ASP B 195 19.48 31.50 3.43
N ALA B 196 20.33 30.57 3.85
CA ALA B 196 20.39 29.23 3.26
C ALA B 196 19.07 28.49 3.40
N MET B 197 18.35 28.76 4.49
CA MET B 197 17.05 28.15 4.74
C MET B 197 15.93 28.81 3.93
N SER B 198 16.10 30.10 3.63
CA SER B 198 15.16 30.81 2.77
C SER B 198 15.20 30.25 1.35
N ILE B 199 16.42 29.94 0.87
CA ILE B 199 16.65 29.48 -0.50
C ILE B 199 16.56 27.96 -0.67
N ALA B 200 16.73 27.22 0.44
CA ALA B 200 16.70 25.76 0.44
C ALA B 200 15.51 25.16 -0.32
N PRO B 201 14.26 25.66 -0.10
CA PRO B 201 13.11 25.17 -0.87
C PRO B 201 13.25 25.38 -2.38
N VAL B 202 13.84 26.51 -2.78
CA VAL B 202 14.03 26.86 -4.18
C VAL B 202 15.06 25.94 -4.81
N ALA B 203 16.20 25.80 -4.13
CA ALA B 203 17.25 24.84 -4.50
C ALA B 203 16.70 23.42 -4.63
N SER B 204 15.76 23.07 -3.74
CA SER B 204 15.12 21.77 -3.73
C SER B 204 14.12 21.53 -4.87
N GLN B 205 13.77 22.58 -5.63
CA GLN B 205 12.91 22.45 -6.80
C GLN B 205 13.65 21.72 -7.91
N LEU B 206 13.13 20.55 -8.31
CA LEU B 206 13.75 19.70 -9.33
C LEU B 206 13.32 20.10 -10.73
N LYS B 207 14.28 20.12 -11.66
CA LYS B 207 14.04 20.31 -13.08
C LYS B 207 14.74 19.17 -13.84
N ASP B 208 13.92 18.31 -14.46
CA ASP B 208 14.38 17.07 -15.09
C ASP B 208 15.20 16.20 -14.11
N GLY B 209 14.72 16.11 -12.87
CA GLY B 209 15.29 15.27 -11.84
C GLY B 209 16.34 15.93 -10.94
N ASP B 210 17.05 16.92 -11.49
CA ASP B 210 18.18 17.56 -10.81
C ASP B 210 17.75 18.75 -9.94
N ALA B 211 18.26 18.79 -8.71
CA ALA B 211 18.17 19.94 -7.82
C ALA B 211 19.33 20.88 -8.14
N THR B 212 19.29 22.09 -7.56
CA THR B 212 20.33 23.09 -7.72
C THR B 212 21.18 23.12 -6.44
N PRO B 213 22.53 23.08 -6.55
CA PRO B 213 23.38 23.07 -5.36
C PRO B 213 23.46 24.43 -4.66
N ILE B 214 23.76 24.39 -3.35
CA ILE B 214 24.04 25.56 -2.55
C ILE B 214 25.47 25.39 -2.03
N VAL B 215 26.27 26.46 -2.17
CA VAL B 215 27.65 26.48 -1.73
C VAL B 215 27.82 27.56 -0.67
N VAL B 216 28.47 27.20 0.44
CA VAL B 216 28.83 28.13 1.49
C VAL B 216 30.25 28.63 1.21
N VAL B 217 30.44 29.96 1.29
CA VAL B 217 31.74 30.61 1.06
C VAL B 217 32.08 31.51 2.23
N ASP B 218 33.37 31.75 2.42
CA ASP B 218 33.86 32.68 3.44
C ASP B 218 33.51 34.09 2.98
N GLY B 219 32.51 34.68 3.65
CA GLY B 219 31.93 35.95 3.24
C GLY B 219 32.79 37.18 3.50
N LYS B 220 33.80 37.04 4.36
CA LYS B 220 34.70 38.14 4.71
C LYS B 220 36.11 37.98 4.14
N ALA B 221 36.32 36.93 3.33
CA ALA B 221 37.60 36.67 2.68
C ALA B 221 37.80 37.58 1.46
N LYS B 222 39.05 37.69 1.01
CA LYS B 222 39.42 38.46 -0.19
C LYS B 222 38.94 37.77 -1.47
N GLU B 223 39.01 36.44 -1.47
CA GLU B 223 38.57 35.58 -2.57
C GLU B 223 37.91 34.34 -2.00
N ILE B 224 37.08 33.67 -2.81
CA ILE B 224 36.56 32.36 -2.48
C ILE B 224 37.65 31.33 -2.79
N SER B 225 37.46 30.11 -2.29
CA SER B 225 38.45 29.03 -2.40
C SER B 225 38.63 28.54 -3.85
N ASP B 226 39.81 27.97 -4.12
CA ASP B 226 40.10 27.29 -5.38
C ASP B 226 39.10 26.17 -5.67
N ASP B 227 38.68 25.47 -4.61
CA ASP B 227 37.70 24.39 -4.71
C ASP B 227 36.33 24.91 -5.11
N ALA B 228 35.92 26.05 -4.51
CA ALA B 228 34.67 26.73 -4.86
C ALA B 228 34.70 27.21 -6.31
N LYS B 229 35.81 27.85 -6.71
CA LYS B 229 36.02 28.34 -8.07
C LYS B 229 35.94 27.21 -9.09
N SER B 230 36.60 26.09 -8.76
CA SER B 230 36.64 24.91 -9.61
C SER B 230 35.26 24.30 -9.77
N PHE B 231 34.54 24.16 -8.65
CA PHE B 231 33.18 23.65 -8.63
C PHE B 231 32.22 24.57 -9.40
N LEU B 232 32.29 25.87 -9.11
CA LEU B 232 31.37 26.86 -9.71
C LEU B 232 31.57 27.04 -11.20
N GLY B 233 32.79 26.78 -11.69
CA GLY B 233 33.12 26.84 -13.10
C GLY B 233 32.68 28.14 -13.74
N THR B 234 31.77 28.05 -14.72
CA THR B 234 31.25 29.20 -15.46
C THR B 234 29.72 29.23 -15.39
N SER B 235 29.18 29.16 -14.17
CA SER B 235 27.75 29.07 -13.94
C SER B 235 27.18 30.38 -13.42
N ASP B 236 25.87 30.57 -13.61
CA ASP B 236 25.13 31.68 -13.01
C ASP B 236 25.05 31.44 -11.51
N VAL B 237 25.32 32.48 -10.74
CA VAL B 237 25.26 32.43 -9.28
C VAL B 237 24.28 33.47 -8.76
N ASP B 238 23.42 33.05 -7.83
CA ASP B 238 22.56 33.92 -7.05
C ASP B 238 23.09 33.90 -5.62
N ILE B 239 23.59 35.06 -5.16
CA ILE B 239 24.04 35.23 -3.79
C ILE B 239 22.81 35.54 -2.95
N ILE B 240 22.65 34.80 -1.85
CA ILE B 240 21.57 35.03 -0.89
C ILE B 240 22.17 35.64 0.38
N GLY B 241 21.69 36.84 0.71
CA GLY B 241 22.14 37.57 1.88
C GLY B 241 22.81 38.88 1.49
N GLY B 242 22.93 39.79 2.47
CA GLY B 242 23.51 41.11 2.28
C GLY B 242 25.04 41.11 2.37
N LYS B 243 25.62 42.31 2.38
CA LYS B 243 27.07 42.50 2.43
C LYS B 243 27.68 41.87 3.68
N ASN B 244 26.95 41.95 4.80
CA ASN B 244 27.39 41.42 6.09
C ASN B 244 27.47 39.88 6.15
N SER B 245 26.84 39.21 5.18
CA SER B 245 26.92 37.76 5.04
C SER B 245 27.96 37.37 3.97
N VAL B 246 27.88 38.03 2.82
CA VAL B 246 28.79 37.83 1.69
C VAL B 246 29.23 39.19 1.16
N SER B 247 30.50 39.55 1.39
CA SER B 247 31.02 40.88 1.09
C SER B 247 31.01 41.22 -0.40
N LYS B 248 31.33 42.49 -0.69
CA LYS B 248 31.48 43.01 -2.04
C LYS B 248 32.65 42.29 -2.74
N GLU B 249 33.72 42.04 -1.97
CA GLU B 249 34.92 41.35 -2.44
C GLU B 249 34.59 39.96 -2.98
N ILE B 250 33.77 39.22 -2.26
CA ILE B 250 33.39 37.87 -2.63
C ILE B 250 32.53 37.87 -3.90
N GLU B 251 31.66 38.87 -4.03
CA GLU B 251 30.81 39.01 -5.21
C GLU B 251 31.68 39.17 -6.45
N GLU B 252 32.66 40.08 -6.38
CA GLU B 252 33.65 40.31 -7.44
C GLU B 252 34.41 39.01 -7.76
N SER B 253 34.93 38.36 -6.71
CA SER B 253 35.61 37.08 -6.82
C SER B 253 34.81 36.07 -7.65
N ILE B 254 33.53 35.92 -7.33
CA ILE B 254 32.63 35.00 -8.04
C ILE B 254 32.39 35.48 -9.47
N ASP B 255 32.23 36.80 -9.64
CA ASP B 255 32.10 37.44 -10.96
C ASP B 255 33.29 37.06 -11.85
N SER B 256 34.51 37.27 -11.32
CA SER B 256 35.76 37.02 -12.05
C SER B 256 35.93 35.57 -12.45
N ALA B 257 35.68 34.66 -11.50
CA ALA B 257 35.87 33.23 -11.69
C ALA B 257 34.92 32.67 -12.74
N THR B 258 33.62 32.95 -12.56
CA THR B 258 32.56 32.47 -13.44
C THR B 258 32.51 33.20 -14.79
N GLY B 259 32.93 34.47 -14.79
CA GLY B 259 32.82 35.34 -15.94
C GLY B 259 31.40 35.84 -16.20
N LYS B 260 30.48 35.55 -15.27
CA LYS B 260 29.07 35.95 -15.35
C LYS B 260 28.72 36.76 -14.12
N THR B 261 27.91 37.80 -14.30
CA THR B 261 27.55 38.73 -13.24
C THR B 261 26.57 38.07 -12.27
N PRO B 262 26.97 37.80 -11.01
CA PRO B 262 26.08 37.12 -10.06
C PRO B 262 24.95 38.04 -9.57
N ASP B 263 23.76 37.46 -9.40
CA ASP B 263 22.62 38.17 -8.81
C ASP B 263 22.74 38.18 -7.30
N ARG B 264 21.93 39.01 -6.65
CA ARG B 264 21.89 39.13 -5.20
C ARG B 264 20.45 39.31 -4.71
N ILE B 265 19.96 38.31 -3.97
CA ILE B 265 18.67 38.34 -3.32
C ILE B 265 18.91 38.51 -1.82
N SER B 266 18.51 39.67 -1.28
CA SER B 266 18.83 40.05 0.09
C SER B 266 17.91 41.14 0.63
N GLY B 267 17.94 41.31 1.96
CA GLY B 267 17.23 42.37 2.67
C GLY B 267 18.05 42.82 3.86
N ASP B 268 17.46 43.70 4.67
CA ASP B 268 18.14 44.29 5.83
C ASP B 268 18.27 43.31 6.99
N ASP B 269 17.38 42.32 7.03
CA ASP B 269 17.39 41.23 8.01
C ASP B 269 16.98 39.90 7.36
N ARG B 270 16.97 38.83 8.15
CA ARG B 270 16.67 37.48 7.66
C ARG B 270 15.25 37.34 7.11
N GLN B 271 14.27 37.97 7.77
CA GLN B 271 12.87 37.94 7.35
C GLN B 271 12.65 38.69 6.03
N ALA B 272 13.39 39.80 5.85
CA ALA B 272 13.36 40.57 4.61
C ALA B 272 13.94 39.76 3.45
N THR B 273 15.09 39.13 3.69
CA THR B 273 15.72 38.22 2.72
C THR B 273 14.78 37.08 2.33
N ASN B 274 14.05 36.54 3.31
CA ASN B 274 13.09 35.46 3.10
C ASN B 274 11.96 35.92 2.17
N ALA B 275 11.44 37.13 2.45
CA ALA B 275 10.44 37.78 1.61
C ALA B 275 10.93 37.98 0.17
N GLU B 276 12.19 38.43 0.02
CA GLU B 276 12.80 38.66 -1.30
C GLU B 276 12.91 37.37 -2.14
N VAL B 277 13.19 36.24 -1.49
CA VAL B 277 13.22 34.94 -2.17
C VAL B 277 11.88 34.67 -2.82
N LEU B 278 10.79 34.92 -2.08
CA LEU B 278 9.43 34.73 -2.58
C LEU B 278 9.11 35.71 -3.72
N LYS B 279 9.47 36.98 -3.53
CA LYS B 279 9.26 38.04 -4.52
C LYS B 279 10.03 37.81 -5.82
N GLU B 280 11.17 37.11 -5.75
CA GLU B 280 12.01 36.82 -6.90
C GLU B 280 11.29 35.93 -7.93
N ASP B 281 11.08 36.49 -9.12
CA ASP B 281 10.30 35.86 -10.19
C ASP B 281 10.89 34.54 -10.72
N ASP B 282 12.21 34.42 -10.65
CA ASP B 282 12.93 33.20 -11.06
C ASP B 282 12.54 31.98 -10.23
N TYR B 283 12.24 32.21 -8.94
CA TYR B 283 11.95 31.16 -7.98
C TYR B 283 10.44 30.85 -7.86
N PHE B 284 9.61 31.91 -7.96
CA PHE B 284 8.16 31.81 -7.82
C PHE B 284 7.46 32.80 -8.75
N THR B 285 6.31 32.38 -9.28
CA THR B 285 5.49 33.18 -10.20
C THR B 285 4.34 33.83 -9.41
N ASP B 286 4.08 35.11 -9.72
CA ASP B 286 3.03 35.89 -9.05
C ASP B 286 1.66 35.30 -9.32
N GLY B 287 0.86 35.16 -8.25
CA GLY B 287 -0.49 34.62 -8.33
C GLY B 287 -0.57 33.16 -8.72
N GLU B 288 0.51 32.40 -8.50
CA GLU B 288 0.56 30.97 -8.78
C GLU B 288 1.20 30.13 -7.67
N VAL B 289 1.39 30.75 -6.49
CA VAL B 289 1.92 30.08 -5.31
C VAL B 289 0.78 29.85 -4.34
N VAL B 290 0.34 28.59 -4.24
CA VAL B 290 -0.82 28.21 -3.42
C VAL B 290 -0.42 27.42 -2.17
N ASN B 291 0.68 26.66 -2.26
CA ASN B 291 1.18 25.83 -1.18
C ASN B 291 2.28 26.59 -0.41
N TYR B 292 2.18 26.58 0.93
CA TYR B 292 3.08 27.33 1.80
C TYR B 292 3.50 26.52 3.02
N PHE B 293 4.79 26.65 3.39
CA PHE B 293 5.34 26.09 4.63
C PHE B 293 5.76 27.25 5.54
N VAL B 294 5.65 27.03 6.85
CA VAL B 294 6.07 28.01 7.85
C VAL B 294 6.94 27.30 8.89
N ALA B 295 8.05 27.96 9.26
CA ALA B 295 8.99 27.44 10.24
C ALA B 295 9.64 28.61 10.96
N LYS B 296 10.28 28.31 12.09
CA LYS B 296 10.92 29.31 12.92
C LYS B 296 12.11 29.94 12.19
N ASP B 297 12.39 31.21 12.53
CA ASP B 297 13.41 32.02 11.85
C ASP B 297 14.80 31.84 12.45
N GLY B 298 14.86 31.39 13.71
CA GLY B 298 16.11 31.14 14.40
C GLY B 298 16.66 32.37 15.11
N SER B 299 15.80 33.35 15.36
CA SER B 299 16.15 34.58 16.08
C SER B 299 16.45 34.28 17.54
N THR B 300 15.64 33.39 18.13
CA THR B 300 15.78 32.96 19.51
C THR B 300 17.03 32.08 19.69
N LYS B 301 17.18 31.08 18.81
CA LYS B 301 18.39 30.26 18.69
C LYS B 301 18.57 29.80 17.25
N GLU B 302 19.82 29.88 16.76
CA GLU B 302 20.16 29.61 15.36
C GLU B 302 19.95 28.15 14.94
N ASP B 303 20.23 27.22 15.84
CA ASP B 303 20.09 25.79 15.56
C ASP B 303 18.63 25.33 15.37
N GLN B 304 17.68 26.17 15.77
CA GLN B 304 16.25 25.89 15.60
C GLN B 304 15.74 26.07 14.16
N LEU B 305 16.67 26.31 13.23
CA LEU B 305 16.38 26.35 11.80
C LEU B 305 16.41 24.97 11.14
N VAL B 306 16.71 23.92 11.92
CA VAL B 306 16.73 22.54 11.44
C VAL B 306 15.35 22.04 10.98
N ASP B 307 14.29 22.64 11.54
CA ASP B 307 12.92 22.34 11.13
C ASP B 307 12.73 22.69 9.66
N ALA B 308 13.21 23.89 9.28
CA ALA B 308 13.18 24.36 7.90
C ALA B 308 14.05 23.50 6.98
N LEU B 309 15.19 23.03 7.52
CA LEU B 309 16.12 22.16 6.80
C LEU B 309 15.44 20.88 6.38
N ALA B 310 14.77 20.23 7.33
CA ALA B 310 14.04 18.98 7.09
C ALA B 310 12.83 19.16 6.17
N ALA B 311 12.21 20.34 6.23
CA ALA B 311 10.98 20.64 5.50
C ALA B 311 11.24 21.06 4.05
N ALA B 312 12.38 21.72 3.82
CA ALA B 312 12.71 22.35 2.55
C ALA B 312 12.64 21.43 1.33
N PRO B 313 13.16 20.18 1.39
CA PRO B 313 13.04 19.26 0.26
C PRO B 313 11.58 19.01 -0.10
N ILE B 314 10.75 18.75 0.92
CA ILE B 314 9.33 18.49 0.73
C ILE B 314 8.64 19.70 0.10
N ALA B 315 8.97 20.90 0.59
CA ALA B 315 8.45 22.17 0.07
C ALA B 315 8.78 22.34 -1.41
N GLY B 316 10.02 22.00 -1.79
CA GLY B 316 10.47 22.05 -3.16
C GLY B 316 9.74 21.11 -4.09
N ARG B 317 9.37 19.92 -3.59
CA ARG B 317 8.69 18.89 -4.38
C ARG B 317 7.18 18.82 -4.14
N PHE B 318 6.67 19.66 -3.23
CA PHE B 318 5.28 19.63 -2.79
C PHE B 318 4.28 19.61 -3.95
N LYS B 319 3.36 18.64 -3.93
CA LYS B 319 2.28 18.49 -4.90
C LYS B 319 2.73 18.76 -6.35
N GLU B 320 2.05 19.70 -7.03
CA GLU B 320 2.36 20.10 -8.40
C GLU B 320 2.68 21.60 -8.46
N SER B 321 3.03 22.17 -7.30
CA SER B 321 3.30 23.59 -7.16
C SER B 321 4.27 23.78 -5.99
N PRO B 322 5.56 24.06 -6.26
CA PRO B 322 6.54 24.28 -5.19
C PRO B 322 6.09 25.33 -4.17
N ALA B 323 6.48 25.12 -2.91
CA ALA B 323 6.14 26.01 -1.80
C ALA B 323 7.39 26.67 -1.27
N PRO B 324 7.30 27.94 -0.80
CA PRO B 324 8.39 28.57 -0.06
C PRO B 324 8.29 28.18 1.39
N ILE B 325 9.28 28.58 2.19
CA ILE B 325 9.21 28.53 3.64
C ILE B 325 9.27 29.96 4.14
N ILE B 326 8.25 30.36 4.91
CA ILE B 326 8.22 31.63 5.59
C ILE B 326 8.86 31.45 6.97
N LEU B 327 9.90 32.25 7.24
CA LEU B 327 10.67 32.17 8.49
C LEU B 327 10.11 33.15 9.51
N ALA B 328 9.49 32.63 10.57
CA ALA B 328 8.83 33.43 11.59
C ALA B 328 8.54 32.61 12.85
N THR B 329 9.14 33.01 13.97
CA THR B 329 8.91 32.40 15.27
C THR B 329 7.74 33.08 15.99
N ASP B 330 7.93 34.36 16.33
CA ASP B 330 6.96 35.15 17.09
C ASP B 330 6.07 36.03 16.19
N THR B 331 6.66 36.58 15.13
CA THR B 331 6.01 37.55 14.27
C THR B 331 6.50 37.50 12.83
N LEU B 332 5.56 37.65 11.88
CA LEU B 332 5.84 37.91 10.47
C LEU B 332 6.29 39.36 10.30
N SER B 333 7.28 39.59 9.43
CA SER B 333 7.72 40.92 9.05
C SER B 333 6.71 41.52 8.07
N SER B 334 6.77 42.85 7.93
CA SER B 334 5.93 43.57 6.98
C SER B 334 6.20 43.12 5.55
N ASP B 335 7.48 42.88 5.25
CA ASP B 335 7.94 42.44 3.93
C ASP B 335 7.36 41.08 3.55
N GLN B 336 7.30 40.17 4.53
CA GLN B 336 6.73 38.83 4.33
C GLN B 336 5.23 38.90 4.02
N ASN B 337 4.48 39.67 4.82
CA ASN B 337 3.06 39.90 4.59
C ASN B 337 2.78 40.34 3.16
N VAL B 338 3.54 41.34 2.70
CA VAL B 338 3.44 41.84 1.33
C VAL B 338 3.76 40.73 0.34
N ALA B 339 4.90 40.06 0.55
CA ALA B 339 5.41 39.02 -0.34
C ALA B 339 4.34 37.97 -0.64
N VAL B 340 3.74 37.42 0.42
CA VAL B 340 2.71 36.40 0.30
C VAL B 340 1.48 36.94 -0.44
N SER B 341 1.08 38.18 -0.10
CA SER B 341 -0.06 38.85 -0.71
C SER B 341 0.03 38.88 -2.25
N LYS B 342 1.22 39.18 -2.75
CA LYS B 342 1.49 39.24 -4.19
C LYS B 342 1.69 37.85 -4.80
N ALA B 343 2.18 36.91 -3.97
CA ALA B 343 2.44 35.54 -4.39
C ALA B 343 1.15 34.74 -4.59
N VAL B 344 0.25 34.81 -3.60
CA VAL B 344 -1.00 34.05 -3.59
C VAL B 344 -1.96 34.51 -4.69
N PRO B 345 -2.72 33.60 -5.34
CA PRO B 345 -3.75 34.01 -6.30
C PRO B 345 -4.95 34.72 -5.67
N LYS B 346 -5.87 35.18 -6.53
CA LYS B 346 -7.12 35.81 -6.10
C LYS B 346 -7.95 34.86 -5.24
N ASP B 347 -7.98 33.58 -5.64
CA ASP B 347 -8.70 32.51 -4.94
C ASP B 347 -8.18 32.25 -3.52
N GLY B 348 -6.88 32.46 -3.31
CA GLY B 348 -6.21 32.21 -2.04
C GLY B 348 -5.37 30.94 -2.07
N GLY B 349 -4.81 30.58 -0.92
CA GLY B 349 -3.97 29.41 -0.77
C GLY B 349 -4.78 28.13 -0.67
N THR B 350 -4.12 27.00 -0.98
CA THR B 350 -4.72 25.67 -0.94
C THR B 350 -4.05 24.69 0.04
N ASN B 351 -2.90 25.10 0.61
CA ASN B 351 -2.14 24.28 1.55
C ASN B 351 -1.23 25.13 2.43
N LEU B 352 -1.26 24.88 3.74
CA LEU B 352 -0.43 25.56 4.71
C LEU B 352 0.08 24.54 5.72
N VAL B 353 1.41 24.40 5.79
CA VAL B 353 2.05 23.41 6.63
C VAL B 353 2.96 24.09 7.65
N GLN B 354 2.51 24.14 8.90
CA GLN B 354 3.32 24.61 10.02
C GLN B 354 4.26 23.47 10.44
N VAL B 355 5.56 23.78 10.50
CA VAL B 355 6.59 22.81 10.87
C VAL B 355 7.24 23.20 12.19
N GLY B 356 7.03 22.37 13.22
CA GLY B 356 7.63 22.54 14.52
C GLY B 356 6.70 23.21 15.52
N LYS B 357 7.10 23.16 16.79
CA LYS B 357 6.39 23.80 17.90
C LYS B 357 6.96 25.20 18.04
N GLY B 358 6.37 25.99 18.94
CA GLY B 358 6.89 27.29 19.33
C GLY B 358 6.73 28.43 18.33
N ILE B 359 6.02 28.17 17.21
CA ILE B 359 5.60 29.22 16.28
C ILE B 359 4.33 29.85 16.86
N ALA B 360 4.37 31.17 17.08
CA ALA B 360 3.29 31.90 17.72
C ALA B 360 2.01 31.84 16.89
N SER B 361 0.88 31.98 17.57
CA SER B 361 -0.45 31.84 16.96
C SER B 361 -0.76 32.94 15.95
N SER B 362 -0.37 34.18 16.29
CA SER B 362 -0.55 35.35 15.42
C SER B 362 -0.01 35.08 14.02
N VAL B 363 1.18 34.45 13.95
CA VAL B 363 1.85 34.08 12.71
C VAL B 363 0.97 33.22 11.80
N ILE B 364 0.45 32.12 12.35
CA ILE B 364 -0.40 31.19 11.58
C ILE B 364 -1.69 31.89 11.17
N ASN B 365 -2.27 32.65 12.12
CA ASN B 365 -3.48 33.42 11.88
C ASN B 365 -3.28 34.41 10.73
N LYS B 366 -2.20 35.19 10.80
CA LYS B 366 -1.82 36.12 9.73
C LYS B 366 -1.72 35.41 8.38
N MET B 367 -1.02 34.26 8.36
CA MET B 367 -0.87 33.44 7.17
C MET B 367 -2.23 32.98 6.64
N LYS B 368 -3.08 32.51 7.55
CA LYS B 368 -4.44 32.08 7.21
C LYS B 368 -5.27 33.21 6.60
N ASP B 369 -5.10 34.43 7.13
CA ASP B 369 -5.75 35.63 6.58
C ASP B 369 -5.25 35.93 5.17
N LEU B 370 -3.92 36.02 5.02
CA LEU B 370 -3.26 36.33 3.73
C LEU B 370 -3.62 35.34 2.63
N LEU B 371 -3.75 34.06 3.00
CA LEU B 371 -4.12 32.99 2.07
C LEU B 371 -5.64 32.78 1.94
N ASP B 372 -6.42 33.56 2.70
CA ASP B 372 -7.87 33.40 2.83
C ASP B 372 -8.21 31.97 3.25
N MET B 373 -7.78 31.63 4.47
CA MET B 373 -8.01 30.33 5.10
C MET B 373 -8.47 30.53 6.55
N ALA C 1 23.83 -10.07 -20.06
CA ALA C 1 23.39 -11.21 -19.21
C ALA C 1 22.12 -10.86 -18.44
N THR C 2 21.40 -11.89 -17.98
CA THR C 2 20.15 -11.73 -17.22
C THR C 2 20.24 -12.46 -15.88
N THR C 3 19.60 -11.87 -14.86
CA THR C 3 19.72 -12.35 -13.48
C THR C 3 19.12 -13.76 -13.29
N GLY C 4 19.94 -14.66 -12.74
CA GLY C 4 19.53 -16.02 -12.48
C GLY C 4 19.79 -17.02 -13.60
N THR C 5 20.18 -16.52 -14.79
CA THR C 5 20.53 -17.36 -15.93
C THR C 5 21.85 -18.10 -15.67
N GLN C 6 22.15 -19.09 -16.53
CA GLN C 6 23.38 -19.85 -16.43
C GLN C 6 24.53 -19.06 -17.03
N GLY C 7 25.62 -18.94 -16.26
CA GLY C 7 26.76 -18.10 -16.60
C GLY C 7 27.59 -17.80 -15.37
N TYR C 8 28.71 -17.09 -15.57
CA TYR C 8 29.70 -16.85 -14.53
C TYR C 8 29.55 -15.48 -13.90
N THR C 9 29.78 -15.42 -12.58
CA THR C 9 29.72 -14.20 -11.81
C THR C 9 31.09 -13.97 -11.17
N VAL C 10 31.82 -12.99 -11.72
CA VAL C 10 33.11 -12.56 -11.23
C VAL C 10 32.92 -11.38 -10.29
N VAL C 11 33.54 -11.43 -9.11
CA VAL C 11 33.57 -10.31 -8.19
C VAL C 11 34.57 -9.27 -8.70
N LYS C 12 34.43 -8.02 -8.23
CA LYS C 12 35.24 -6.90 -8.71
C LYS C 12 36.73 -7.19 -8.61
N ASN C 13 37.18 -7.62 -7.44
CA ASN C 13 38.60 -7.87 -7.16
C ASN C 13 39.31 -8.74 -8.20
N ASP C 14 38.55 -9.64 -8.84
CA ASP C 14 39.06 -10.58 -9.83
C ASP C 14 38.78 -10.18 -11.28
N TRP C 15 38.46 -8.91 -11.53
CA TRP C 15 38.10 -8.44 -12.88
C TRP C 15 39.27 -8.57 -13.85
N LYS C 16 40.48 -8.33 -13.34
CA LYS C 16 41.69 -8.31 -14.15
C LYS C 16 42.00 -9.67 -14.76
N LYS C 17 41.95 -10.73 -13.95
CA LYS C 17 42.19 -12.10 -14.45
C LYS C 17 41.09 -12.55 -15.42
N ALA C 18 39.85 -12.15 -15.16
CA ALA C 18 38.70 -12.47 -16.01
C ALA C 18 38.85 -11.87 -17.41
N VAL C 19 39.20 -10.59 -17.47
CA VAL C 19 39.42 -9.89 -18.75
C VAL C 19 40.61 -10.50 -19.49
N LYS C 20 41.65 -10.89 -18.74
CA LYS C 20 42.85 -11.52 -19.30
C LYS C 20 42.51 -12.84 -19.99
N GLN C 21 41.58 -13.61 -19.41
CA GLN C 21 41.12 -14.86 -19.98
C GLN C 21 40.38 -14.64 -21.30
N LEU C 22 39.55 -13.59 -21.33
CA LEU C 22 38.86 -13.19 -22.56
C LEU C 22 39.85 -12.72 -23.63
N GLN C 23 40.87 -11.97 -23.19
CA GLN C 23 41.96 -11.52 -24.06
C GLN C 23 42.73 -12.71 -24.64
N ASP C 24 43.13 -13.64 -23.75
CA ASP C 24 43.79 -14.88 -24.14
C ASP C 24 42.91 -15.66 -25.12
N GLY C 25 41.61 -15.75 -24.82
CA GLY C 25 40.61 -16.39 -25.66
C GLY C 25 40.51 -15.76 -27.04
N LEU C 26 40.59 -14.42 -27.10
CA LEU C 26 40.62 -13.69 -28.36
C LEU C 26 41.91 -13.98 -29.13
N LYS C 27 43.03 -14.05 -28.40
CA LYS C 27 44.34 -14.28 -28.98
C LYS C 27 44.52 -15.70 -29.53
N ASP C 28 44.07 -16.70 -28.77
CA ASP C 28 44.16 -18.11 -29.17
C ASP C 28 43.01 -18.57 -30.06
N ASN C 29 42.11 -17.64 -30.40
CA ASN C 29 41.04 -17.85 -31.38
C ASN C 29 39.87 -18.72 -30.87
N SER C 30 39.77 -18.87 -29.55
CA SER C 30 38.62 -19.51 -28.91
C SER C 30 37.38 -18.65 -29.10
N ILE C 31 37.55 -17.34 -28.94
CA ILE C 31 36.46 -16.37 -28.91
C ILE C 31 36.40 -15.60 -30.22
N GLY C 32 35.26 -15.72 -30.91
CA GLY C 32 35.01 -15.04 -32.18
C GLY C 32 34.48 -13.63 -32.00
N LYS C 33 33.68 -13.42 -30.95
CA LYS C 33 33.08 -12.12 -30.65
C LYS C 33 32.69 -11.98 -29.17
N ILE C 34 32.86 -10.76 -28.65
CA ILE C 34 32.41 -10.39 -27.30
C ILE C 34 31.61 -9.09 -27.37
N THR C 35 30.33 -9.17 -26.99
CA THR C 35 29.46 -8.00 -26.87
C THR C 35 29.47 -7.54 -25.42
N VAL C 36 29.89 -6.29 -25.20
CA VAL C 36 30.07 -5.70 -23.87
C VAL C 36 28.90 -4.77 -23.51
N SER C 37 28.46 -4.86 -22.25
CA SER C 37 27.38 -4.03 -21.72
C SER C 37 27.79 -3.44 -20.38
N PHE C 38 27.59 -2.12 -20.21
CA PHE C 38 27.72 -1.46 -18.92
C PHE C 38 26.30 -1.32 -18.35
N ASN C 39 26.08 -1.96 -17.19
CA ASN C 39 24.75 -2.23 -16.66
C ASN C 39 23.88 -2.85 -17.77
N ASP C 40 22.64 -2.37 -17.91
CA ASP C 40 21.68 -2.93 -18.87
C ASP C 40 21.95 -2.58 -20.35
N GLY C 41 22.78 -1.55 -20.58
CA GLY C 41 23.03 -1.01 -21.91
C GLY C 41 24.28 -1.56 -22.59
N VAL C 42 24.12 -1.99 -23.85
CA VAL C 42 25.23 -2.45 -24.70
C VAL C 42 26.01 -1.23 -25.18
N VAL C 43 27.32 -1.22 -24.91
CA VAL C 43 28.20 -0.10 -25.21
C VAL C 43 29.26 -0.36 -26.28
N GLY C 44 29.56 -1.64 -26.54
CA GLY C 44 30.60 -2.02 -27.48
C GLY C 44 30.58 -3.47 -27.91
N GLU C 45 31.32 -3.76 -28.97
CA GLU C 45 31.40 -5.07 -29.60
C GLU C 45 32.84 -5.30 -30.06
N VAL C 46 33.48 -6.33 -29.51
CA VAL C 46 34.87 -6.67 -29.82
C VAL C 46 34.89 -7.93 -30.70
N ALA C 47 35.64 -7.85 -31.81
CA ALA C 47 35.79 -8.94 -32.75
C ALA C 47 36.97 -8.68 -33.69
N PRO C 48 37.88 -9.65 -33.91
CA PRO C 48 38.96 -9.47 -34.89
C PRO C 48 38.42 -9.40 -36.31
N LYS C 49 38.99 -8.50 -37.13
CA LYS C 49 38.56 -8.30 -38.51
C LYS C 49 38.74 -9.57 -39.34
N SER C 50 39.80 -10.32 -39.04
CA SER C 50 40.04 -11.64 -39.63
C SER C 50 40.79 -12.52 -38.62
N ALA C 51 40.16 -13.64 -38.23
CA ALA C 51 40.68 -14.53 -37.20
C ALA C 51 42.03 -15.17 -37.55
N ASN C 52 42.28 -15.37 -38.85
CA ASN C 52 43.53 -15.93 -39.35
C ASN C 52 44.76 -15.03 -39.20
N LYS C 53 44.54 -13.73 -38.97
CA LYS C 53 45.62 -12.77 -38.72
C LYS C 53 45.83 -12.56 -37.23
N LYS C 54 47.09 -12.70 -36.78
CA LYS C 54 47.48 -12.52 -35.39
C LYS C 54 47.26 -11.08 -34.92
N ALA C 55 47.71 -10.13 -35.74
CA ALA C 55 47.61 -8.70 -35.44
C ALA C 55 46.17 -8.28 -35.11
N ASP C 56 45.21 -8.79 -35.88
CA ASP C 56 43.79 -8.48 -35.70
C ASP C 56 43.24 -9.02 -34.37
N ARG C 57 43.72 -10.20 -33.96
CA ARG C 57 43.33 -10.80 -32.68
C ARG C 57 43.87 -10.01 -31.50
N ASP C 58 45.13 -9.57 -31.60
CA ASP C 58 45.77 -8.71 -30.58
C ASP C 58 45.08 -7.37 -30.47
N ALA C 59 44.69 -6.80 -31.62
CA ALA C 59 43.97 -5.54 -31.71
C ALA C 59 42.64 -5.62 -30.97
N ALA C 60 41.93 -6.74 -31.18
CA ALA C 60 40.66 -7.01 -30.50
C ALA C 60 40.85 -7.05 -28.98
N ALA C 61 41.91 -7.73 -28.54
CA ALA C 61 42.24 -7.88 -27.12
C ALA C 61 42.57 -6.54 -26.46
N GLU C 62 43.35 -5.70 -27.15
CA GLU C 62 43.70 -4.37 -26.68
C GLU C 62 42.48 -3.46 -26.56
N LYS C 63 41.63 -3.49 -27.59
CA LYS C 63 40.38 -2.73 -27.62
C LYS C 63 39.46 -3.13 -26.47
N LEU C 64 39.36 -4.44 -26.21
CA LEU C 64 38.54 -4.97 -25.13
C LEU C 64 38.96 -4.39 -23.78
N TYR C 65 40.27 -4.40 -23.52
CA TYR C 65 40.84 -3.88 -22.28
C TYR C 65 40.64 -2.38 -22.17
N ASN C 66 41.03 -1.66 -23.23
CA ASN C 66 40.90 -0.20 -23.31
C ASN C 66 39.47 0.28 -22.98
N LEU C 67 38.48 -0.44 -23.51
CA LEU C 67 37.06 -0.15 -23.31
C LEU C 67 36.62 -0.26 -21.85
N VAL C 68 36.94 -1.40 -21.23
CA VAL C 68 36.33 -1.83 -19.96
C VAL C 68 37.17 -1.59 -18.70
N ASN C 69 38.48 -1.37 -18.85
CA ASN C 69 39.40 -1.36 -17.72
C ASN C 69 39.07 -0.30 -16.67
N THR C 70 38.64 0.89 -17.11
CA THR C 70 38.28 1.97 -16.20
C THR C 70 36.92 1.70 -15.54
N GLN C 71 35.95 1.23 -16.33
CA GLN C 71 34.61 0.89 -15.86
C GLN C 71 34.64 -0.17 -14.76
N LEU C 72 35.42 -1.23 -14.99
CA LEU C 72 35.58 -2.33 -14.05
C LEU C 72 36.36 -1.92 -12.82
N ASP C 73 37.47 -1.21 -13.03
CA ASP C 73 38.38 -0.80 -11.96
C ASP C 73 37.72 0.16 -10.97
N LYS C 74 36.82 1.00 -11.46
CA LYS C 74 36.14 2.02 -10.64
C LYS C 74 34.64 1.71 -10.44
N LEU C 75 34.27 0.45 -10.66
CA LEU C 75 32.89 -0.01 -10.57
C LEU C 75 32.28 0.33 -9.20
N GLY C 76 31.15 1.04 -9.21
CA GLY C 76 30.43 1.42 -8.01
C GLY C 76 29.43 0.36 -7.60
N ASP C 77 28.75 0.59 -6.46
CA ASP C 77 27.73 -0.32 -5.96
C ASP C 77 26.49 -0.29 -6.83
N GLY C 78 25.99 -1.49 -7.19
CA GLY C 78 24.85 -1.66 -8.06
C GLY C 78 25.20 -1.74 -9.53
N ASP C 79 26.43 -1.33 -9.87
CA ASP C 79 26.92 -1.36 -11.25
C ASP C 79 27.53 -2.71 -11.58
N TYR C 80 27.51 -3.04 -12.88
CA TYR C 80 27.96 -4.33 -13.37
C TYR C 80 28.28 -4.26 -14.86
N VAL C 81 29.13 -5.19 -15.31
CA VAL C 81 29.54 -5.30 -16.70
C VAL C 81 29.28 -6.72 -17.17
N ASP C 82 28.51 -6.84 -18.26
CA ASP C 82 28.15 -8.13 -18.85
C ASP C 82 28.89 -8.34 -20.16
N PHE C 83 29.45 -9.55 -20.32
CA PHE C 83 30.12 -9.99 -21.53
C PHE C 83 29.36 -11.16 -22.13
N SER C 84 28.86 -10.98 -23.35
CA SER C 84 28.27 -12.08 -24.13
C SER C 84 29.32 -12.59 -25.10
N VAL C 85 29.78 -13.83 -24.86
CA VAL C 85 30.98 -14.38 -25.50
C VAL C 85 30.66 -15.48 -26.51
N ASP C 86 30.67 -15.12 -27.81
CA ASP C 86 30.59 -16.08 -28.89
C ASP C 86 31.93 -16.79 -28.99
N TYR C 87 31.94 -18.08 -28.66
CA TYR C 87 33.16 -18.90 -28.65
C TYR C 87 32.98 -20.13 -29.52
N ASN C 88 34.09 -20.80 -29.83
CA ASN C 88 34.11 -22.05 -30.56
C ASN C 88 35.45 -22.79 -30.39
N LEU C 89 35.49 -23.70 -29.42
CA LEU C 89 36.71 -24.39 -29.00
C LEU C 89 37.46 -25.12 -30.13
N GLU C 90 36.74 -25.53 -31.18
CA GLU C 90 37.35 -26.18 -32.34
C GLU C 90 38.31 -25.27 -33.12
N ASN C 91 38.07 -23.96 -33.06
CA ASN C 91 38.92 -22.95 -33.69
C ASN C 91 40.16 -22.60 -32.87
N LYS C 92 40.19 -23.01 -31.60
CA LYS C 92 41.29 -22.71 -30.68
C LYS C 92 42.60 -23.31 -31.19
N ILE C 93 43.68 -22.52 -31.08
CA ILE C 93 45.01 -22.90 -31.56
C ILE C 93 46.08 -22.63 -30.50
N ILE C 94 47.28 -23.14 -30.78
CA ILE C 94 48.46 -22.94 -29.96
C ILE C 94 49.28 -21.87 -30.69
N THR C 95 49.20 -20.63 -30.18
CA THR C 95 49.76 -19.45 -30.82
C THR C 95 51.26 -19.26 -30.57
N ASN C 96 51.77 -19.85 -29.49
CA ASN C 96 53.18 -19.76 -29.10
C ASN C 96 53.95 -20.99 -29.58
N GLN C 97 55.11 -20.75 -30.21
CA GLN C 97 56.01 -21.82 -30.64
C GLN C 97 56.72 -22.44 -29.42
N ALA C 98 56.88 -21.64 -28.36
CA ALA C 98 57.47 -22.11 -27.11
C ALA C 98 56.56 -23.10 -26.38
N ASP C 99 55.24 -22.89 -26.50
CA ASP C 99 54.23 -23.79 -25.95
C ASP C 99 54.20 -25.14 -26.66
N ALA C 100 54.34 -25.12 -27.99
CA ALA C 100 54.40 -26.33 -28.81
C ALA C 100 55.64 -27.14 -28.49
N GLU C 101 56.78 -26.45 -28.35
CA GLU C 101 58.05 -27.07 -27.97
C GLU C 101 58.03 -27.60 -26.52
N ALA C 102 57.21 -26.97 -25.67
CA ALA C 102 57.01 -27.40 -24.28
C ALA C 102 56.26 -28.73 -24.20
N ILE C 103 55.38 -28.98 -25.17
CA ILE C 103 54.66 -30.25 -25.31
C ILE C 103 55.57 -31.33 -25.87
N VAL C 104 56.39 -30.98 -26.87
CA VAL C 104 57.36 -31.88 -27.48
C VAL C 104 58.33 -32.44 -26.44
N THR C 105 58.84 -31.55 -25.57
CA THR C 105 59.74 -31.93 -24.49
C THR C 105 59.01 -32.75 -23.42
N LYS C 106 57.71 -32.47 -23.23
CA LYS C 106 56.83 -33.24 -22.34
C LYS C 106 56.67 -34.67 -22.86
N LEU C 107 56.51 -34.81 -24.19
CA LEU C 107 56.44 -36.10 -24.86
C LEU C 107 57.80 -36.81 -24.84
N ASN C 108 58.86 -36.04 -25.07
CA ASN C 108 60.24 -36.57 -25.06
C ASN C 108 60.71 -37.08 -23.70
N SER C 109 60.10 -36.58 -22.62
CA SER C 109 60.39 -37.03 -21.26
C SER C 109 59.85 -38.44 -20.96
N LEU C 110 59.06 -38.98 -21.90
CA LEU C 110 58.55 -40.35 -21.84
C LEU C 110 59.35 -41.34 -22.69
N ASN C 111 60.28 -40.85 -23.51
CA ASN C 111 61.04 -41.67 -24.46
C ASN C 111 61.60 -42.98 -23.90
N GLU C 112 62.06 -42.95 -22.65
CA GLU C 112 62.67 -44.10 -21.96
C GLU C 112 61.66 -45.01 -21.25
N LYS C 113 60.40 -44.58 -21.17
CA LYS C 113 59.34 -45.35 -20.52
C LYS C 113 59.08 -46.63 -21.32
N THR C 114 59.20 -47.79 -20.64
CA THR C 114 58.95 -49.09 -21.24
C THR C 114 57.44 -49.34 -21.34
N LEU C 115 56.98 -49.64 -22.56
CA LEU C 115 55.58 -49.93 -22.84
C LEU C 115 55.30 -51.43 -22.69
N ILE C 116 56.17 -52.24 -23.30
CA ILE C 116 56.13 -53.70 -23.20
C ILE C 116 57.51 -54.21 -22.79
N ASP C 117 57.54 -55.05 -21.74
CA ASP C 117 58.77 -55.67 -21.24
C ASP C 117 59.18 -56.83 -22.14
N ILE C 118 60.44 -57.28 -21.98
CA ILE C 118 60.95 -58.44 -22.69
C ILE C 118 60.19 -59.67 -22.18
N ALA C 119 59.87 -60.59 -23.09
CA ALA C 119 59.05 -61.76 -22.80
C ALA C 119 59.77 -62.78 -21.91
N THR C 120 58.97 -63.54 -21.15
CA THR C 120 59.46 -64.66 -20.35
C THR C 120 58.61 -65.88 -20.65
N LYS C 121 58.93 -67.01 -20.02
CA LYS C 121 58.18 -68.25 -20.16
C LYS C 121 56.80 -68.15 -19.50
N ASP C 122 56.72 -67.32 -18.45
CA ASP C 122 55.48 -67.07 -17.71
C ASP C 122 54.62 -65.98 -18.36
N THR C 123 55.24 -64.82 -18.62
CA THR C 123 54.53 -63.62 -19.05
C THR C 123 54.80 -63.26 -20.52
N PHE C 124 53.74 -62.84 -21.23
CA PHE C 124 53.83 -62.31 -22.58
C PHE C 124 54.67 -61.04 -22.58
N GLY C 125 55.39 -60.81 -23.69
CA GLY C 125 56.23 -59.65 -23.85
C GLY C 125 56.80 -59.56 -25.25
N MET C 126 57.95 -58.87 -25.37
CA MET C 126 58.64 -58.69 -26.64
C MET C 126 59.50 -59.90 -26.94
N VAL C 127 59.30 -60.49 -28.13
CA VAL C 127 60.10 -61.59 -28.65
C VAL C 127 60.70 -61.20 -29.99
N SER C 128 61.62 -62.03 -30.50
CA SER C 128 62.26 -61.82 -31.79
C SER C 128 61.31 -62.18 -32.94
N LYS C 129 61.57 -61.58 -34.11
CA LYS C 129 60.72 -61.76 -35.30
C LYS C 129 60.81 -63.17 -35.88
N THR C 130 61.98 -63.79 -35.73
CA THR C 130 62.23 -65.15 -36.21
C THR C 130 62.45 -66.08 -35.01
N GLN C 131 61.92 -67.31 -35.12
CA GLN C 131 62.01 -68.32 -34.07
C GLN C 131 63.34 -69.05 -34.15
N ASP C 132 63.70 -69.74 -33.06
CA ASP C 132 64.92 -70.54 -32.99
C ASP C 132 64.81 -71.79 -33.89
N SER C 133 65.88 -72.60 -33.91
CA SER C 133 65.96 -73.81 -34.73
C SER C 133 64.80 -74.79 -34.51
N GLU C 134 64.33 -74.89 -33.26
CA GLU C 134 63.26 -75.81 -32.87
C GLU C 134 61.85 -75.31 -33.19
N GLY C 135 61.73 -74.03 -33.56
CA GLY C 135 60.47 -73.41 -33.92
C GLY C 135 59.69 -72.87 -32.73
N LYS C 136 60.43 -72.26 -31.79
CA LYS C 136 59.87 -71.60 -30.62
C LYS C 136 60.39 -70.16 -30.51
N ASN C 137 59.56 -69.28 -29.94
CA ASN C 137 59.90 -67.87 -29.79
C ASN C 137 61.01 -67.65 -28.77
N VAL C 138 61.94 -66.73 -29.10
CA VAL C 138 63.03 -66.35 -28.23
C VAL C 138 62.88 -64.86 -27.88
N ALA C 139 63.26 -64.52 -26.65
CA ALA C 139 63.16 -63.15 -26.13
C ALA C 139 63.86 -62.15 -27.04
N ALA C 140 63.32 -60.92 -27.08
CA ALA C 140 63.89 -59.83 -27.84
C ALA C 140 65.11 -59.27 -27.12
N THR C 141 65.98 -58.59 -27.86
CA THR C 141 67.17 -57.96 -27.31
C THR C 141 66.83 -56.86 -26.29
N LYS C 142 65.94 -55.95 -26.67
CA LYS C 142 65.52 -54.81 -25.85
C LYS C 142 64.01 -54.78 -25.65
N ALA C 143 63.56 -54.08 -24.60
CA ALA C 143 62.15 -53.84 -24.34
C ALA C 143 61.62 -52.81 -25.32
N LEU C 144 60.29 -52.72 -25.43
CA LEU C 144 59.62 -51.72 -26.24
C LEU C 144 59.39 -50.47 -25.40
N LYS C 145 60.12 -49.39 -25.73
CA LYS C 145 59.98 -48.10 -25.09
C LYS C 145 59.31 -47.13 -26.06
N VAL C 146 58.97 -45.94 -25.55
CA VAL C 146 58.27 -44.91 -26.34
C VAL C 146 59.12 -44.43 -27.52
N LYS C 147 60.44 -44.33 -27.32
CA LYS C 147 61.39 -43.94 -28.36
C LYS C 147 61.34 -44.87 -29.58
N ASP C 148 61.02 -46.14 -29.35
CA ASP C 148 60.90 -47.16 -30.40
C ASP C 148 59.62 -47.01 -31.23
N VAL C 149 58.58 -46.41 -30.61
CA VAL C 149 57.24 -46.31 -31.19
C VAL C 149 57.08 -45.08 -32.08
N ALA C 150 57.58 -43.93 -31.61
CA ALA C 150 57.48 -42.67 -32.35
C ALA C 150 58.47 -41.60 -31.89
N THR C 151 58.77 -40.67 -32.81
CA THR C 151 59.53 -39.46 -32.52
C THR C 151 58.58 -38.27 -32.52
N PHE C 152 58.96 -37.22 -31.78
CA PHE C 152 58.12 -36.04 -31.60
C PHE C 152 58.79 -34.77 -32.10
N GLY C 153 58.00 -33.71 -32.26
CA GLY C 153 58.44 -32.44 -32.78
C GLY C 153 57.30 -31.70 -33.45
N LEU C 154 57.41 -30.37 -33.53
CA LEU C 154 56.38 -29.55 -34.17
C LEU C 154 56.43 -29.70 -35.69
N LYS C 155 55.26 -29.66 -36.32
CA LYS C 155 55.10 -29.81 -37.76
C LYS C 155 55.58 -28.55 -38.48
N SER C 156 56.07 -28.74 -39.71
CA SER C 156 56.46 -27.64 -40.58
C SER C 156 55.22 -26.88 -41.05
N GLY C 157 55.41 -25.60 -41.37
CA GLY C 157 54.36 -24.73 -41.89
C GLY C 157 53.52 -24.02 -40.84
N GLY C 158 53.88 -24.21 -39.56
CA GLY C 158 53.19 -23.57 -38.44
C GLY C 158 53.54 -22.09 -38.36
N SER C 159 52.64 -21.31 -37.75
CA SER C 159 52.83 -19.86 -37.56
C SER C 159 51.92 -19.33 -36.46
N GLU C 160 52.18 -18.11 -36.01
CA GLU C 160 51.36 -17.45 -34.99
C GLU C 160 49.98 -17.07 -35.52
N ASP C 161 49.90 -16.80 -36.83
CA ASP C 161 48.64 -16.57 -37.53
C ASP C 161 47.71 -17.79 -37.47
N THR C 162 48.15 -18.90 -38.04
CA THR C 162 47.34 -20.11 -38.23
C THR C 162 47.40 -21.07 -37.03
N GLY C 163 48.53 -21.07 -36.32
CA GLY C 163 48.75 -21.89 -35.13
C GLY C 163 49.81 -22.93 -35.37
N TYR C 164 50.46 -23.37 -34.28
CA TYR C 164 51.45 -24.44 -34.32
C TYR C 164 50.80 -25.78 -34.00
N VAL C 165 51.44 -26.86 -34.43
CA VAL C 165 50.92 -28.22 -34.28
C VAL C 165 52.06 -29.20 -33.97
N VAL C 166 52.03 -29.78 -32.77
CA VAL C 166 52.95 -30.84 -32.37
C VAL C 166 52.61 -32.12 -33.15
N GLU C 167 53.63 -32.76 -33.72
CA GLU C 167 53.46 -33.91 -34.59
C GLU C 167 54.20 -35.14 -34.06
N MET C 168 53.59 -36.31 -34.29
CA MET C 168 54.15 -37.60 -33.91
C MET C 168 54.34 -38.43 -35.18
N LYS C 169 55.55 -38.95 -35.36
CA LYS C 169 55.90 -39.77 -36.52
C LYS C 169 56.20 -41.19 -36.06
N ALA C 170 55.42 -42.15 -36.58
CA ALA C 170 55.54 -43.56 -36.22
C ALA C 170 56.91 -44.10 -36.62
N GLY C 171 57.51 -44.91 -35.75
CA GLY C 171 58.78 -45.56 -35.99
C GLY C 171 58.59 -46.88 -36.72
N ALA C 172 59.52 -47.82 -36.47
CA ALA C 172 59.45 -49.16 -37.02
C ALA C 172 59.97 -50.17 -36.00
N VAL C 173 59.27 -51.30 -35.87
CA VAL C 173 59.66 -52.38 -34.96
C VAL C 173 59.60 -53.72 -35.67
N GLU C 174 60.70 -54.48 -35.61
CA GLU C 174 60.79 -55.81 -36.18
C GLU C 174 60.33 -56.86 -35.17
N ASP C 175 60.70 -56.66 -33.90
CA ASP C 175 60.29 -57.50 -32.78
C ASP C 175 58.77 -57.55 -32.67
N LYS C 176 58.27 -58.66 -32.15
CA LYS C 176 56.84 -58.96 -32.09
C LYS C 176 56.42 -59.26 -30.65
N TYR C 177 55.17 -59.72 -30.48
CA TYR C 177 54.57 -59.96 -29.16
C TYR C 177 54.30 -61.46 -28.97
N GLY C 178 54.82 -62.02 -27.88
CA GLY C 178 54.63 -63.43 -27.55
C GLY C 178 55.29 -63.87 -26.25
N LYS C 179 55.29 -65.19 -26.01
CA LYS C 179 55.96 -65.82 -24.87
C LYS C 179 57.20 -66.55 -25.38
N VAL C 180 58.27 -66.58 -24.56
CA VAL C 180 59.49 -67.28 -24.92
C VAL C 180 59.24 -68.79 -24.76
N GLY C 181 59.69 -69.57 -25.73
CA GLY C 181 59.49 -71.01 -25.76
C GLY C 181 58.16 -71.46 -26.35
N ASP C 182 57.35 -70.49 -26.81
CA ASP C 182 56.06 -70.77 -27.42
C ASP C 182 56.25 -71.02 -28.92
N SER C 183 55.45 -71.94 -29.47
CA SER C 183 55.52 -72.34 -30.87
C SER C 183 54.80 -71.36 -31.80
N THR C 184 53.72 -70.73 -31.32
CA THR C 184 52.95 -69.76 -32.09
C THR C 184 53.80 -68.52 -32.38
N ALA C 185 53.70 -68.01 -33.62
CA ALA C 185 54.50 -66.88 -34.08
C ALA C 185 54.11 -65.59 -33.36
N GLY C 186 55.12 -64.78 -33.03
CA GLY C 186 54.93 -63.48 -32.41
C GLY C 186 53.97 -62.60 -33.21
N ILE C 187 53.10 -61.88 -32.49
CA ILE C 187 52.09 -61.00 -33.08
C ILE C 187 52.72 -59.66 -33.43
N ALA C 188 52.42 -59.16 -34.64
CA ALA C 188 52.93 -57.88 -35.12
C ALA C 188 52.39 -56.74 -34.26
N ILE C 189 53.28 -55.79 -33.95
CA ILE C 189 52.95 -54.62 -33.12
C ILE C 189 52.48 -53.48 -34.03
N ASN C 190 51.17 -53.17 -33.95
CA ASN C 190 50.58 -52.05 -34.66
C ASN C 190 50.99 -50.72 -34.02
N LEU C 191 51.80 -49.96 -34.76
CA LEU C 191 52.24 -48.63 -34.32
C LEU C 191 51.18 -47.59 -34.66
N PRO C 192 51.17 -46.41 -34.01
CA PRO C 192 50.16 -45.39 -34.26
C PRO C 192 50.11 -44.92 -35.71
N SER C 193 48.97 -45.15 -36.37
CA SER C 193 48.70 -44.66 -37.72
C SER C 193 47.73 -43.49 -37.72
N THR C 194 47.01 -43.31 -36.60
CA THR C 194 46.04 -42.22 -36.41
C THR C 194 46.37 -41.42 -35.16
N GLY C 195 45.76 -40.23 -35.04
CA GLY C 195 45.98 -39.32 -33.93
C GLY C 195 47.42 -38.89 -33.84
N LEU C 196 48.02 -38.61 -35.00
CA LEU C 196 49.43 -38.25 -35.11
C LEU C 196 49.68 -36.76 -34.85
N GLU C 197 48.61 -35.96 -34.88
CA GLU C 197 48.65 -34.51 -34.70
C GLU C 197 47.92 -34.08 -33.45
N TYR C 198 48.32 -32.93 -32.90
CA TYR C 198 47.63 -32.26 -31.80
C TYR C 198 47.79 -30.75 -31.94
N ALA C 199 46.70 -30.09 -32.34
CA ALA C 199 46.65 -28.63 -32.50
C ALA C 199 46.15 -27.94 -31.22
N GLY C 200 45.56 -28.70 -30.31
CA GLY C 200 45.02 -28.19 -29.06
C GLY C 200 43.69 -27.49 -29.29
N LYS C 201 42.79 -28.16 -30.02
CA LYS C 201 41.50 -27.61 -30.39
C LYS C 201 40.53 -27.67 -29.21
N GLY C 202 40.80 -26.83 -28.20
CA GLY C 202 40.04 -26.80 -26.97
C GLY C 202 40.15 -28.08 -26.15
N THR C 203 41.24 -28.83 -26.36
CA THR C 203 41.47 -30.10 -25.66
C THR C 203 42.93 -30.19 -25.23
N THR C 204 43.19 -31.08 -24.28
CA THR C 204 44.53 -31.38 -23.78
C THR C 204 44.82 -32.87 -23.89
N ILE C 205 46.09 -33.22 -24.06
CA ILE C 205 46.53 -34.60 -24.28
C ILE C 205 46.30 -35.44 -23.01
N ASP C 206 45.45 -36.47 -23.14
CA ASP C 206 45.22 -37.44 -22.07
C ASP C 206 46.35 -38.46 -22.09
N PHE C 207 47.27 -38.33 -21.14
CA PHE C 207 48.47 -39.18 -21.07
C PHE C 207 48.20 -40.59 -20.53
N ASN C 208 47.04 -40.78 -19.89
CA ASN C 208 46.56 -42.11 -19.49
C ASN C 208 46.16 -42.96 -20.71
N LYS C 209 45.72 -42.31 -21.78
CA LYS C 209 45.29 -42.97 -23.02
C LYS C 209 46.24 -42.81 -24.20
N THR C 210 47.12 -41.80 -24.15
CA THR C 210 48.08 -41.51 -25.21
C THR C 210 49.33 -42.39 -25.06
N LEU C 211 49.77 -42.98 -26.18
CA LEU C 211 50.92 -43.89 -26.22
C LEU C 211 50.79 -45.01 -25.20
N LYS C 212 49.61 -45.66 -25.20
CA LYS C 212 49.32 -46.79 -24.33
C LYS C 212 49.13 -48.04 -25.18
N VAL C 213 49.58 -49.18 -24.65
CA VAL C 213 49.45 -50.47 -25.33
C VAL C 213 48.04 -51.03 -25.13
N ASP C 214 47.47 -51.57 -26.21
CA ASP C 214 46.14 -52.18 -26.22
C ASP C 214 46.25 -53.61 -26.77
N VAL C 215 46.35 -54.58 -25.86
CA VAL C 215 46.41 -56.00 -26.21
C VAL C 215 44.99 -56.53 -26.38
N THR C 216 44.73 -57.20 -27.50
CA THR C 216 43.42 -57.77 -27.83
C THR C 216 43.49 -59.29 -27.86
N GLY C 217 42.58 -59.94 -27.12
CA GLY C 217 42.46 -61.39 -27.09
C GLY C 217 42.38 -62.00 -25.70
N GLY C 218 42.99 -61.32 -24.72
CA GLY C 218 43.04 -61.79 -23.34
C GLY C 218 44.07 -62.88 -23.15
N SER C 219 43.61 -64.08 -22.76
CA SER C 219 44.46 -65.24 -22.50
C SER C 219 45.24 -65.67 -23.75
N THR C 220 44.57 -65.63 -24.91
CA THR C 220 45.18 -65.89 -26.21
C THR C 220 45.19 -64.59 -27.00
N PRO C 221 46.29 -63.78 -26.92
CA PRO C 221 46.35 -62.52 -27.65
C PRO C 221 46.38 -62.71 -29.17
N SER C 222 45.68 -61.81 -29.89
CA SER C 222 45.59 -61.84 -31.34
C SER C 222 46.06 -60.54 -32.01
N ALA C 223 46.07 -59.44 -31.25
CA ALA C 223 46.47 -58.13 -31.76
C ALA C 223 47.03 -57.23 -30.66
N VAL C 224 48.04 -56.44 -31.00
CA VAL C 224 48.64 -55.45 -30.11
C VAL C 224 48.77 -54.12 -30.85
N ALA C 225 48.28 -53.05 -30.21
CA ALA C 225 48.26 -51.71 -30.78
C ALA C 225 48.77 -50.68 -29.76
N VAL C 226 49.44 -49.64 -30.27
CA VAL C 226 49.86 -48.50 -29.47
C VAL C 226 49.17 -47.26 -30.02
N SER C 227 48.41 -46.58 -29.15
CA SER C 227 47.64 -45.39 -29.52
C SER C 227 48.55 -44.19 -29.82
N GLY C 228 48.04 -43.26 -30.63
CA GLY C 228 48.69 -41.98 -30.89
C GLY C 228 48.27 -40.99 -29.82
N PHE C 229 48.01 -39.75 -30.24
CA PHE C 229 47.45 -38.73 -29.34
C PHE C 229 45.98 -39.01 -29.10
N VAL C 230 45.62 -39.20 -27.82
CA VAL C 230 44.23 -39.28 -27.38
C VAL C 230 43.99 -38.13 -26.42
N THR C 231 43.09 -37.22 -26.82
CA THR C 231 42.83 -35.98 -26.08
C THR C 231 41.68 -36.15 -25.08
N LYS C 232 41.52 -35.13 -24.24
CA LYS C 232 40.40 -35.02 -23.30
C LYS C 232 39.94 -33.56 -23.27
N ASP C 233 38.64 -33.36 -23.14
CA ASP C 233 38.03 -32.04 -23.07
C ASP C 233 38.47 -31.38 -21.78
N ASP C 234 39.19 -30.25 -21.89
CA ASP C 234 39.72 -29.51 -20.75
C ASP C 234 38.64 -28.89 -19.84
N THR C 235 37.43 -28.73 -20.40
CA THR C 235 36.25 -28.32 -19.64
C THR C 235 35.04 -29.18 -20.01
N ASP C 236 34.07 -29.24 -19.10
CA ASP C 236 32.83 -30.01 -19.27
C ASP C 236 31.87 -29.31 -20.25
N LEU C 237 32.08 -28.00 -20.43
CA LEU C 237 31.20 -27.13 -21.20
C LEU C 237 31.26 -27.47 -22.70
N ALA C 238 30.16 -27.16 -23.41
CA ALA C 238 30.00 -27.43 -24.83
C ALA C 238 31.10 -26.81 -25.70
N LYS C 239 31.38 -27.45 -26.85
CA LYS C 239 32.42 -27.03 -27.79
C LYS C 239 32.12 -25.66 -28.39
N SER C 240 30.87 -25.46 -28.81
CA SER C 240 30.42 -24.22 -29.45
C SER C 240 29.22 -23.65 -28.68
N GLY C 241 29.05 -22.33 -28.79
CA GLY C 241 27.91 -21.63 -28.19
C GLY C 241 28.19 -20.19 -27.84
N THR C 242 27.45 -19.71 -26.84
CA THR C 242 27.56 -18.35 -26.31
C THR C 242 27.43 -18.39 -24.79
N ILE C 243 28.35 -17.71 -24.10
CA ILE C 243 28.36 -17.70 -22.64
C ILE C 243 28.30 -16.27 -22.09
N ASN C 244 27.60 -16.12 -20.97
CA ASN C 244 27.41 -14.85 -20.28
C ASN C 244 28.28 -14.77 -19.04
N VAL C 245 29.11 -13.72 -18.98
CA VAL C 245 29.95 -13.42 -17.82
C VAL C 245 29.52 -12.06 -17.28
N ARG C 246 29.44 -11.96 -15.95
CA ARG C 246 29.03 -10.73 -15.27
C ARG C 246 29.98 -10.41 -14.14
N VAL C 247 30.50 -9.18 -14.13
CA VAL C 247 31.26 -8.65 -13.01
C VAL C 247 30.31 -7.81 -12.16
N ILE C 248 30.42 -7.95 -10.83
CA ILE C 248 29.58 -7.22 -9.88
C ILE C 248 30.47 -6.62 -8.81
N ASN C 249 29.95 -5.58 -8.13
CA ASN C 249 30.65 -4.91 -7.05
C ASN C 249 30.29 -5.55 -5.70
N ALA C 250 30.72 -6.80 -5.53
CA ALA C 250 30.49 -7.56 -4.32
C ALA C 250 31.80 -8.22 -3.87
N LYS C 251 31.96 -8.36 -2.55
CA LYS C 251 33.12 -9.01 -1.96
C LYS C 251 32.90 -10.54 -1.97
N GLU C 252 33.98 -11.29 -2.26
CA GLU C 252 33.93 -12.74 -2.22
C GLU C 252 34.18 -13.21 -0.80
N GLU C 253 33.31 -14.11 -0.32
CA GLU C 253 33.47 -14.76 0.98
C GLU C 253 33.83 -16.23 0.79
N SER C 254 35.11 -16.55 1.05
CA SER C 254 35.62 -17.91 1.01
C SER C 254 35.39 -18.54 2.38
N ILE C 255 34.54 -19.57 2.42
CA ILE C 255 34.25 -20.31 3.64
C ILE C 255 34.78 -21.74 3.48
N ASP C 256 35.99 -21.99 3.99
CA ASP C 256 36.60 -23.30 4.00
C ASP C 256 36.38 -23.91 5.37
N ILE C 257 35.56 -24.97 5.43
CA ILE C 257 35.18 -25.63 6.67
C ILE C 257 36.37 -26.39 7.29
N ASP C 258 37.30 -26.80 6.43
CA ASP C 258 38.50 -27.53 6.85
C ASP C 258 39.59 -26.63 7.44
N ALA C 259 39.48 -25.31 7.21
CA ALA C 259 40.40 -24.32 7.76
C ALA C 259 40.34 -24.27 9.29
N SER C 260 41.38 -23.69 9.90
CA SER C 260 41.47 -23.52 11.34
C SER C 260 40.46 -22.49 11.85
N SER C 261 40.28 -21.43 11.07
CA SER C 261 39.33 -20.36 11.35
C SER C 261 38.46 -20.14 10.11
N TYR C 262 37.14 -20.17 10.31
CA TYR C 262 36.17 -19.82 9.27
C TYR C 262 34.92 -19.20 9.91
N THR C 263 34.08 -18.60 9.05
CA THR C 263 32.81 -18.04 9.49
C THR C 263 31.86 -19.19 9.78
N SER C 264 31.38 -19.25 11.02
CA SER C 264 30.39 -20.24 11.43
C SER C 264 29.10 -19.98 10.65
N ALA C 265 28.32 -21.05 10.44
CA ALA C 265 27.03 -20.96 9.77
C ALA C 265 26.10 -19.95 10.45
N GLU C 266 26.22 -19.83 11.78
CA GLU C 266 25.43 -18.90 12.59
C GLU C 266 25.75 -17.46 12.23
N ASN C 267 27.04 -17.10 12.32
CA ASN C 267 27.49 -15.74 12.01
C ASN C 267 27.25 -15.35 10.56
N LEU C 268 27.24 -16.34 9.66
CA LEU C 268 26.93 -16.14 8.26
C LEU C 268 25.46 -15.78 8.06
N ALA C 269 24.58 -16.49 8.77
CA ALA C 269 23.14 -16.21 8.79
C ALA C 269 22.87 -14.84 9.40
N LYS C 270 23.60 -14.52 10.47
CA LYS C 270 23.53 -13.23 11.15
C LYS C 270 23.89 -12.05 10.24
N ARG C 271 24.81 -12.28 9.29
CA ARG C 271 25.34 -11.23 8.44
C ARG C 271 24.56 -11.02 7.14
N TYR C 272 23.99 -12.11 6.59
CA TYR C 272 23.22 -12.06 5.34
C TYR C 272 21.88 -12.78 5.46
N VAL C 273 20.92 -12.35 4.64
CA VAL C 273 19.65 -13.04 4.45
C VAL C 273 19.76 -13.84 3.15
N PHE C 274 19.51 -15.14 3.24
CA PHE C 274 19.53 -16.03 2.09
C PHE C 274 18.11 -16.40 1.69
N ASP C 275 17.91 -16.65 0.39
CA ASP C 275 16.65 -17.14 -0.13
C ASP C 275 16.45 -18.57 0.37
N PRO C 276 15.35 -18.86 1.12
CA PRO C 276 15.13 -20.20 1.66
C PRO C 276 15.17 -21.32 0.61
N ASP C 277 14.58 -21.07 -0.56
CA ASP C 277 14.53 -22.05 -1.66
C ASP C 277 15.90 -22.31 -2.26
N GLU C 278 16.76 -21.28 -2.26
CA GLU C 278 18.15 -21.39 -2.71
C GLU C 278 18.93 -22.37 -1.83
N ILE C 279 18.71 -22.28 -0.50
CA ILE C 279 19.36 -23.14 0.47
C ILE C 279 18.81 -24.56 0.40
N SER C 280 17.49 -24.68 0.54
CA SER C 280 16.79 -25.97 0.57
C SER C 280 17.14 -26.84 -0.65
N GLU C 281 17.19 -26.22 -1.83
CA GLU C 281 17.57 -26.90 -3.06
C GLU C 281 19.03 -27.35 -3.04
N ALA C 282 19.91 -26.52 -2.47
CA ALA C 282 21.32 -26.85 -2.29
C ALA C 282 21.48 -27.99 -1.29
N TYR C 283 20.74 -27.92 -0.18
CA TYR C 283 20.78 -28.93 0.87
C TYR C 283 20.30 -30.28 0.34
N LYS C 284 19.19 -30.27 -0.40
CA LYS C 284 18.62 -31.46 -1.04
C LYS C 284 19.60 -32.10 -2.04
N ALA C 285 20.33 -31.25 -2.76
CA ALA C 285 21.34 -31.69 -3.72
C ALA C 285 22.52 -32.37 -3.04
N ILE C 286 22.88 -31.89 -1.84
CA ILE C 286 23.94 -32.46 -1.01
C ILE C 286 23.53 -33.82 -0.43
N VAL C 287 22.32 -33.86 0.16
CA VAL C 287 21.77 -35.07 0.75
C VAL C 287 21.62 -36.17 -0.31
N ALA C 288 21.07 -35.79 -1.46
CA ALA C 288 20.89 -36.70 -2.60
C ALA C 288 22.23 -37.26 -3.10
N LEU C 289 23.26 -36.40 -3.14
CA LEU C 289 24.61 -36.79 -3.55
C LEU C 289 25.28 -37.67 -2.49
N GLN C 290 25.00 -37.37 -1.22
CA GLN C 290 25.54 -38.13 -0.08
C GLN C 290 24.96 -39.55 -0.02
N ASN C 291 23.62 -39.64 -0.06
CA ASN C 291 22.90 -40.90 0.12
C ASN C 291 22.83 -41.77 -1.13
N ASP C 292 22.53 -41.13 -2.28
CA ASP C 292 22.19 -41.85 -3.51
C ASP C 292 23.22 -41.80 -4.65
N GLY C 293 24.22 -40.92 -4.55
CA GLY C 293 25.21 -40.75 -5.60
C GLY C 293 24.79 -39.83 -6.76
N ILE C 294 23.57 -39.30 -6.67
CA ILE C 294 23.00 -38.37 -7.65
C ILE C 294 23.76 -37.03 -7.65
N GLU C 295 24.41 -36.74 -8.79
CA GLU C 295 25.17 -35.49 -8.98
C GLU C 295 24.25 -34.35 -9.42
N SER C 296 24.68 -33.12 -9.12
CA SER C 296 23.90 -31.92 -9.39
C SER C 296 24.77 -30.72 -9.74
N ASN C 297 24.18 -29.75 -10.44
CA ASN C 297 24.82 -28.48 -10.76
C ASN C 297 25.04 -27.62 -9.50
N LEU C 298 24.14 -27.77 -8.52
CA LEU C 298 24.13 -27.00 -7.28
C LEU C 298 25.33 -27.28 -6.37
N VAL C 299 25.79 -28.54 -6.37
CA VAL C 299 26.94 -28.99 -5.57
C VAL C 299 27.98 -29.62 -6.50
N GLN C 300 29.24 -29.20 -6.38
CA GLN C 300 30.29 -29.60 -7.30
C GLN C 300 31.66 -29.76 -6.66
N LEU C 301 32.42 -30.74 -7.18
CA LEU C 301 33.78 -31.02 -6.78
C LEU C 301 34.74 -30.11 -7.55
N VAL C 302 35.41 -29.21 -6.83
CA VAL C 302 36.39 -28.30 -7.40
C VAL C 302 37.61 -28.23 -6.49
N ASN C 303 38.77 -28.65 -7.01
CA ASN C 303 40.04 -28.65 -6.27
C ASN C 303 39.99 -29.48 -4.99
N GLY C 304 39.53 -30.73 -5.13
CA GLY C 304 39.45 -31.69 -4.04
C GLY C 304 38.52 -31.27 -2.89
N LYS C 305 37.55 -30.40 -3.20
CA LYS C 305 36.61 -29.89 -2.21
C LYS C 305 35.24 -29.68 -2.84
N TYR C 306 34.21 -30.20 -2.14
CA TYR C 306 32.82 -29.99 -2.51
C TYR C 306 32.44 -28.56 -2.12
N GLN C 307 31.75 -27.85 -3.03
CA GLN C 307 31.36 -26.46 -2.80
C GLN C 307 29.96 -26.13 -3.30
N VAL C 308 29.32 -25.17 -2.63
CA VAL C 308 28.08 -24.56 -3.07
C VAL C 308 28.29 -23.06 -3.17
N ILE C 309 27.47 -22.42 -4.02
CA ILE C 309 27.49 -20.95 -4.20
C ILE C 309 26.16 -20.35 -3.77
N PHE C 310 26.23 -19.30 -2.95
CA PHE C 310 25.06 -18.52 -2.57
C PHE C 310 25.28 -17.02 -2.83
N TYR C 311 24.30 -16.40 -3.49
CA TYR C 311 24.23 -14.96 -3.69
C TYR C 311 23.08 -14.45 -2.86
N PRO C 312 23.31 -14.06 -1.59
CA PRO C 312 22.22 -13.63 -0.71
C PRO C 312 21.51 -12.36 -1.20
N GLU C 313 20.24 -12.21 -0.80
CA GLU C 313 19.42 -11.05 -1.16
C GLU C 313 20.14 -9.78 -0.73
N GLY C 314 20.51 -9.72 0.56
CA GLY C 314 21.21 -8.60 1.14
C GLY C 314 21.68 -8.93 2.55
N LYS C 315 22.21 -7.92 3.25
CA LYS C 315 22.63 -8.08 4.64
C LYS C 315 21.41 -8.13 5.55
N ARG C 316 21.58 -8.74 6.72
CA ARG C 316 20.52 -8.87 7.70
C ARG C 316 20.51 -7.68 8.65
N LEU C 317 19.31 -7.30 9.11
CA LEU C 317 19.13 -6.18 10.03
C LEU C 317 19.72 -6.50 11.41
N GLU C 318 20.06 -5.45 12.16
CA GLU C 318 20.66 -5.54 13.49
C GLU C 318 22.10 -6.05 13.41
N ASN D 1 28.36 -24.34 -14.23
CA ASN D 1 28.66 -24.49 -12.77
C ASN D 1 28.55 -23.20 -11.96
N ASP D 2 27.71 -22.26 -12.45
CA ASP D 2 27.50 -20.96 -11.81
C ASP D 2 26.27 -20.29 -12.42
N THR D 3 25.71 -19.32 -11.69
CA THR D 3 24.59 -18.50 -12.16
C THR D 3 24.99 -17.02 -12.21
N ILE D 4 24.26 -16.24 -13.01
CA ILE D 4 24.48 -14.80 -13.14
C ILE D 4 23.79 -14.11 -11.96
N ALA D 5 24.59 -13.59 -11.04
CA ALA D 5 24.09 -13.00 -9.80
C ALA D 5 23.44 -11.64 -10.04
N SER D 6 22.51 -11.28 -9.16
CA SER D 6 21.92 -9.96 -9.10
C SER D 6 23.02 -8.93 -8.86
N GLN D 7 22.85 -7.75 -9.45
CA GLN D 7 23.80 -6.63 -9.30
C GLN D 7 23.82 -6.08 -7.86
N ASP D 8 22.73 -6.29 -7.13
CA ASP D 8 22.54 -5.75 -5.79
C ASP D 8 22.97 -6.69 -4.65
N THR D 9 23.52 -7.87 -4.99
CA THR D 9 23.98 -8.85 -4.01
C THR D 9 25.22 -8.35 -3.28
N PRO D 10 25.27 -8.42 -1.93
CA PRO D 10 26.38 -7.87 -1.16
C PRO D 10 27.64 -8.73 -1.19
N ALA D 11 27.48 -10.03 -1.45
CA ALA D 11 28.61 -10.96 -1.47
C ALA D 11 28.39 -12.16 -2.37
N LYS D 12 29.50 -12.81 -2.75
CA LYS D 12 29.49 -14.14 -3.36
C LYS D 12 30.01 -15.09 -2.29
N VAL D 13 29.11 -15.90 -1.74
CA VAL D 13 29.43 -16.86 -0.68
C VAL D 13 29.72 -18.24 -1.27
N VAL D 14 30.99 -18.66 -1.18
CA VAL D 14 31.42 -19.99 -1.61
C VAL D 14 31.82 -20.79 -0.36
N ILE D 15 31.06 -21.85 -0.09
CA ILE D 15 31.27 -22.71 1.08
C ILE D 15 31.87 -24.03 0.60
N LYS D 16 33.13 -24.29 1.01
CA LYS D 16 33.90 -25.46 0.58
C LYS D 16 34.17 -26.44 1.72
N ALA D 17 34.34 -27.71 1.37
CA ALA D 17 34.70 -28.77 2.33
C ALA D 17 35.29 -29.99 1.64
N ASN D 18 36.34 -30.57 2.24
CA ASN D 18 36.91 -31.84 1.79
C ASN D 18 35.90 -32.98 1.85
N LYS D 19 35.12 -33.01 2.94
CA LYS D 19 34.14 -34.06 3.20
C LYS D 19 32.73 -33.53 2.99
N LEU D 20 31.99 -34.17 2.08
CA LEU D 20 30.62 -33.79 1.75
C LEU D 20 29.70 -33.74 2.98
N LYS D 21 30.01 -34.57 3.99
CA LYS D 21 29.26 -34.62 5.23
C LYS D 21 29.44 -33.36 6.09
N ASP D 22 30.67 -32.83 6.14
CA ASP D 22 30.96 -31.59 6.86
C ASP D 22 30.27 -30.39 6.19
N LEU D 23 30.17 -30.44 4.87
CA LEU D 23 29.43 -29.44 4.09
C LEU D 23 27.95 -29.55 4.39
N LYS D 24 27.43 -30.76 4.30
CA LYS D 24 26.04 -31.07 4.61
C LYS D 24 25.64 -30.42 5.95
N ASP D 25 26.43 -30.66 6.99
CA ASP D 25 26.16 -30.16 8.33
C ASP D 25 26.17 -28.65 8.40
N TYR D 26 27.11 -28.02 7.70
CA TYR D 26 27.24 -26.57 7.65
C TYR D 26 26.00 -25.94 6.99
N VAL D 27 25.62 -26.48 5.82
CA VAL D 27 24.49 -25.98 5.04
C VAL D 27 23.16 -26.21 5.77
N ASP D 28 23.11 -27.26 6.60
CA ASP D 28 21.95 -27.54 7.44
C ASP D 28 21.78 -26.46 8.51
N ASP D 29 22.88 -26.17 9.22
CA ASP D 29 22.92 -25.12 10.23
C ASP D 29 22.55 -23.77 9.63
N LEU D 30 23.12 -23.47 8.46
CA LEU D 30 22.86 -22.24 7.73
C LEU D 30 21.35 -22.08 7.53
N LYS D 31 20.72 -23.13 7.00
CA LYS D 31 19.27 -23.17 6.76
C LYS D 31 18.49 -22.83 8.03
N THR D 32 18.81 -23.54 9.12
CA THR D 32 18.16 -23.37 10.42
C THR D 32 18.28 -21.94 10.92
N TYR D 33 19.52 -21.42 10.99
CA TYR D 33 19.78 -20.07 11.46
C TYR D 33 19.15 -19.02 10.55
N ASN D 34 19.14 -19.29 9.24
CA ASN D 34 18.54 -18.39 8.24
C ASN D 34 17.04 -18.27 8.47
N ASN D 35 16.36 -19.42 8.57
CA ASN D 35 14.92 -19.48 8.84
C ASN D 35 14.56 -18.92 10.21
N THR D 36 15.41 -19.19 11.20
CA THR D 36 15.19 -18.81 12.60
C THR D 36 15.27 -17.29 12.80
N TYR D 37 16.30 -16.67 12.22
CA TYR D 37 16.41 -15.21 12.25
C TYR D 37 15.39 -14.51 11.34
N SER D 38 14.61 -15.31 10.60
CA SER D 38 13.56 -14.82 9.71
C SER D 38 12.13 -15.09 10.21
N ASN D 39 11.92 -16.28 10.81
CA ASN D 39 10.59 -16.78 11.17
C ASN D 39 10.34 -16.98 12.67
N VAL D 40 11.32 -16.64 13.51
CA VAL D 40 11.16 -16.69 14.96
C VAL D 40 11.10 -15.25 15.46
N VAL D 41 9.88 -14.70 15.44
CA VAL D 41 9.61 -13.32 15.81
C VAL D 41 9.08 -13.22 17.23
N THR D 42 9.51 -12.17 17.95
CA THR D 42 8.89 -11.75 19.19
C THR D 42 8.06 -10.50 18.89
N VAL D 43 6.82 -10.46 19.38
CA VAL D 43 5.93 -9.32 19.25
C VAL D 43 5.51 -8.89 20.64
N ALA D 44 6.20 -7.88 21.17
CA ALA D 44 5.98 -7.39 22.53
C ALA D 44 6.34 -5.92 22.67
N GLY D 45 5.65 -5.24 23.59
CA GLY D 45 5.96 -3.89 24.02
C GLY D 45 6.24 -3.90 25.52
N GLU D 46 6.45 -2.71 26.08
CA GLU D 46 6.78 -2.57 27.50
C GLU D 46 5.55 -2.84 28.39
N ASP D 47 4.35 -2.50 27.89
CA ASP D 47 3.08 -2.75 28.55
C ASP D 47 2.34 -3.90 27.85
N ARG D 48 1.27 -4.39 28.50
CA ARG D 48 0.29 -5.27 27.86
C ARG D 48 -0.45 -4.52 26.75
N ILE D 49 -0.71 -3.22 26.98
CA ILE D 49 -1.36 -2.34 26.02
C ILE D 49 -0.52 -2.18 24.75
N GLU D 50 0.80 -2.06 24.94
CA GLU D 50 1.75 -1.92 23.84
C GLU D 50 1.90 -3.20 23.03
N THR D 51 1.90 -4.34 23.71
CA THR D 51 1.94 -5.66 23.07
C THR D 51 0.79 -5.82 22.07
N ALA D 52 -0.43 -5.49 22.52
CA ALA D 52 -1.63 -5.54 21.68
C ALA D 52 -1.52 -4.62 20.46
N ILE D 53 -0.97 -3.41 20.67
CA ILE D 53 -0.72 -2.46 19.60
C ILE D 53 0.31 -3.02 18.62
N GLU D 54 1.39 -3.59 19.14
CA GLU D 54 2.43 -4.22 18.33
C GLU D 54 1.84 -5.31 17.42
N LEU D 55 0.94 -6.12 18.00
CA LEU D 55 0.23 -7.16 17.25
C LEU D 55 -0.61 -6.57 16.13
N SER D 56 -1.35 -5.49 16.45
CA SER D 56 -2.22 -4.81 15.49
C SER D 56 -1.40 -4.22 14.35
N SER D 57 -0.29 -3.55 14.69
CA SER D 57 0.57 -2.89 13.71
C SER D 57 1.30 -3.86 12.79
N LYS D 58 1.59 -5.06 13.30
CA LYS D 58 2.28 -6.10 12.55
C LYS D 58 1.36 -6.87 11.61
N TYR D 59 0.13 -7.15 12.05
CA TYR D 59 -0.78 -8.07 11.37
C TYR D 59 -2.02 -7.46 10.69
N TYR D 60 -2.44 -6.27 11.15
CA TYR D 60 -3.58 -5.58 10.56
C TYR D 60 -3.15 -4.25 9.95
N ASN D 61 -3.62 -3.99 8.72
CA ASN D 61 -3.22 -2.84 7.92
C ASN D 61 -1.70 -2.73 7.83
N SER D 62 -1.07 -3.81 7.34
CA SER D 62 0.37 -4.00 7.36
C SER D 62 0.85 -4.63 6.06
N ASP D 63 2.06 -4.25 5.64
CA ASP D 63 2.71 -4.84 4.47
C ASP D 63 3.50 -6.11 4.83
N ASP D 64 3.44 -6.51 6.10
CA ASP D 64 4.12 -7.71 6.62
C ASP D 64 3.68 -8.97 5.87
N LYS D 65 4.64 -9.89 5.70
CA LYS D 65 4.46 -11.13 4.93
C LYS D 65 3.31 -12.00 5.43
N ASN D 66 3.11 -12.03 6.75
CA ASN D 66 2.07 -12.84 7.40
C ASN D 66 0.89 -12.03 7.95
N ALA D 67 0.71 -10.81 7.43
CA ALA D 67 -0.36 -9.92 7.87
C ALA D 67 -1.71 -10.54 7.54
N ILE D 68 -2.68 -10.32 8.43
CA ILE D 68 -4.05 -10.78 8.23
C ILE D 68 -4.73 -9.93 7.15
N THR D 69 -4.38 -8.65 7.10
CA THR D 69 -4.85 -7.74 6.06
C THR D 69 -3.83 -6.63 5.79
N ASP D 70 -3.70 -6.25 4.51
CA ASP D 70 -2.79 -5.20 4.07
C ASP D 70 -3.45 -3.83 3.89
N LYS D 71 -4.79 -3.83 3.82
CA LYS D 71 -5.61 -2.61 3.76
C LYS D 71 -6.07 -2.22 5.16
N ALA D 72 -6.68 -1.02 5.26
CA ALA D 72 -7.26 -0.54 6.50
C ALA D 72 -8.48 -1.37 6.87
N VAL D 73 -8.68 -1.58 8.18
CA VAL D 73 -9.81 -2.34 8.70
C VAL D 73 -10.99 -1.41 9.03
N ASN D 74 -12.18 -2.00 9.17
CA ASN D 74 -13.41 -1.30 9.49
C ASN D 74 -13.89 -1.54 10.92
N ASP D 75 -13.32 -2.54 11.60
CA ASP D 75 -13.74 -2.93 12.94
C ASP D 75 -12.56 -2.99 13.91
N ILE D 76 -12.78 -2.49 15.13
CA ILE D 76 -11.91 -2.70 16.29
C ILE D 76 -12.71 -3.49 17.34
N VAL D 77 -12.02 -4.36 18.08
CA VAL D 77 -12.55 -4.97 19.30
C VAL D 77 -11.68 -4.47 20.45
N LEU D 78 -12.29 -3.78 21.41
CA LEU D 78 -11.58 -3.18 22.53
C LEU D 78 -11.90 -3.92 23.81
N VAL D 79 -10.88 -4.14 24.64
CA VAL D 79 -10.99 -4.88 25.90
C VAL D 79 -10.26 -4.12 27.01
N GLY D 80 -10.85 -4.12 28.21
CA GLY D 80 -10.22 -3.54 29.39
C GLY D 80 -8.93 -4.27 29.70
N SER D 81 -7.83 -3.52 29.81
CA SER D 81 -6.48 -4.09 29.92
C SER D 81 -6.29 -5.02 31.13
N THR D 82 -6.93 -4.69 32.26
CA THR D 82 -6.88 -5.53 33.46
C THR D 82 -7.91 -6.66 33.41
N SER D 83 -9.10 -6.36 32.85
CA SER D 83 -10.23 -7.28 32.87
C SER D 83 -10.14 -8.32 31.75
N ILE D 84 -9.42 -9.42 32.05
CA ILE D 84 -9.37 -10.60 31.20
C ILE D 84 -10.72 -11.32 31.21
N VAL D 85 -11.43 -11.22 32.33
CA VAL D 85 -12.72 -11.89 32.57
C VAL D 85 -13.83 -11.41 31.63
N ASP D 86 -13.93 -10.08 31.45
CA ASP D 86 -14.96 -9.44 30.63
C ASP D 86 -14.79 -9.73 29.13
N GLY D 87 -13.56 -9.54 28.64
CA GLY D 87 -13.25 -9.73 27.24
C GLY D 87 -12.84 -11.14 26.87
N LEU D 88 -12.94 -12.06 27.84
CA LEU D 88 -12.45 -13.43 27.74
C LEU D 88 -12.73 -14.14 26.41
N VAL D 89 -13.98 -14.02 25.93
CA VAL D 89 -14.44 -14.72 24.73
C VAL D 89 -14.48 -13.84 23.46
N ALA D 90 -13.78 -12.70 23.51
CA ALA D 90 -13.79 -11.71 22.42
C ALA D 90 -12.94 -12.06 21.19
N SER D 91 -12.01 -13.02 21.33
CA SER D 91 -11.09 -13.38 20.25
C SER D 91 -11.81 -13.83 18.97
N PRO D 92 -12.79 -14.75 19.05
CA PRO D 92 -13.54 -15.17 17.86
C PRO D 92 -14.34 -14.05 17.19
N LEU D 93 -14.75 -13.04 17.98
CA LEU D 93 -15.41 -11.85 17.46
C LEU D 93 -14.42 -11.05 16.61
N ALA D 94 -13.27 -10.74 17.20
CA ALA D 94 -12.18 -10.05 16.52
C ALA D 94 -11.81 -10.75 15.20
N SER D 95 -11.79 -12.09 15.22
CA SER D 95 -11.47 -12.88 14.04
C SER D 95 -12.51 -12.70 12.94
N GLU D 96 -13.78 -12.92 13.28
CA GLU D 96 -14.89 -12.84 12.33
C GLU D 96 -15.06 -11.47 11.70
N LYS D 97 -14.78 -10.41 12.49
CA LYS D 97 -14.95 -9.02 12.06
C LYS D 97 -13.75 -8.43 11.32
N THR D 98 -12.66 -9.21 11.19
CA THR D 98 -11.39 -8.75 10.63
C THR D 98 -10.94 -7.50 11.38
N ALA D 99 -10.73 -7.67 12.69
CA ALA D 99 -10.44 -6.59 13.61
C ALA D 99 -9.25 -6.96 14.50
N PRO D 100 -8.36 -5.99 14.84
CA PRO D 100 -7.42 -6.20 15.94
C PRO D 100 -8.17 -6.13 17.27
N LEU D 101 -7.69 -6.89 18.25
CA LEU D 101 -8.18 -6.82 19.61
C LEU D 101 -7.21 -5.96 20.40
N LEU D 102 -7.65 -4.74 20.73
CA LEU D 102 -6.82 -3.78 21.47
C LEU D 102 -7.21 -3.73 22.93
N LEU D 103 -6.25 -3.33 23.77
CA LEU D 103 -6.44 -3.16 25.21
C LEU D 103 -6.42 -1.68 25.55
N THR D 104 -7.32 -1.27 26.45
CA THR D 104 -7.41 0.11 26.93
C THR D 104 -7.54 0.13 28.45
N SER D 105 -7.02 1.20 29.07
CA SER D 105 -7.27 1.49 30.46
C SER D 105 -8.75 1.82 30.61
N LYS D 106 -9.32 1.50 31.78
CA LYS D 106 -10.76 1.59 32.02
C LYS D 106 -11.31 3.02 31.94
N ASP D 107 -10.59 3.98 32.54
CA ASP D 107 -11.07 5.35 32.71
C ASP D 107 -10.78 6.26 31.51
N LYS D 108 -9.52 6.24 31.05
CA LYS D 108 -9.07 7.09 29.95
C LYS D 108 -8.55 6.23 28.80
N LEU D 109 -9.03 6.52 27.58
CA LEU D 109 -8.52 5.89 26.37
C LEU D 109 -7.06 6.29 26.21
N ASP D 110 -6.17 5.29 26.14
CA ASP D 110 -4.73 5.51 26.05
C ASP D 110 -4.39 6.14 24.71
N SER D 111 -3.56 7.18 24.73
CA SER D 111 -3.13 7.88 23.52
C SER D 111 -2.47 6.93 22.52
N SER D 112 -1.68 5.97 23.04
CA SER D 112 -1.07 4.91 22.24
C SER D 112 -2.12 4.17 21.43
N VAL D 113 -3.20 3.79 22.12
CA VAL D 113 -4.30 3.03 21.53
C VAL D 113 -5.07 3.88 20.53
N LYS D 114 -5.29 5.15 20.87
CA LYS D 114 -5.96 6.11 19.98
C LYS D 114 -5.21 6.23 18.67
N SER D 115 -3.88 6.34 18.73
CA SER D 115 -3.01 6.43 17.57
C SER D 115 -3.10 5.20 16.67
N GLU D 116 -3.08 4.01 17.28
CA GLU D 116 -3.15 2.74 16.55
C GLU D 116 -4.50 2.57 15.86
N ILE D 117 -5.56 3.02 16.53
CA ILE D 117 -6.92 3.02 15.99
C ILE D 117 -6.96 3.84 14.69
N LYS D 118 -6.44 5.06 14.74
CA LYS D 118 -6.33 5.93 13.56
C LYS D 118 -5.54 5.24 12.43
N ARG D 119 -4.40 4.66 12.78
CA ARG D 119 -3.52 4.00 11.82
C ARG D 119 -4.23 2.81 11.16
N VAL D 120 -4.72 1.89 11.98
CA VAL D 120 -5.24 0.61 11.48
C VAL D 120 -6.54 0.78 10.68
N MET D 121 -7.34 1.79 11.04
CA MET D 121 -8.59 2.11 10.34
C MET D 121 -8.42 3.17 9.26
N ASN D 122 -7.22 3.77 9.21
CA ASN D 122 -6.89 4.87 8.30
C ASN D 122 -7.85 6.06 8.46
N LEU D 123 -7.97 6.54 9.70
CA LEU D 123 -8.76 7.71 10.04
C LEU D 123 -7.89 8.94 9.87
N LYS D 124 -8.41 9.95 9.16
CA LYS D 124 -7.71 11.19 8.86
C LYS D 124 -8.66 12.38 8.97
N SER D 125 -8.10 13.57 9.22
CA SER D 125 -8.87 14.81 9.34
C SER D 125 -9.61 15.18 8.05
N ASP D 126 -8.92 15.02 6.91
CA ASP D 126 -9.44 15.42 5.60
C ASP D 126 -10.44 14.44 4.98
N THR D 127 -10.56 13.25 5.57
CA THR D 127 -11.42 12.18 5.07
C THR D 127 -12.54 11.89 6.07
N GLY D 128 -13.76 11.67 5.55
CA GLY D 128 -14.93 11.42 6.37
C GLY D 128 -14.91 10.03 6.98
N ILE D 129 -15.34 9.93 8.24
CA ILE D 129 -15.49 8.66 8.94
C ILE D 129 -16.94 8.18 8.77
N ASN D 130 -17.17 7.44 7.68
CA ASN D 130 -18.48 6.85 7.38
C ASN D 130 -18.90 5.79 8.39
N THR D 131 -20.19 5.43 8.36
CA THR D 131 -20.82 4.59 9.39
C THR D 131 -20.34 3.13 9.45
N SER D 132 -19.46 2.74 8.52
CA SER D 132 -18.87 1.41 8.49
C SER D 132 -17.73 1.20 9.50
N LYS D 133 -17.18 2.31 10.02
CA LYS D 133 -16.14 2.26 11.05
C LYS D 133 -16.77 2.01 12.42
N LYS D 134 -16.51 0.82 12.97
CA LYS D 134 -17.19 0.30 14.16
C LYS D 134 -16.18 -0.11 15.22
N VAL D 135 -16.51 0.12 16.49
CA VAL D 135 -15.71 -0.32 17.63
C VAL D 135 -16.59 -1.06 18.64
N TYR D 136 -16.28 -2.34 18.84
CA TYR D 136 -16.98 -3.18 19.80
C TYR D 136 -16.26 -3.12 21.15
N LEU D 137 -17.00 -2.75 22.20
CA LEU D 137 -16.51 -2.78 23.57
C LEU D 137 -16.96 -4.07 24.25
N ALA D 138 -16.00 -4.99 24.45
CA ALA D 138 -16.26 -6.26 25.12
C ALA D 138 -16.07 -6.10 26.62
N GLY D 139 -17.18 -5.86 27.33
CA GLY D 139 -17.21 -5.71 28.77
C GLY D 139 -18.13 -4.60 29.22
N GLY D 140 -18.55 -4.65 30.48
CA GLY D 140 -19.38 -3.64 31.10
C GLY D 140 -18.61 -2.39 31.45
N VAL D 141 -19.22 -1.56 32.30
CA VAL D 141 -18.65 -0.27 32.70
C VAL D 141 -17.45 -0.41 33.63
N ASN D 142 -17.37 -1.53 34.36
CA ASN D 142 -16.26 -1.79 35.29
C ASN D 142 -14.97 -2.24 34.63
N SER D 143 -15.05 -2.63 33.34
CA SER D 143 -13.89 -2.99 32.53
C SER D 143 -13.51 -1.85 31.57
N ILE D 144 -14.52 -1.30 30.87
CA ILE D 144 -14.38 -0.17 29.97
C ILE D 144 -15.47 0.87 30.30
N SER D 145 -15.09 1.94 31.01
CA SER D 145 -16.02 2.94 31.51
C SER D 145 -16.73 3.70 30.41
N LYS D 146 -17.81 4.39 30.78
CA LYS D 146 -18.58 5.25 29.88
C LYS D 146 -17.71 6.36 29.30
N ASP D 147 -16.81 6.89 30.13
CA ASP D 147 -15.85 7.92 29.72
C ASP D 147 -15.09 7.55 28.45
N VAL D 148 -14.60 6.31 28.38
CA VAL D 148 -13.87 5.81 27.22
C VAL D 148 -14.79 5.61 26.02
N GLU D 149 -16.00 5.09 26.27
CA GLU D 149 -17.01 4.87 25.23
C GLU D 149 -17.42 6.17 24.54
N ASN D 150 -17.61 7.22 25.35
CA ASN D 150 -17.95 8.56 24.86
C ASN D 150 -16.81 9.20 24.08
N GLU D 151 -15.57 8.95 24.53
CA GLU D 151 -14.37 9.45 23.87
C GLU D 151 -14.20 8.85 22.47
N LEU D 152 -14.56 7.57 22.32
CA LEU D 152 -14.54 6.89 21.04
C LEU D 152 -15.64 7.42 20.11
N LYS D 153 -16.81 7.69 20.68
CA LYS D 153 -17.93 8.31 19.95
C LYS D 153 -17.58 9.71 19.47
N ASN D 154 -16.91 10.48 20.33
CA ASN D 154 -16.47 11.85 20.04
C ASN D 154 -15.52 11.96 18.84
N MET D 155 -14.70 10.93 18.62
CA MET D 155 -13.79 10.85 17.47
C MET D 155 -14.52 10.64 16.14
N GLY D 156 -15.76 10.14 16.22
CA GLY D 156 -16.62 9.97 15.06
C GLY D 156 -16.87 8.52 14.66
N LEU D 157 -16.68 7.61 15.62
CA LEU D 157 -16.80 6.18 15.39
C LEU D 157 -18.09 5.66 16.01
N LYS D 158 -18.71 4.67 15.35
CA LYS D 158 -19.83 3.92 15.91
C LYS D 158 -19.27 2.99 16.98
N VAL D 159 -19.91 3.02 18.16
CA VAL D 159 -19.49 2.23 19.31
C VAL D 159 -20.64 1.37 19.85
N THR D 160 -20.51 0.06 19.66
CA THR D 160 -21.45 -0.94 20.17
C THR D 160 -20.79 -1.63 21.35
N ARG D 161 -21.52 -1.71 22.49
CA ARG D 161 -21.03 -2.35 23.70
C ARG D 161 -21.69 -3.70 23.90
N LEU D 162 -20.87 -4.73 24.07
CA LEU D 162 -21.31 -6.11 24.31
C LEU D 162 -21.01 -6.43 25.78
N SER D 163 -22.05 -6.39 26.62
CA SER D 163 -21.89 -6.53 28.06
C SER D 163 -23.12 -7.09 28.77
N GLY D 164 -22.93 -7.45 30.04
CA GLY D 164 -23.99 -7.90 30.92
C GLY D 164 -23.63 -7.64 32.38
N GLU D 165 -24.51 -8.07 33.29
CA GLU D 165 -24.36 -7.88 34.73
C GLU D 165 -23.11 -8.57 35.32
N ASP D 166 -22.64 -9.63 34.63
CA ASP D 166 -21.49 -10.42 35.05
C ASP D 166 -20.75 -11.01 33.84
N ARG D 167 -19.67 -11.75 34.11
CA ARG D 167 -18.88 -12.43 33.08
C ARG D 167 -19.71 -13.35 32.18
N TYR D 168 -20.68 -14.06 32.77
CA TYR D 168 -21.50 -15.04 32.06
C TYR D 168 -22.42 -14.36 31.04
N GLU D 169 -23.11 -13.30 31.49
CA GLU D 169 -24.02 -12.53 30.64
C GLU D 169 -23.26 -11.78 29.56
N THR D 170 -22.08 -11.27 29.93
CA THR D 170 -21.18 -10.59 29.00
C THR D 170 -20.68 -11.52 27.89
N SER D 171 -20.33 -12.76 28.26
CA SER D 171 -19.87 -13.75 27.29
C SER D 171 -20.96 -14.03 26.24
N LEU D 172 -22.20 -14.17 26.72
CA LEU D 172 -23.36 -14.39 25.86
C LEU D 172 -23.65 -13.20 24.92
N ALA D 173 -23.45 -11.98 25.44
CA ALA D 173 -23.55 -10.78 24.61
C ALA D 173 -22.55 -10.85 23.45
N ILE D 174 -21.30 -11.21 23.76
CA ILE D 174 -20.23 -11.35 22.77
C ILE D 174 -20.52 -12.54 21.84
N ALA D 175 -20.87 -13.68 22.42
CA ALA D 175 -21.20 -14.90 21.67
C ALA D 175 -22.41 -14.70 20.76
N ASP D 176 -23.37 -13.89 21.20
CA ASP D 176 -24.57 -13.58 20.43
C ASP D 176 -24.23 -12.78 19.16
N GLU D 177 -23.29 -11.83 19.30
CA GLU D 177 -22.80 -11.03 18.18
C GLU D 177 -22.06 -11.90 17.15
N ILE D 178 -21.26 -12.86 17.64
CA ILE D 178 -20.53 -13.81 16.79
C ILE D 178 -21.49 -14.71 16.02
N GLY D 179 -22.50 -15.22 16.72
CA GLY D 179 -23.54 -16.05 16.14
C GLY D 179 -23.20 -17.52 16.16
N LEU D 180 -24.20 -18.35 16.53
CA LEU D 180 -24.07 -19.79 16.56
C LEU D 180 -24.67 -20.35 15.27
N ASP D 181 -23.93 -20.16 14.16
CA ASP D 181 -24.40 -20.45 12.80
C ASP D 181 -24.02 -21.84 12.29
N ASN D 182 -22.92 -22.40 12.79
CA ASN D 182 -22.41 -23.69 12.33
C ASN D 182 -22.75 -24.85 13.28
N ASP D 183 -23.79 -24.66 14.11
CA ASP D 183 -24.33 -25.68 14.99
C ASP D 183 -23.31 -26.21 16.00
N LYS D 184 -22.39 -25.33 16.42
CA LYS D 184 -21.26 -25.68 17.26
C LYS D 184 -20.90 -24.50 18.18
N ALA D 185 -20.57 -24.81 19.43
CA ALA D 185 -20.18 -23.81 20.43
C ALA D 185 -19.20 -24.39 21.43
N PHE D 186 -18.34 -23.53 22.00
CA PHE D 186 -17.41 -23.90 23.05
C PHE D 186 -17.92 -23.35 24.37
N VAL D 187 -17.70 -24.11 25.44
CA VAL D 187 -18.11 -23.72 26.78
C VAL D 187 -16.92 -23.83 27.73
N VAL D 188 -16.76 -22.80 28.59
CA VAL D 188 -15.69 -22.75 29.57
C VAL D 188 -16.27 -22.31 30.91
N GLY D 189 -15.63 -22.73 31.99
CA GLY D 189 -15.99 -22.34 33.34
C GLY D 189 -15.62 -20.90 33.62
N GLY D 190 -16.27 -20.30 34.63
CA GLY D 190 -16.01 -18.94 35.05
C GLY D 190 -14.57 -18.67 35.43
N THR D 191 -13.93 -19.64 36.10
CA THR D 191 -12.54 -19.54 36.53
C THR D 191 -11.54 -20.07 35.49
N GLY D 192 -12.06 -20.73 34.45
CA GLY D 192 -11.25 -21.32 33.40
C GLY D 192 -10.79 -20.29 32.38
N LEU D 193 -9.99 -19.33 32.84
CA LEU D 193 -9.49 -18.26 32.00
C LEU D 193 -8.47 -18.80 31.00
N ALA D 194 -7.50 -19.57 31.51
CA ALA D 194 -6.47 -20.21 30.68
C ALA D 194 -7.07 -21.17 29.65
N ASP D 195 -8.16 -21.84 30.03
CA ASP D 195 -8.88 -22.78 29.16
C ASP D 195 -9.52 -22.05 27.98
N ALA D 196 -10.16 -20.91 28.25
CA ALA D 196 -10.72 -20.05 27.21
C ALA D 196 -9.65 -19.55 26.25
N MET D 197 -8.44 -19.34 26.79
CA MET D 197 -7.31 -18.89 25.98
C MET D 197 -6.68 -20.02 25.18
N SER D 198 -6.76 -21.24 25.69
CA SER D 198 -6.30 -22.42 24.97
C SER D 198 -7.15 -22.64 23.72
N ILE D 199 -8.47 -22.43 23.85
CA ILE D 199 -9.43 -22.71 22.78
C ILE D 199 -9.69 -21.50 21.87
N ALA D 200 -9.38 -20.29 22.36
CA ALA D 200 -9.58 -19.05 21.62
C ALA D 200 -9.05 -19.10 20.19
N PRO D 201 -7.81 -19.58 19.94
CA PRO D 201 -7.31 -19.73 18.57
C PRO D 201 -8.18 -20.64 17.70
N VAL D 202 -8.69 -21.72 18.28
CA VAL D 202 -9.52 -22.70 17.56
C VAL D 202 -10.86 -22.06 17.21
N ALA D 203 -11.49 -21.45 18.21
CA ALA D 203 -12.72 -20.66 18.02
C ALA D 203 -12.54 -19.59 16.94
N SER D 204 -11.35 -18.99 16.89
CA SER D 204 -11.00 -17.95 15.92
C SER D 204 -10.78 -18.47 14.49
N GLN D 205 -10.72 -19.79 14.31
CA GLN D 205 -10.60 -20.39 12.97
C GLN D 205 -11.93 -20.22 12.23
N LEU D 206 -11.89 -19.49 11.10
CA LEU D 206 -13.08 -19.18 10.32
C LEU D 206 -13.39 -20.28 9.32
N LYS D 207 -14.69 -20.60 9.19
CA LYS D 207 -15.20 -21.54 8.20
C LYS D 207 -16.37 -20.85 7.49
N ASP D 208 -16.18 -20.57 6.19
CA ASP D 208 -17.10 -19.77 5.38
C ASP D 208 -17.40 -18.41 6.04
N GLY D 209 -16.36 -17.78 6.60
CA GLY D 209 -16.43 -16.46 7.19
C GLY D 209 -16.72 -16.40 8.68
N ASP D 210 -17.44 -17.41 9.19
CA ASP D 210 -17.92 -17.44 10.57
C ASP D 210 -16.92 -18.08 11.52
N ALA D 211 -16.70 -17.42 12.67
CA ALA D 211 -15.99 -17.98 13.80
C ALA D 211 -16.98 -18.76 14.67
N THR D 212 -16.47 -19.53 15.63
CA THR D 212 -17.27 -20.30 16.56
C THR D 212 -17.32 -19.58 17.91
N PRO D 213 -18.50 -19.38 18.52
CA PRO D 213 -18.60 -18.66 19.80
C PRO D 213 -18.09 -19.47 20.98
N ILE D 214 -17.68 -18.75 22.03
CA ILE D 214 -17.31 -19.32 23.31
C ILE D 214 -18.25 -18.72 24.35
N VAL D 215 -18.81 -19.58 25.20
CA VAL D 215 -19.73 -19.17 26.26
C VAL D 215 -19.14 -19.55 27.61
N VAL D 216 -19.16 -18.60 28.54
CA VAL D 216 -18.76 -18.83 29.92
C VAL D 216 -20.01 -19.19 30.73
N VAL D 217 -19.93 -20.27 31.52
CA VAL D 217 -21.02 -20.74 32.37
C VAL D 217 -20.54 -20.89 33.81
N ASP D 218 -21.48 -20.81 34.77
CA ASP D 218 -21.17 -21.05 36.17
C ASP D 218 -20.89 -22.54 36.37
N GLY D 219 -19.60 -22.86 36.56
CA GLY D 219 -19.13 -24.23 36.60
C GLY D 219 -19.50 -25.03 37.84
N LYS D 220 -19.89 -24.34 38.92
CA LYS D 220 -20.26 -24.98 40.18
C LYS D 220 -21.76 -24.91 40.48
N ALA D 221 -22.54 -24.38 39.53
CA ALA D 221 -23.99 -24.30 39.66
C ALA D 221 -24.65 -25.64 39.36
N LYS D 222 -25.91 -25.78 39.78
CA LYS D 222 -26.73 -26.96 39.51
C LYS D 222 -27.12 -27.05 38.03
N GLU D 223 -27.40 -25.89 37.44
CA GLU D 223 -27.78 -25.75 36.04
C GLU D 223 -27.12 -24.51 35.46
N ILE D 224 -26.98 -24.45 34.14
CA ILE D 224 -26.57 -23.24 33.45
C ILE D 224 -27.80 -22.34 33.32
N SER D 225 -27.57 -21.07 32.97
CA SER D 225 -28.61 -20.06 32.89
C SER D 225 -29.61 -20.32 31.77
N ASP D 226 -30.83 -19.77 31.93
CA ASP D 226 -31.86 -19.77 30.89
C ASP D 226 -31.37 -19.11 29.60
N ASP D 227 -30.57 -18.04 29.76
CA ASP D 227 -29.98 -17.30 28.65
C ASP D 227 -28.97 -18.15 27.88
N ALA D 228 -28.14 -18.90 28.63
CA ALA D 228 -27.19 -19.84 28.05
C ALA D 228 -27.91 -20.95 27.29
N LYS D 229 -28.92 -21.54 27.93
CA LYS D 229 -29.74 -22.60 27.33
C LYS D 229 -30.41 -22.12 26.04
N SER D 230 -30.97 -20.91 26.10
CA SER D 230 -31.64 -20.30 24.95
C SER D 230 -30.67 -20.05 23.80
N PHE D 231 -29.50 -19.49 24.12
CA PHE D 231 -28.44 -19.25 23.14
C PHE D 231 -27.92 -20.55 22.54
N LEU D 232 -27.60 -21.53 23.40
CA LEU D 232 -26.99 -22.79 22.98
C LEU D 232 -27.92 -23.67 22.15
N GLY D 233 -29.24 -23.49 22.34
CA GLY D 233 -30.26 -24.17 21.56
C GLY D 233 -30.03 -25.67 21.53
N THR D 234 -29.82 -26.20 20.31
CA THR D 234 -29.61 -27.64 20.08
C THR D 234 -28.30 -27.89 19.33
N SER D 235 -27.21 -27.30 19.85
CA SER D 235 -25.91 -27.34 19.20
C SER D 235 -24.95 -28.29 19.90
N ASP D 236 -23.94 -28.75 19.15
CA ASP D 236 -22.84 -29.52 19.70
C ASP D 236 -22.00 -28.59 20.56
N VAL D 237 -21.63 -29.07 21.75
CA VAL D 237 -20.81 -28.32 22.68
C VAL D 237 -19.54 -29.10 23.01
N ASP D 238 -18.40 -28.41 22.98
CA ASP D 238 -17.14 -28.92 23.48
C ASP D 238 -16.81 -28.12 24.74
N ILE D 239 -16.82 -28.80 25.89
CA ILE D 239 -16.43 -28.21 27.16
C ILE D 239 -14.92 -28.25 27.25
N ILE D 240 -14.31 -27.10 27.57
CA ILE D 240 -12.87 -26.98 27.77
C ILE D 240 -12.61 -26.80 29.26
N GLY D 241 -11.83 -27.73 29.84
CA GLY D 241 -11.46 -27.72 31.24
C GLY D 241 -12.00 -28.92 31.99
N GLY D 242 -11.42 -29.20 33.16
CA GLY D 242 -11.78 -30.34 33.99
C GLY D 242 -13.00 -30.10 34.87
N LYS D 243 -13.28 -31.05 35.77
CA LYS D 243 -14.43 -31.01 36.68
C LYS D 243 -14.41 -29.75 37.56
N ASN D 244 -13.19 -29.36 37.99
CA ASN D 244 -12.99 -28.21 38.87
C ASN D 244 -13.26 -26.86 38.20
N SER D 245 -13.35 -26.85 36.87
CA SER D 245 -13.72 -25.66 36.11
C SER D 245 -15.20 -25.70 35.71
N VAL D 246 -15.65 -26.86 35.20
CA VAL D 246 -17.02 -27.10 34.80
C VAL D 246 -17.45 -28.46 35.34
N SER D 247 -18.33 -28.46 36.34
CA SER D 247 -18.70 -29.68 37.08
C SER D 247 -19.44 -30.70 36.21
N LYS D 248 -19.65 -31.88 36.78
CA LYS D 248 -20.40 -32.98 36.17
C LYS D 248 -21.85 -32.53 35.98
N GLU D 249 -22.37 -31.79 36.97
CA GLU D 249 -23.73 -31.24 36.95
C GLU D 249 -23.97 -30.36 35.73
N ILE D 250 -23.01 -29.48 35.43
CA ILE D 250 -23.11 -28.55 34.31
C ILE D 250 -23.08 -29.28 32.98
N GLU D 251 -22.26 -30.34 32.90
CA GLU D 251 -22.17 -31.15 31.69
C GLU D 251 -23.53 -31.77 31.37
N GLU D 252 -24.16 -32.37 32.39
CA GLU D 252 -25.51 -32.93 32.30
C GLU D 252 -26.53 -31.85 31.87
N SER D 253 -26.49 -30.71 32.55
CA SER D 253 -27.32 -29.55 32.23
C SER D 253 -27.26 -29.19 30.74
N ILE D 254 -26.04 -29.10 30.20
CA ILE D 254 -25.83 -28.80 28.78
C ILE D 254 -26.32 -29.94 27.89
N ASP D 255 -26.08 -31.18 28.33
CA ASP D 255 -26.58 -32.38 27.66
C ASP D 255 -28.10 -32.30 27.51
N SER D 256 -28.80 -32.05 28.64
CA SER D 256 -30.26 -31.99 28.69
C SER D 256 -30.84 -30.91 27.79
N ALA D 257 -30.26 -29.70 27.87
CA ALA D 257 -30.74 -28.53 27.15
C ALA D 257 -30.61 -28.70 25.64
N THR D 258 -29.39 -29.06 25.20
CA THR D 258 -29.07 -29.25 23.79
C THR D 258 -29.65 -30.54 23.20
N GLY D 259 -29.79 -31.56 24.04
CA GLY D 259 -30.19 -32.88 23.61
C GLY D 259 -29.08 -33.67 22.92
N LYS D 260 -27.86 -33.10 22.91
CA LYS D 260 -26.69 -33.71 22.29
C LYS D 260 -25.59 -33.85 23.33
N THR D 261 -24.85 -34.96 23.27
CA THR D 261 -23.83 -35.29 24.26
C THR D 261 -22.61 -34.40 24.07
N PRO D 262 -22.31 -33.49 25.02
CA PRO D 262 -21.16 -32.58 24.87
C PRO D 262 -19.83 -33.31 25.04
N ASP D 263 -18.82 -32.92 24.24
CA ASP D 263 -17.45 -33.39 24.39
C ASP D 263 -16.75 -32.65 25.51
N ARG D 264 -15.62 -33.19 25.96
CA ARG D 264 -14.80 -32.58 27.00
C ARG D 264 -13.31 -32.71 26.68
N ILE D 265 -12.67 -31.57 26.42
CA ILE D 265 -11.22 -31.47 26.19
C ILE D 265 -10.61 -30.84 27.44
N SER D 266 -9.82 -31.62 28.17
CA SER D 266 -9.35 -31.23 29.50
C SER D 266 -8.14 -31.99 29.98
N GLY D 267 -7.50 -31.45 31.02
CA GLY D 267 -6.38 -32.08 31.71
C GLY D 267 -6.43 -31.75 33.19
N ASP D 268 -5.39 -32.16 33.92
CA ASP D 268 -5.34 -31.98 35.38
C ASP D 268 -5.03 -30.54 35.76
N ASP D 269 -4.38 -29.80 34.83
CA ASP D 269 -4.06 -28.38 35.00
C ASP D 269 -4.23 -27.64 33.67
N ARG D 270 -3.99 -26.32 33.68
CA ARG D 270 -4.16 -25.47 32.51
C ARG D 270 -3.26 -25.83 31.34
N GLN D 271 -2.00 -26.19 31.63
CA GLN D 271 -1.02 -26.56 30.61
C GLN D 271 -1.37 -27.89 29.95
N ALA D 272 -1.92 -28.83 30.73
CA ALA D 272 -2.41 -30.11 30.24
C ALA D 272 -3.60 -29.91 29.30
N THR D 273 -4.57 -29.09 29.74
CA THR D 273 -5.71 -28.72 28.92
C THR D 273 -5.29 -28.05 27.61
N ASN D 274 -4.25 -27.20 27.67
CA ASN D 274 -3.70 -26.53 26.49
C ASN D 274 -3.16 -27.54 25.50
N ALA D 275 -2.40 -28.51 26.02
CA ALA D 275 -1.87 -29.63 25.25
C ALA D 275 -2.98 -30.44 24.58
N GLU D 276 -4.05 -30.73 25.33
CA GLU D 276 -5.20 -31.48 24.82
C GLU D 276 -5.91 -30.80 23.65
N VAL D 277 -6.01 -29.46 23.70
CA VAL D 277 -6.57 -28.68 22.59
C VAL D 277 -5.81 -28.97 21.30
N LEU D 278 -4.47 -28.96 21.40
CA LEU D 278 -3.60 -29.25 20.27
C LEU D 278 -3.74 -30.71 19.79
N LYS D 279 -3.77 -31.64 20.76
CA LYS D 279 -3.92 -33.07 20.47
C LYS D 279 -5.27 -33.42 19.81
N GLU D 280 -6.30 -32.62 20.11
CA GLU D 280 -7.66 -32.84 19.58
C GLU D 280 -7.70 -32.69 18.06
N ASP D 281 -8.03 -33.80 17.38
CA ASP D 281 -7.99 -33.89 15.91
C ASP D 281 -8.97 -32.95 15.18
N ASP D 282 -10.09 -32.62 15.85
CA ASP D 282 -11.09 -31.69 15.31
C ASP D 282 -10.52 -30.28 15.11
N TYR D 283 -9.59 -29.89 15.98
CA TYR D 283 -9.02 -28.55 15.99
C TYR D 283 -7.72 -28.43 15.17
N PHE D 284 -6.91 -29.50 15.20
CA PHE D 284 -5.61 -29.56 14.51
C PHE D 284 -5.33 -30.96 13.99
N THR D 285 -4.67 -31.03 12.83
CA THR D 285 -4.31 -32.29 12.17
C THR D 285 -2.84 -32.63 12.48
N ASP D 286 -2.58 -33.92 12.78
CA ASP D 286 -1.24 -34.41 13.10
C ASP D 286 -0.29 -34.24 11.92
N GLY D 287 0.90 -33.71 12.20
CA GLY D 287 1.93 -33.50 11.20
C GLY D 287 1.59 -32.46 10.14
N GLU D 288 0.67 -31.55 10.47
CA GLU D 288 0.26 -30.47 9.56
C GLU D 288 0.17 -29.09 10.21
N VAL D 289 0.63 -28.98 11.46
CA VAL D 289 0.65 -27.70 12.17
C VAL D 289 2.10 -27.21 12.25
N VAL D 290 2.37 -26.17 11.47
CA VAL D 290 3.70 -25.61 11.28
C VAL D 290 3.88 -24.25 11.95
N ASN D 291 2.78 -23.48 12.06
CA ASN D 291 2.77 -22.15 12.67
C ASN D 291 2.34 -22.26 14.13
N TYR D 292 3.10 -21.61 15.03
CA TYR D 292 2.89 -21.68 16.47
C TYR D 292 3.02 -20.30 17.13
N PHE D 293 2.14 -20.04 18.09
CA PHE D 293 2.21 -18.87 18.96
C PHE D 293 2.50 -19.33 20.38
N VAL D 294 3.22 -18.52 21.15
CA VAL D 294 3.53 -18.79 22.54
C VAL D 294 3.20 -17.54 23.36
N ALA D 295 2.54 -17.76 24.51
CA ALA D 295 2.18 -16.71 25.44
C ALA D 295 2.19 -17.26 26.85
N LYS D 296 2.19 -16.35 27.83
CA LYS D 296 2.21 -16.70 29.24
C LYS D 296 0.92 -17.44 29.64
N ASP D 297 1.03 -18.31 30.64
CA ASP D 297 -0.07 -19.19 31.06
C ASP D 297 -0.97 -18.54 32.11
N GLY D 298 -0.45 -17.52 32.81
CA GLY D 298 -1.19 -16.78 33.81
C GLY D 298 -1.14 -17.41 35.20
N SER D 299 -0.14 -18.27 35.43
CA SER D 299 0.05 -18.94 36.71
C SER D 299 0.49 -17.95 37.78
N THR D 300 1.38 -17.03 37.38
CA THR D 300 1.90 -15.98 38.25
C THR D 300 0.82 -14.92 38.53
N LYS D 301 0.17 -14.45 37.45
CA LYS D 301 -1.01 -13.58 37.55
C LYS D 301 -1.97 -13.85 36.39
N GLU D 302 -3.26 -13.95 36.72
CA GLU D 302 -4.31 -14.36 35.77
C GLU D 302 -4.53 -13.35 34.64
N ASP D 303 -4.43 -12.06 34.96
CA ASP D 303 -4.66 -10.98 34.00
C ASP D 303 -3.61 -10.92 32.88
N GLN D 304 -2.47 -11.60 33.08
CA GLN D 304 -1.40 -11.66 32.09
C GLN D 304 -1.70 -12.58 30.90
N LEU D 305 -2.93 -13.11 30.84
CA LEU D 305 -3.42 -13.90 29.71
C LEU D 305 -4.00 -13.04 28.59
N VAL D 306 -4.00 -11.71 28.78
CA VAL D 306 -4.49 -10.76 27.77
C VAL D 306 -3.64 -10.76 26.49
N ASP D 307 -2.36 -11.14 26.62
CA ASP D 307 -1.47 -11.29 25.48
C ASP D 307 -2.00 -12.37 24.54
N ALA D 308 -2.40 -13.51 25.12
CA ALA D 308 -3.01 -14.61 24.38
C ALA D 308 -4.35 -14.20 23.75
N LEU D 309 -5.11 -13.37 24.48
CA LEU D 309 -6.40 -12.85 24.02
C LEU D 309 -6.24 -12.07 22.73
N ALA D 310 -5.28 -11.14 22.72
CA ALA D 310 -4.99 -10.30 21.57
C ALA D 310 -4.41 -11.09 20.39
N ALA D 311 -3.66 -12.16 20.70
CA ALA D 311 -2.96 -12.97 19.71
C ALA D 311 -3.85 -14.01 19.05
N ALA D 312 -4.82 -14.52 19.81
CA ALA D 312 -5.66 -15.65 19.38
C ALA D 312 -6.37 -15.49 18.04
N PRO D 313 -6.96 -14.32 17.73
CA PRO D 313 -7.59 -14.12 16.42
C PRO D 313 -6.58 -14.30 15.29
N ILE D 314 -5.40 -13.70 15.44
CA ILE D 314 -4.33 -13.77 14.46
C ILE D 314 -3.87 -15.22 14.26
N ALA D 315 -3.72 -15.94 15.39
CA ALA D 315 -3.35 -17.36 15.38
C ALA D 315 -4.36 -18.20 14.60
N GLY D 316 -5.65 -17.92 14.81
CA GLY D 316 -6.73 -18.58 14.10
C GLY D 316 -6.72 -18.36 12.60
N ARG D 317 -6.35 -17.15 12.17
CA ARG D 317 -6.32 -16.76 10.76
C ARG D 317 -4.92 -16.79 10.12
N PHE D 318 -3.90 -17.13 10.92
CA PHE D 318 -2.50 -17.08 10.50
C PHE D 318 -2.23 -17.81 9.17
N LYS D 319 -1.59 -17.10 8.23
CA LYS D 319 -1.20 -17.62 6.92
C LYS D 319 -2.28 -18.51 6.27
N GLU D 320 -1.91 -19.74 5.90
CA GLU D 320 -2.83 -20.73 5.34
C GLU D 320 -2.83 -22.00 6.19
N SER D 321 -2.46 -21.86 7.46
CA SER D 321 -2.38 -22.95 8.42
C SER D 321 -2.59 -22.38 9.82
N PRO D 322 -3.78 -22.57 10.43
CA PRO D 322 -4.04 -22.08 11.79
C PRO D 322 -2.99 -22.53 12.79
N ALA D 323 -2.71 -21.65 13.77
CA ALA D 323 -1.73 -21.90 14.82
C ALA D 323 -2.42 -22.03 16.17
N PRO D 324 -1.92 -22.89 17.07
CA PRO D 324 -2.37 -22.89 18.46
C PRO D 324 -1.60 -21.85 19.23
N ILE D 325 -1.99 -21.67 20.50
CA ILE D 325 -1.20 -20.91 21.45
C ILE D 325 -0.76 -21.87 22.54
N ILE D 326 0.56 -21.96 22.75
CA ILE D 326 1.12 -22.73 23.85
C ILE D 326 1.25 -21.79 25.05
N LEU D 327 0.62 -22.18 26.17
CA LEU D 327 0.60 -21.38 27.39
C LEU D 327 1.73 -21.80 28.33
N ALA D 328 2.71 -20.92 28.49
CA ALA D 328 3.91 -21.20 29.27
C ALA D 328 4.68 -19.93 29.60
N THR D 329 4.79 -19.62 30.90
CA THR D 329 5.54 -18.48 31.39
C THR D 329 7.00 -18.86 31.63
N ASP D 330 7.22 -19.77 32.59
CA ASP D 330 8.54 -20.20 33.02
C ASP D 330 8.98 -21.52 32.39
N THR D 331 8.02 -22.45 32.21
CA THR D 331 8.30 -23.81 31.78
C THR D 331 7.14 -24.43 31.00
N LEU D 332 7.47 -25.18 29.95
CA LEU D 332 6.54 -26.09 29.26
C LEU D 332 6.27 -27.33 30.12
N SER D 333 5.02 -27.79 30.11
CA SER D 333 4.63 -29.06 30.73
C SER D 333 5.08 -30.21 29.85
N SER D 334 5.12 -31.40 30.44
CA SER D 334 5.46 -32.63 29.71
C SER D 334 4.46 -32.91 28.61
N ASP D 335 3.17 -32.66 28.90
CA ASP D 335 2.07 -32.85 27.98
C ASP D 335 2.19 -31.97 26.74
N GLN D 336 2.61 -30.71 26.94
CA GLN D 336 2.82 -29.76 25.86
C GLN D 336 3.94 -30.21 24.92
N ASN D 337 5.09 -30.58 25.51
CA ASN D 337 6.23 -31.11 24.75
C ASN D 337 5.80 -32.22 23.80
N VAL D 338 5.06 -33.20 24.34
CA VAL D 338 4.52 -34.30 23.58
C VAL D 338 3.59 -33.78 22.48
N ALA D 339 2.63 -32.95 22.87
CA ALA D 339 1.60 -32.41 21.98
C ALA D 339 2.22 -31.81 20.71
N VAL D 340 3.18 -30.91 20.89
CA VAL D 340 3.85 -30.24 19.78
C VAL D 340 4.59 -31.26 18.90
N SER D 341 5.28 -32.20 19.55
CA SER D 341 6.04 -33.26 18.88
C SER D 341 5.21 -34.02 17.86
N LYS D 342 3.97 -34.36 18.25
CA LYS D 342 3.03 -35.09 17.40
C LYS D 342 2.35 -34.18 16.39
N ALA D 343 2.21 -32.90 16.74
CA ALA D 343 1.58 -31.89 15.91
C ALA D 343 2.44 -31.50 14.70
N VAL D 344 3.71 -31.17 14.99
CA VAL D 344 4.68 -30.71 13.98
C VAL D 344 5.01 -31.80 12.95
N PRO D 345 5.19 -31.46 11.65
CA PRO D 345 5.63 -32.43 10.66
C PRO D 345 7.09 -32.90 10.85
N LYS D 346 7.50 -33.86 10.01
CA LYS D 346 8.86 -34.35 9.96
C LYS D 346 9.85 -33.22 9.67
N ASP D 347 9.47 -32.33 8.74
CA ASP D 347 10.27 -31.17 8.34
C ASP D 347 10.52 -30.17 9.48
N GLY D 348 9.55 -30.07 10.40
CA GLY D 348 9.59 -29.12 11.49
C GLY D 348 8.66 -27.93 11.27
N GLY D 349 8.71 -26.97 12.20
CA GLY D 349 7.90 -25.76 12.14
C GLY D 349 8.44 -24.74 11.16
N THR D 350 7.55 -23.84 10.71
CA THR D 350 7.89 -22.77 9.77
C THR D 350 7.67 -21.35 10.31
N ASN D 351 7.03 -21.24 11.48
CA ASN D 351 6.73 -19.96 12.13
C ASN D 351 6.54 -20.11 13.63
N LEU D 352 7.20 -19.24 14.40
CA LEU D 352 7.08 -19.22 15.85
C LEU D 352 6.99 -17.76 16.29
N VAL D 353 5.89 -17.41 16.94
CA VAL D 353 5.61 -16.04 17.36
C VAL D 353 5.47 -15.99 18.88
N GLN D 354 6.49 -15.45 19.55
CA GLN D 354 6.43 -15.17 20.98
C GLN D 354 5.67 -13.87 21.18
N VAL D 355 4.65 -13.91 22.05
CA VAL D 355 3.81 -12.75 22.34
C VAL D 355 3.97 -12.32 23.78
N GLY D 356 4.54 -11.12 23.99
CA GLY D 356 4.76 -10.55 25.30
C GLY D 356 6.18 -10.77 25.81
N LYS D 357 6.51 -10.11 26.93
CA LYS D 357 7.88 -10.07 27.47
C LYS D 357 8.34 -11.26 28.33
N GLY D 358 7.67 -11.49 29.45
CA GLY D 358 8.19 -12.31 30.55
C GLY D 358 8.19 -13.82 30.38
N ILE D 359 8.24 -14.29 29.13
CA ILE D 359 8.33 -15.70 28.80
C ILE D 359 9.79 -16.10 28.87
N ALA D 360 10.08 -17.11 29.71
CA ALA D 360 11.44 -17.57 29.97
C ALA D 360 12.10 -18.12 28.70
N SER D 361 13.43 -18.04 28.66
CA SER D 361 14.22 -18.40 27.49
C SER D 361 14.17 -19.90 27.19
N SER D 362 14.21 -20.72 28.25
CA SER D 362 14.13 -22.18 28.14
C SER D 362 12.90 -22.60 27.32
N VAL D 363 11.77 -21.93 27.57
CA VAL D 363 10.50 -22.15 26.85
C VAL D 363 10.66 -22.02 25.34
N ILE D 364 11.20 -20.88 24.89
CA ILE D 364 11.38 -20.61 23.46
C ILE D 364 12.39 -21.59 22.87
N ASN D 365 13.48 -21.84 23.62
CA ASN D 365 14.49 -22.80 23.23
C ASN D 365 13.91 -24.19 23.03
N LYS D 366 13.14 -24.66 24.03
CA LYS D 366 12.42 -25.93 23.94
C LYS D 366 11.54 -25.99 22.70
N MET D 367 10.76 -24.92 22.46
CA MET D 367 9.90 -24.82 21.28
C MET D 367 10.70 -24.89 20.00
N LYS D 368 11.82 -24.15 19.95
CA LYS D 368 12.74 -24.19 18.81
C LYS D 368 13.30 -25.59 18.55
N ASP D 369 13.61 -26.32 19.62
CA ASP D 369 14.07 -27.71 19.51
C ASP D 369 12.98 -28.62 18.94
N LEU D 370 11.78 -28.56 19.55
CA LEU D 370 10.63 -29.38 19.17
C LEU D 370 10.21 -29.15 17.72
N LEU D 371 10.31 -27.91 17.26
CA LEU D 371 9.97 -27.52 15.88
C LEU D 371 11.15 -27.62 14.91
N ASP D 372 12.32 -28.03 15.42
CA ASP D 372 13.59 -28.04 14.69
C ASP D 372 13.88 -26.65 14.09
N MET D 373 14.10 -25.69 14.98
CA MET D 373 14.42 -24.31 14.66
C MET D 373 15.59 -23.84 15.52
S SO4 E . -41.41 11.21 -3.17
O1 SO4 E . -40.02 10.99 -2.88
O2 SO4 E . -42.09 9.95 -3.24
O3 SO4 E . -41.98 12.02 -2.13
O4 SO4 E . -41.52 11.89 -4.43
S SO4 F . 8.84 17.24 -8.00
O1 SO4 F . 10.06 17.99 -7.90
O2 SO4 F . 8.92 16.06 -7.17
O3 SO4 F . 7.74 18.07 -7.55
O4 SO4 F . 8.62 16.85 -9.37
S SO4 G . 36.06 -18.95 -22.49
O1 SO4 G . 36.20 -20.21 -21.80
O2 SO4 G . 37.26 -18.67 -23.22
O3 SO4 G . 35.81 -17.90 -21.54
O4 SO4 G . 34.95 -19.04 -23.41
#